data_5ENR
#
_entry.id   5ENR
#
_cell.length_a   109.070
_cell.length_b   145.492
_cell.length_c   174.241
_cell.angle_alpha   90.00
_cell.angle_beta   90.00
_cell.angle_gamma   90.00
#
_symmetry.space_group_name_H-M   'P 21 21 21'
#
loop_
_entity.id
_entity.type
_entity.pdbx_description
1 polymer 'Multidrug efflux pump subunit AcrB,Multidrug efflux pump subunit AcrB'
2 polymer DARPin
3 non-polymer ~{N}-[4-[2-[[5-cyano-8-[(2~{S},6~{S})-2,6-dimethylmorpholin-4-yl]-3,3-dimethyl-1,4-dihydropyrano[3,4-c]pyridin-6-yl]sulfanyl]ethyl]phenyl]prop-2-enamide
4 water water
#
loop_
_entity_poly.entity_id
_entity_poly.type
_entity_poly.pdbx_seq_one_letter_code
_entity_poly.pdbx_strand_id
1 'polypeptide(L)'
;APPAVTISASYPGADAKTVQDTVTQVIEQNMNGIDNLMYMSSNSDSTGTVQITLTFESGTDADIAQVQVQNKLQLAMPLL
PQEVQQQGVSVEKSSSSFLMVVGVINTDGTMTQEDISDYVAANMKDAISRTSGVGDVQLFGSQYAMRIWMNPNELNKFQL
TPVDVITAIKAQNAQVAAGQLGGTPPVKGQQLNASIIAQTRLTSTEEFGKILLKVNQDGSRVLLRDVAKIELGGENYDII
AEFNGQPASGLGIKLATGANALDTAAAIRAELAKMEPFFPSGLKIVYPYDTGGSGGSGGSSSFLPDEDQGVFMTMVQLPA
GATQERTQKVLNEVTHYYLTKEKNNVESVFAVNGFGFAGRGQNTGIAFVSLKDWADRPGEENKVEAITMRATRAFSQIKD
AMVFAFNLPAIVELGTATGFDFELIDQAGLGHEKLTQARNQLLAEAAKHPDMLTSVRPNGLEDTPQFKIDIDQEKAQALG
VSINDINTTLGAAWGGSYVNDFIDRGRVKKVYVMSEAKYRMLPDDIGDWYVRAADGQMVPFSAFSSSRWEYGSPRLERYN
GLPSMEILGQAAPGKSTGEAMELMEQLASKLPTGVGYDWTGMSYQERLS
;
A,B,C
2 'polypeptide(L)'
;MRGSHHHHHHGSDLGKKLLEAARAGRDDEVRILMANGADVNAADVVGWTPLHLAAYWGHLEIVEVLLKNGADVNAYDTLG
STPLHLAAHFGHLEIVEVLLKNGADVNAKDDNGITPLHLAANRGHLEIVEVLLKYGADVNAQDKFGKTAFDISINNGNED
LAEILQKLN
;
D,E,F
#
# COMPACT_ATOMS: atom_id res chain seq x y z
N ALA A 1 -35.22 -9.74 -2.42
CA ALA A 1 -34.04 -10.28 -1.68
C ALA A 1 -33.33 -9.18 -0.87
N PRO A 2 -32.67 -9.56 0.25
CA PRO A 2 -31.91 -8.57 1.03
C PRO A 2 -30.59 -8.17 0.32
N PRO A 3 -30.12 -6.94 0.55
CA PRO A 3 -28.95 -6.45 -0.13
C PRO A 3 -27.64 -7.12 0.32
N ALA A 4 -26.78 -7.35 -0.66
CA ALA A 4 -25.51 -8.01 -0.48
C ALA A 4 -24.41 -7.15 -1.02
N VAL A 5 -23.36 -6.99 -0.21
CA VAL A 5 -22.07 -6.48 -0.66
C VAL A 5 -21.14 -7.65 -0.85
N THR A 6 -20.34 -7.59 -1.93
CA THR A 6 -19.42 -8.67 -2.28
C THR A 6 -17.95 -8.19 -2.37
N ILE A 7 -17.00 -8.93 -1.77
CA ILE A 7 -15.59 -8.64 -1.92
C ILE A 7 -15.00 -9.72 -2.74
N SER A 8 -14.20 -9.35 -3.73
CA SER A 8 -13.55 -10.33 -4.58
C SER A 8 -12.09 -10.04 -4.71
N ALA A 9 -11.30 -11.09 -4.73
CA ALA A 9 -9.88 -10.98 -4.85
C ALA A 9 -9.38 -12.10 -5.67
N SER A 10 -8.15 -11.99 -6.11
CA SER A 10 -7.61 -13.01 -7.04
C SER A 10 -6.16 -13.25 -6.71
N TYR A 11 -5.73 -14.50 -6.71
CA TYR A 11 -4.33 -14.89 -6.40
C TYR A 11 -3.95 -15.92 -7.44
N PRO A 12 -3.31 -15.49 -8.57
CA PRO A 12 -3.08 -16.42 -9.70
C PRO A 12 -2.21 -17.58 -9.29
N GLY A 13 -2.70 -18.80 -9.56
CA GLY A 13 -1.92 -20.01 -9.26
C GLY A 13 -2.02 -20.49 -7.81
N ALA A 14 -2.82 -19.82 -6.99
CA ALA A 14 -3.02 -20.27 -5.63
C ALA A 14 -4.11 -21.35 -5.54
N ASP A 15 -3.81 -22.35 -4.70
CA ASP A 15 -4.81 -23.37 -4.30
C ASP A 15 -5.77 -22.78 -3.26
N ALA A 16 -6.84 -23.52 -2.97
CA ALA A 16 -7.93 -23.00 -2.11
C ALA A 16 -7.49 -22.67 -0.69
N LYS A 17 -6.61 -23.50 -0.16
CA LYS A 17 -6.15 -23.35 1.21
C LYS A 17 -5.21 -22.11 1.37
N THR A 18 -4.29 -21.95 0.44
CA THR A 18 -3.49 -20.75 0.34
C THR A 18 -4.40 -19.52 0.24
N VAL A 19 -5.47 -19.58 -0.55
CA VAL A 19 -6.35 -18.39 -0.68
C VAL A 19 -7.01 -18.10 0.68
N GLN A 20 -7.55 -19.15 1.29
CA GLN A 20 -8.26 -19.05 2.56
C GLN A 20 -7.36 -18.43 3.66
N ASP A 21 -6.16 -19.01 3.80
CA ASP A 21 -5.27 -18.64 4.88
C ASP A 21 -4.36 -17.41 4.63
N THR A 22 -4.19 -16.97 3.39
CA THR A 22 -3.43 -15.71 3.16
C THR A 22 -4.34 -14.53 2.84
N VAL A 23 -5.60 -14.80 2.49
CA VAL A 23 -6.49 -13.72 2.03
C VAL A 23 -7.78 -13.77 2.80
N THR A 24 -8.56 -14.83 2.65
CA THR A 24 -9.89 -14.81 3.18
C THR A 24 -9.96 -14.61 4.72
N GLN A 25 -9.19 -15.37 5.49
CA GLN A 25 -9.22 -15.20 6.94
C GLN A 25 -8.82 -13.85 7.39
N VAL A 26 -7.80 -13.30 6.75
CA VAL A 26 -7.29 -11.97 7.11
C VAL A 26 -8.36 -10.86 6.91
N ILE A 27 -9.08 -10.91 5.79
CA ILE A 27 -10.19 -10.02 5.60
C ILE A 27 -11.36 -10.32 6.57
N GLU A 28 -11.76 -11.57 6.63
CA GLU A 28 -12.87 -11.95 7.49
C GLU A 28 -12.69 -11.49 8.92
N GLN A 29 -11.50 -11.62 9.51
CA GLN A 29 -11.29 -11.14 10.90
C GLN A 29 -11.60 -9.65 11.16
N ASN A 30 -11.65 -8.81 10.13
CA ASN A 30 -12.04 -7.40 10.28
C ASN A 30 -13.52 -7.14 10.02
N MET A 31 -14.27 -8.17 9.61
CA MET A 31 -15.66 -7.94 9.27
C MET A 31 -16.62 -7.98 10.47
N ASN A 32 -16.51 -6.97 11.31
CA ASN A 32 -17.35 -6.83 12.48
C ASN A 32 -17.46 -5.32 12.76
N GLY A 33 -18.46 -4.92 13.55
CA GLY A 33 -18.76 -3.49 13.75
C GLY A 33 -19.28 -2.83 12.48
N ILE A 34 -20.02 -3.60 11.70
CA ILE A 34 -20.68 -3.18 10.47
C ILE A 34 -22.18 -3.23 10.77
N ASP A 35 -22.89 -2.14 10.46
CA ASP A 35 -24.30 -1.98 10.79
C ASP A 35 -25.24 -2.81 9.92
N ASN A 36 -26.26 -3.39 10.56
CA ASN A 36 -27.34 -4.16 9.89
C ASN A 36 -26.83 -5.39 9.15
N LEU A 37 -25.70 -5.93 9.58
CA LEU A 37 -25.18 -7.15 9.05
C LEU A 37 -25.91 -8.37 9.60
N MET A 38 -26.42 -9.21 8.72
CA MET A 38 -27.11 -10.41 9.08
C MET A 38 -26.16 -11.57 9.17
N TYR A 39 -25.38 -11.77 8.12
CA TYR A 39 -24.43 -12.87 8.07
C TYR A 39 -23.42 -12.65 6.98
N MET A 40 -22.34 -13.42 7.06
CA MET A 40 -21.25 -13.33 6.14
C MET A 40 -20.91 -14.74 5.64
N SER A 41 -20.71 -14.92 4.34
CA SER A 41 -20.16 -16.21 3.83
C SER A 41 -18.99 -16.03 2.84
N SER A 42 -18.30 -17.11 2.53
CA SER A 42 -17.23 -17.02 1.57
C SER A 42 -16.86 -18.37 0.99
N ASN A 43 -16.28 -18.32 -0.20
CA ASN A 43 -15.63 -19.42 -0.88
C ASN A 43 -14.23 -18.99 -1.21
N SER A 44 -13.30 -19.92 -0.98
CA SER A 44 -11.94 -19.78 -1.40
C SER A 44 -11.67 -20.95 -2.29
N ASP A 45 -11.28 -20.72 -3.53
CA ASP A 45 -11.24 -21.73 -4.61
C ASP A 45 -9.84 -22.00 -5.09
N SER A 46 -9.66 -23.13 -5.73
CA SER A 46 -8.36 -23.49 -6.32
C SER A 46 -8.18 -22.87 -7.71
N THR A 47 -9.13 -22.05 -8.14
CA THR A 47 -8.90 -21.15 -9.30
C THR A 47 -8.15 -19.88 -8.90
N GLY A 48 -7.80 -19.76 -7.62
CA GLY A 48 -7.09 -18.61 -7.09
C GLY A 48 -8.03 -17.49 -6.69
N THR A 49 -9.31 -17.78 -6.55
CA THR A 49 -10.35 -16.78 -6.36
C THR A 49 -10.97 -16.86 -4.96
N VAL A 50 -11.32 -15.70 -4.40
CA VAL A 50 -12.12 -15.63 -3.19
C VAL A 50 -13.24 -14.64 -3.40
N GLN A 51 -14.38 -15.02 -2.86
CA GLN A 51 -15.54 -14.19 -2.84
C GLN A 51 -16.18 -14.24 -1.47
N ILE A 52 -16.25 -13.07 -0.85
CA ILE A 52 -16.91 -12.92 0.41
C ILE A 52 -18.20 -12.17 0.17
N THR A 53 -19.30 -12.71 0.67
CA THR A 53 -20.63 -12.12 0.54
C THR A 53 -21.10 -11.68 1.94
N LEU A 54 -21.40 -10.40 2.08
CA LEU A 54 -21.98 -9.84 3.28
C LEU A 54 -23.41 -9.35 3.01
N THR A 55 -24.39 -9.94 3.69
CA THR A 55 -25.79 -9.78 3.43
C THR A 55 -26.40 -8.94 4.53
N PHE A 56 -27.07 -7.85 4.17
CA PHE A 56 -27.62 -6.88 5.10
C PHE A 56 -29.17 -6.95 5.28
N GLU A 57 -29.67 -6.41 6.38
CA GLU A 57 -31.12 -6.40 6.67
C GLU A 57 -31.79 -5.69 5.51
N SER A 58 -33.01 -6.09 5.22
CA SER A 58 -33.89 -5.38 4.30
C SER A 58 -34.00 -3.93 4.68
N GLY A 59 -33.96 -3.06 3.69
CA GLY A 59 -33.98 -1.60 3.94
C GLY A 59 -32.66 -0.90 4.24
N THR A 60 -31.56 -1.63 4.35
CA THR A 60 -30.24 -1.03 4.51
C THR A 60 -29.88 -0.18 3.28
N ASP A 61 -29.34 1.00 3.53
CA ASP A 61 -28.77 1.80 2.48
C ASP A 61 -27.45 1.11 1.89
N ALA A 62 -27.52 0.58 0.67
CA ALA A 62 -26.37 -0.06 0.05
C ALA A 62 -25.09 0.80 -0.09
N ASP A 63 -25.21 2.10 -0.39
CA ASP A 63 -24.03 2.96 -0.38
C ASP A 63 -23.30 2.85 0.97
N ILE A 64 -24.04 2.93 2.08
CA ILE A 64 -23.46 2.90 3.44
C ILE A 64 -22.92 1.49 3.78
N ALA A 65 -23.61 0.44 3.36
CA ALA A 65 -23.14 -0.91 3.56
C ALA A 65 -21.82 -1.11 2.86
N GLN A 66 -21.73 -0.72 1.59
CA GLN A 66 -20.50 -0.80 0.82
C GLN A 66 -19.37 -0.02 1.49
N VAL A 67 -19.64 1.21 1.84
CA VAL A 67 -18.68 2.04 2.54
C VAL A 67 -18.17 1.33 3.79
N GLN A 68 -19.05 0.84 4.64
CA GLN A 68 -18.61 0.23 5.90
C GLN A 68 -17.86 -1.10 5.70
N VAL A 69 -18.23 -1.88 4.69
CA VAL A 69 -17.46 -3.09 4.37
C VAL A 69 -16.10 -2.72 3.86
N GLN A 70 -16.05 -1.78 2.94
CA GLN A 70 -14.75 -1.41 2.43
C GLN A 70 -13.83 -0.83 3.52
N ASN A 71 -14.39 -0.05 4.44
CA ASN A 71 -13.60 0.57 5.47
C ASN A 71 -12.99 -0.53 6.36
N LYS A 72 -13.70 -1.63 6.64
CA LYS A 72 -13.06 -2.76 7.35
C LYS A 72 -12.06 -3.53 6.50
N LEU A 73 -12.28 -3.63 5.20
CA LEU A 73 -11.32 -4.28 4.33
C LEU A 73 -9.94 -3.57 4.28
N GLN A 74 -10.00 -2.26 4.37
CA GLN A 74 -8.82 -1.45 4.32
C GLN A 74 -7.86 -1.82 5.47
N LEU A 75 -8.38 -2.32 6.57
CA LEU A 75 -7.53 -2.83 7.63
C LEU A 75 -6.72 -4.04 7.18
N ALA A 76 -7.29 -4.89 6.33
CA ALA A 76 -6.56 -6.07 5.88
C ALA A 76 -5.69 -5.86 4.64
N MET A 77 -5.90 -4.79 3.90
CA MET A 77 -5.24 -4.59 2.61
C MET A 77 -3.72 -4.71 2.63
N PRO A 78 -3.03 -4.05 3.58
CA PRO A 78 -1.55 -4.17 3.59
C PRO A 78 -1.02 -5.52 4.13
N LEU A 79 -1.85 -6.33 4.74
CA LEU A 79 -1.45 -7.70 5.13
C LEU A 79 -1.68 -8.72 4.01
N LEU A 80 -2.37 -8.34 2.95
CA LEU A 80 -2.62 -9.27 1.85
C LEU A 80 -1.35 -9.42 1.03
N PRO A 81 -1.15 -10.58 0.44
CA PRO A 81 0.01 -10.71 -0.46
C PRO A 81 -0.01 -9.67 -1.59
N GLN A 82 1.17 -9.24 -1.99
CA GLN A 82 1.32 -8.23 -3.06
C GLN A 82 0.66 -8.72 -4.35
N GLU A 83 0.69 -10.03 -4.59
CA GLU A 83 0.13 -10.60 -5.83
C GLU A 83 -1.38 -10.46 -5.94
N VAL A 84 -2.03 -10.31 -4.78
CA VAL A 84 -3.47 -10.13 -4.66
C VAL A 84 -3.80 -8.67 -4.77
N GLN A 85 -3.10 -7.86 -4.01
CA GLN A 85 -3.28 -6.41 -4.08
C GLN A 85 -3.20 -5.84 -5.51
N GLN A 86 -2.17 -6.29 -6.23
CA GLN A 86 -1.94 -5.89 -7.66
C GLN A 86 -2.96 -6.37 -8.62
N GLN A 87 -3.69 -7.44 -8.34
CA GLN A 87 -4.80 -7.81 -9.24
C GLN A 87 -5.99 -6.86 -9.13
N GLY A 88 -6.07 -6.02 -8.11
CA GLY A 88 -7.23 -5.14 -7.91
C GLY A 88 -8.34 -5.84 -7.16
N VAL A 89 -8.44 -5.59 -5.86
CA VAL A 89 -9.47 -6.19 -5.04
C VAL A 89 -10.70 -5.35 -5.30
N SER A 90 -11.86 -5.99 -5.35
CA SER A 90 -13.10 -5.31 -5.69
C SER A 90 -14.19 -5.45 -4.60
N VAL A 91 -15.00 -4.40 -4.46
CA VAL A 91 -16.09 -4.33 -3.51
C VAL A 91 -17.31 -3.78 -4.25
N GLU A 92 -18.37 -4.60 -4.35
CA GLU A 92 -19.50 -4.34 -5.21
C GLU A 92 -20.78 -4.47 -4.44
N LYS A 93 -21.81 -3.78 -4.92
CA LYS A 93 -23.11 -3.78 -4.25
C LYS A 93 -24.05 -4.11 -5.38
N SER A 94 -24.14 -5.41 -5.69
CA SER A 94 -24.99 -5.84 -6.80
C SER A 94 -25.94 -6.96 -6.44
N SER A 95 -26.96 -7.09 -7.27
CA SER A 95 -27.85 -8.23 -7.22
C SER A 95 -27.01 -9.42 -7.66
N SER A 96 -27.38 -10.63 -7.21
CA SER A 96 -26.61 -11.82 -7.51
C SER A 96 -26.77 -12.33 -8.98
N SER A 97 -27.81 -11.91 -9.68
CA SER A 97 -28.16 -12.46 -10.99
C SER A 97 -28.08 -11.44 -12.10
N PHE A 98 -28.10 -11.92 -13.32
CA PHE A 98 -27.83 -11.06 -14.46
C PHE A 98 -29.08 -10.31 -14.88
N LEU A 99 -28.96 -9.01 -15.13
CA LEU A 99 -29.98 -8.22 -15.79
C LEU A 99 -30.06 -8.52 -17.29
N MET A 100 -28.88 -8.59 -17.91
CA MET A 100 -28.77 -8.87 -19.33
C MET A 100 -27.42 -9.44 -19.66
N VAL A 101 -27.28 -9.98 -20.85
CA VAL A 101 -25.97 -10.39 -21.40
C VAL A 101 -25.79 -9.65 -22.70
N VAL A 102 -24.63 -9.06 -22.87
CA VAL A 102 -24.29 -8.45 -24.15
C VAL A 102 -23.32 -9.42 -24.83
N GLY A 103 -23.81 -10.04 -25.91
CA GLY A 103 -23.02 -10.96 -26.71
C GLY A 103 -22.28 -10.28 -27.82
N VAL A 104 -21.11 -10.80 -28.15
CA VAL A 104 -20.38 -10.27 -29.26
C VAL A 104 -19.82 -11.42 -30.09
N ILE A 105 -20.01 -11.26 -31.40
CA ILE A 105 -19.59 -12.23 -32.39
C ILE A 105 -18.95 -11.53 -33.59
N ASN A 106 -18.38 -12.32 -34.48
CA ASN A 106 -17.91 -11.79 -35.75
C ASN A 106 -18.47 -12.61 -36.90
N THR A 107 -19.45 -12.00 -37.59
CA THR A 107 -20.10 -12.56 -38.79
C THR A 107 -19.17 -12.84 -39.94
N ASP A 108 -18.00 -12.25 -40.03
CA ASP A 108 -17.03 -12.68 -41.06
C ASP A 108 -16.13 -13.86 -40.64
N GLY A 109 -16.21 -14.37 -39.41
CA GLY A 109 -15.23 -15.39 -38.93
C GLY A 109 -13.75 -14.98 -38.98
N THR A 110 -13.43 -13.69 -39.09
CA THR A 110 -12.03 -13.19 -39.16
C THR A 110 -11.41 -12.91 -37.77
N MET A 111 -12.17 -13.19 -36.69
CA MET A 111 -11.72 -12.99 -35.29
C MET A 111 -12.04 -14.22 -34.47
N THR A 112 -11.04 -14.84 -33.87
CA THR A 112 -11.25 -15.92 -32.91
C THR A 112 -11.94 -15.44 -31.61
N GLN A 113 -12.41 -16.41 -30.84
CA GLN A 113 -13.01 -16.18 -29.51
C GLN A 113 -12.07 -15.32 -28.63
N GLU A 114 -10.78 -15.63 -28.72
CA GLU A 114 -9.73 -14.95 -27.98
C GLU A 114 -9.63 -13.48 -28.34
N ASP A 115 -9.64 -13.18 -29.65
CA ASP A 115 -9.66 -11.80 -30.18
C ASP A 115 -10.92 -11.07 -29.79
N ILE A 116 -12.07 -11.71 -29.91
CA ILE A 116 -13.32 -11.06 -29.58
C ILE A 116 -13.32 -10.67 -28.08
N SER A 117 -12.84 -11.57 -27.22
CA SER A 117 -12.83 -11.33 -25.79
C SER A 117 -11.92 -10.13 -25.50
N ASP A 118 -10.73 -10.13 -26.11
CA ASP A 118 -9.83 -9.00 -25.97
C ASP A 118 -10.44 -7.73 -26.47
N TYR A 119 -11.07 -7.78 -27.66
CA TYR A 119 -11.68 -6.56 -28.19
C TYR A 119 -12.73 -6.07 -27.21
N VAL A 120 -13.48 -6.96 -26.57
CA VAL A 120 -14.56 -6.51 -25.67
C VAL A 120 -13.95 -5.88 -24.37
N ALA A 121 -12.94 -6.56 -23.81
CA ALA A 121 -12.29 -6.11 -22.62
C ALA A 121 -11.58 -4.77 -22.82
N ALA A 122 -11.03 -4.55 -24.01
CA ALA A 122 -10.16 -3.38 -24.22
C ALA A 122 -10.92 -2.14 -24.64
N ASN A 123 -12.07 -2.31 -25.30
CA ASN A 123 -12.83 -1.23 -25.96
C ASN A 123 -14.25 -1.02 -25.52
N MET A 124 -14.79 -1.92 -24.67
CA MET A 124 -16.20 -1.94 -24.35
C MET A 124 -16.51 -2.08 -22.83
N LYS A 125 -15.85 -3.01 -22.16
CA LYS A 125 -16.09 -3.29 -20.73
C LYS A 125 -16.10 -2.07 -19.76
N ASP A 126 -15.06 -1.24 -19.85
CA ASP A 126 -14.86 -0.21 -18.88
C ASP A 126 -16.01 0.77 -18.92
N ALA A 127 -16.33 1.27 -20.11
CA ALA A 127 -17.47 2.20 -20.22
C ALA A 127 -18.80 1.60 -19.68
N ILE A 128 -19.02 0.30 -19.88
CA ILE A 128 -20.20 -0.34 -19.33
C ILE A 128 -20.11 -0.37 -17.78
N SER A 129 -18.94 -0.72 -17.29
CA SER A 129 -18.67 -0.80 -15.89
C SER A 129 -18.86 0.54 -15.17
N ARG A 130 -18.70 1.66 -15.86
CA ARG A 130 -18.89 2.99 -15.27
C ARG A 130 -20.30 3.57 -15.39
N THR A 131 -21.14 2.91 -16.17
CA THR A 131 -22.52 3.34 -16.37
C THR A 131 -23.26 3.23 -15.06
N SER A 132 -24.05 4.24 -14.73
CA SER A 132 -24.81 4.19 -13.49
C SER A 132 -25.84 3.05 -13.46
N GLY A 133 -25.96 2.45 -12.28
CA GLY A 133 -26.77 1.23 -12.10
C GLY A 133 -26.14 -0.13 -12.46
N VAL A 134 -24.93 -0.13 -13.01
CA VAL A 134 -24.23 -1.38 -13.31
C VAL A 134 -23.50 -1.77 -12.05
N GLY A 135 -23.92 -2.88 -11.44
CA GLY A 135 -23.37 -3.31 -10.17
C GLY A 135 -22.12 -4.14 -10.32
N ASP A 136 -22.11 -4.99 -11.36
CA ASP A 136 -21.05 -5.98 -11.61
C ASP A 136 -21.07 -6.33 -13.08
N VAL A 137 -19.91 -6.40 -13.72
CA VAL A 137 -19.84 -6.73 -15.13
C VAL A 137 -18.87 -7.88 -15.17
N GLN A 138 -19.26 -8.92 -15.86
CA GLN A 138 -18.49 -10.14 -15.92
C GLN A 138 -18.16 -10.44 -17.37
N LEU A 139 -16.89 -10.55 -17.69
CA LEU A 139 -16.42 -10.82 -19.03
C LEU A 139 -16.43 -12.34 -19.26
N PHE A 140 -17.04 -12.75 -20.35
CA PHE A 140 -17.01 -14.13 -20.71
C PHE A 140 -15.80 -14.31 -21.62
N GLY A 141 -14.64 -14.39 -20.98
CA GLY A 141 -13.35 -14.44 -21.67
C GLY A 141 -12.34 -13.66 -20.86
N SER A 142 -11.24 -13.27 -21.53
CA SER A 142 -10.17 -12.57 -20.86
C SER A 142 -9.54 -11.57 -21.78
N GLN A 143 -9.16 -10.42 -21.24
CA GLN A 143 -8.34 -9.46 -21.95
C GLN A 143 -6.98 -10.08 -22.29
N TYR A 144 -6.41 -9.70 -23.43
CA TYR A 144 -5.07 -10.12 -23.75
C TYR A 144 -4.08 -9.57 -22.73
N ALA A 145 -3.02 -10.35 -22.52
CA ALA A 145 -1.85 -9.95 -21.85
C ALA A 145 -0.70 -10.28 -22.77
N MET A 146 0.49 -9.75 -22.47
CA MET A 146 1.67 -10.22 -23.18
C MET A 146 2.08 -11.52 -22.48
N ARG A 147 2.17 -12.60 -23.25
CA ARG A 147 2.46 -13.95 -22.68
C ARG A 147 3.83 -14.34 -23.12
N ILE A 148 4.63 -14.69 -22.14
CA ILE A 148 5.93 -15.26 -22.29
C ILE A 148 5.78 -16.72 -21.81
N TRP A 149 5.86 -17.64 -22.75
CA TRP A 149 5.71 -19.04 -22.50
C TRP A 149 7.09 -19.59 -22.48
N MET A 150 7.63 -19.81 -21.27
CA MET A 150 9.01 -20.30 -21.09
C MET A 150 9.24 -21.78 -21.45
N ASN A 151 10.45 -22.07 -21.93
CA ASN A 151 10.93 -23.44 -22.25
C ASN A 151 12.06 -23.74 -21.27
N PRO A 152 11.94 -24.79 -20.46
CA PRO A 152 12.95 -25.05 -19.47
C PRO A 152 14.25 -25.61 -19.99
N ASN A 153 14.22 -26.26 -21.15
CA ASN A 153 15.41 -26.85 -21.75
C ASN A 153 16.30 -25.71 -22.21
N GLU A 154 15.69 -24.77 -22.95
CA GLU A 154 16.38 -23.57 -23.41
C GLU A 154 16.89 -22.70 -22.24
N LEU A 155 16.14 -22.58 -21.15
CA LEU A 155 16.61 -21.75 -20.04
C LEU A 155 17.87 -22.36 -19.38
N ASN A 156 17.84 -23.67 -19.20
CA ASN A 156 18.92 -24.39 -18.58
C ASN A 156 20.14 -24.45 -19.51
N LYS A 157 19.90 -24.53 -20.82
CA LYS A 157 20.97 -24.49 -21.79
C LYS A 157 21.82 -23.21 -21.66
N PHE A 158 21.26 -22.09 -21.19
CA PHE A 158 22.01 -20.86 -21.03
C PHE A 158 22.09 -20.47 -19.54
N GLN A 159 22.02 -21.43 -18.64
CA GLN A 159 22.13 -21.13 -17.20
C GLN A 159 21.21 -19.99 -16.67
N LEU A 160 19.97 -19.95 -17.20
CA LEU A 160 18.94 -18.99 -16.80
C LEU A 160 17.77 -19.64 -16.09
N THR A 161 16.97 -18.82 -15.40
CA THR A 161 15.78 -19.29 -14.73
C THR A 161 14.64 -18.33 -15.01
N PRO A 162 13.43 -18.70 -14.60
CA PRO A 162 12.35 -17.73 -14.64
C PRO A 162 12.61 -16.44 -13.84
N VAL A 163 13.41 -16.53 -12.77
CA VAL A 163 13.79 -15.33 -12.02
C VAL A 163 14.59 -14.39 -12.94
N ASP A 164 15.52 -14.90 -13.74
CA ASP A 164 16.26 -14.01 -14.66
C ASP A 164 15.29 -13.41 -15.70
N VAL A 165 14.28 -14.18 -16.10
CA VAL A 165 13.31 -13.70 -17.08
C VAL A 165 12.50 -12.55 -16.45
N ILE A 166 12.01 -12.75 -15.22
CA ILE A 166 11.16 -11.74 -14.55
C ILE A 166 11.95 -10.46 -14.34
N THR A 167 13.17 -10.61 -13.84
CA THR A 167 14.10 -9.54 -13.67
C THR A 167 14.34 -8.77 -14.96
N ALA A 168 14.63 -9.50 -16.03
CA ALA A 168 14.94 -8.86 -17.32
C ALA A 168 13.73 -8.05 -17.83
N ILE A 169 12.53 -8.56 -17.62
CA ILE A 169 11.32 -7.89 -18.06
C ILE A 169 11.04 -6.63 -17.25
N LYS A 170 11.25 -6.70 -15.94
CA LYS A 170 11.08 -5.49 -15.08
C LYS A 170 12.06 -4.34 -15.50
N ALA A 171 13.29 -4.73 -15.82
CA ALA A 171 14.34 -3.79 -16.23
C ALA A 171 14.20 -3.23 -17.63
N GLN A 172 13.65 -3.98 -18.59
CA GLN A 172 13.61 -3.58 -19.99
C GLN A 172 12.23 -3.38 -20.60
N ASN A 173 11.17 -3.66 -19.81
CA ASN A 173 9.84 -3.15 -20.09
C ASN A 173 9.47 -2.19 -18.96
N ALA A 174 9.96 -0.98 -19.09
CA ALA A 174 10.07 -0.09 -17.98
C ALA A 174 9.62 1.21 -18.47
N GLN A 175 9.09 2.03 -17.56
CA GLN A 175 8.62 3.39 -17.89
C GLN A 175 9.31 4.36 -16.92
N VAL A 176 10.39 4.97 -17.39
CA VAL A 176 11.27 5.76 -16.55
C VAL A 176 10.97 7.28 -16.58
N ALA A 177 10.88 7.81 -15.40
CA ALA A 177 10.89 9.24 -15.13
C ALA A 177 12.34 9.75 -15.20
N ALA A 178 12.69 10.56 -16.18
CA ALA A 178 14.10 10.93 -16.37
C ALA A 178 14.40 12.41 -16.26
N GLY A 179 13.38 13.21 -15.96
CA GLY A 179 13.53 14.62 -15.73
C GLY A 179 13.53 15.44 -17.01
N GLN A 180 14.26 16.57 -16.90
CA GLN A 180 14.33 17.57 -17.95
C GLN A 180 15.70 18.13 -18.12
N LEU A 181 15.96 18.61 -19.34
CA LEU A 181 17.05 19.54 -19.54
C LEU A 181 16.45 20.87 -19.27
N GLY A 182 17.20 21.70 -18.57
CA GLY A 182 16.79 23.08 -18.33
C GLY A 182 15.63 23.23 -17.40
N GLY A 183 15.45 22.24 -16.51
CA GLY A 183 14.34 22.25 -15.57
C GLY A 183 14.61 23.18 -14.40
N THR A 184 13.55 23.53 -13.66
CA THR A 184 13.62 24.42 -12.53
C THR A 184 14.15 23.75 -11.27
N PRO A 185 14.92 24.45 -10.43
CA PRO A 185 15.46 25.81 -10.71
C PRO A 185 16.56 25.78 -11.78
N PRO A 186 16.54 26.72 -12.76
CA PRO A 186 17.60 26.66 -13.82
C PRO A 186 18.79 27.52 -13.47
N VAL A 187 19.86 27.38 -14.21
CA VAL A 187 20.83 28.46 -14.31
C VAL A 187 20.10 29.61 -15.02
N LYS A 188 20.08 30.75 -14.35
CA LYS A 188 19.42 31.93 -14.87
C LYS A 188 19.90 32.24 -16.29
N GLY A 189 18.95 32.62 -17.16
CA GLY A 189 19.22 32.79 -18.59
C GLY A 189 19.08 31.55 -19.49
N GLN A 190 18.68 30.40 -18.93
CA GLN A 190 18.49 29.16 -19.69
C GLN A 190 17.40 29.32 -20.68
N GLN A 191 17.63 28.90 -21.92
CA GLN A 191 16.62 29.00 -22.99
C GLN A 191 15.99 27.65 -23.34
N LEU A 192 16.83 26.63 -23.35
CA LEU A 192 16.46 25.26 -23.66
C LEU A 192 15.78 24.63 -22.48
N ASN A 193 14.55 24.17 -22.69
CA ASN A 193 13.85 23.33 -21.75
C ASN A 193 13.15 22.21 -22.53
N ALA A 194 13.47 20.97 -22.17
CA ALA A 194 13.03 19.79 -22.90
C ALA A 194 12.90 18.63 -21.92
N SER A 195 11.80 17.88 -22.01
CA SER A 195 11.69 16.65 -21.24
C SER A 195 12.71 15.62 -21.69
N ILE A 196 13.28 14.89 -20.74
CA ILE A 196 14.05 13.71 -21.09
C ILE A 196 13.16 12.46 -21.13
N ILE A 197 13.22 11.76 -22.26
CA ILE A 197 12.40 10.58 -22.50
C ILE A 197 13.38 9.48 -22.56
N ALA A 198 13.24 8.52 -21.66
CA ALA A 198 14.13 7.34 -21.60
C ALA A 198 13.32 6.10 -21.99
N GLN A 199 13.54 4.97 -21.32
CA GLN A 199 12.79 3.80 -21.66
C GLN A 199 11.31 4.05 -21.45
N THR A 200 10.53 3.42 -22.30
CA THR A 200 9.11 3.51 -22.31
C THR A 200 8.55 2.05 -22.40
N ARG A 201 7.30 1.82 -21.99
CA ARG A 201 6.75 0.49 -22.05
C ARG A 201 6.85 -0.11 -23.44
N LEU A 202 7.06 -1.41 -23.48
CA LEU A 202 7.07 -2.13 -24.77
C LEU A 202 5.65 -2.28 -25.21
N THR A 203 5.43 -2.40 -26.55
CA THR A 203 4.10 -2.45 -27.11
C THR A 203 3.78 -3.63 -28.00
N SER A 204 4.72 -4.56 -28.14
CA SER A 204 4.59 -5.61 -29.17
C SER A 204 5.43 -6.83 -28.84
N THR A 205 5.02 -7.96 -29.43
CA THR A 205 5.73 -9.23 -29.28
C THR A 205 7.17 -9.09 -29.75
N GLU A 206 7.38 -8.32 -30.83
CA GLU A 206 8.72 -8.11 -31.39
C GLU A 206 9.63 -7.49 -30.32
N GLU A 207 9.15 -6.47 -29.60
CA GLU A 207 10.01 -5.79 -28.65
C GLU A 207 10.29 -6.70 -27.46
N PHE A 208 9.29 -7.45 -27.00
CA PHE A 208 9.53 -8.38 -25.91
C PHE A 208 10.53 -9.45 -26.27
N GLY A 209 10.43 -9.97 -27.50
CA GLY A 209 11.36 -11.01 -27.95
C GLY A 209 12.82 -10.58 -28.04
N LYS A 210 13.07 -9.30 -28.25
CA LYS A 210 14.46 -8.85 -28.27
C LYS A 210 14.95 -8.42 -26.91
N ILE A 211 14.17 -8.60 -25.84
CA ILE A 211 14.74 -8.36 -24.50
C ILE A 211 16.04 -9.16 -24.34
N LEU A 212 17.08 -8.51 -23.81
CA LEU A 212 18.42 -9.08 -23.66
C LEU A 212 18.65 -9.72 -22.30
N LEU A 213 18.79 -11.04 -22.29
CA LEU A 213 18.89 -11.79 -21.03
C LEU A 213 20.34 -11.89 -20.60
N LYS A 214 21.26 -12.15 -21.53
CA LYS A 214 22.68 -12.12 -21.20
C LYS A 214 23.57 -12.03 -22.43
N VAL A 215 24.80 -11.58 -22.20
CA VAL A 215 25.88 -11.69 -23.19
C VAL A 215 26.75 -12.86 -22.71
N ASN A 216 27.01 -13.84 -23.58
CA ASN A 216 27.86 -14.99 -23.16
C ASN A 216 29.33 -14.55 -22.99
N GLN A 217 30.25 -15.46 -22.65
CA GLN A 217 31.69 -15.07 -22.64
C GLN A 217 32.21 -14.74 -24.03
N ASP A 218 31.79 -15.49 -25.06
CA ASP A 218 32.18 -15.25 -26.48
C ASP A 218 31.47 -14.07 -27.21
N GLY A 219 30.80 -13.17 -26.48
CA GLY A 219 30.02 -12.06 -27.12
C GLY A 219 28.69 -12.38 -27.84
N SER A 220 28.28 -13.65 -27.89
CA SER A 220 26.91 -14.00 -28.35
C SER A 220 25.85 -13.59 -27.31
N ARG A 221 24.64 -13.45 -27.82
CA ARG A 221 23.50 -12.88 -27.12
C ARG A 221 22.41 -13.94 -26.90
N VAL A 222 21.80 -13.91 -25.73
CA VAL A 222 20.63 -14.69 -25.46
C VAL A 222 19.48 -13.72 -25.33
N LEU A 223 18.57 -13.80 -26.30
CA LEU A 223 17.34 -13.00 -26.25
C LEU A 223 16.16 -13.78 -25.61
N LEU A 224 15.15 -13.05 -25.11
CA LEU A 224 14.00 -13.69 -24.54
C LEU A 224 13.30 -14.63 -25.53
N ARG A 225 13.29 -14.29 -26.84
CA ARG A 225 12.75 -15.20 -27.83
C ARG A 225 13.55 -16.52 -27.95
N ASP A 226 14.80 -16.52 -27.51
CA ASP A 226 15.61 -17.75 -27.51
C ASP A 226 15.23 -18.74 -26.38
N VAL A 227 14.53 -18.32 -25.36
CA VAL A 227 14.10 -19.21 -24.30
C VAL A 227 12.58 -19.23 -24.08
N ALA A 228 11.81 -18.57 -24.94
CA ALA A 228 10.36 -18.50 -24.73
C ALA A 228 9.63 -18.23 -26.01
N LYS A 229 8.41 -18.67 -26.11
CA LYS A 229 7.51 -18.20 -27.17
C LYS A 229 6.74 -16.97 -26.67
N ILE A 230 6.46 -16.04 -27.57
CA ILE A 230 5.97 -14.73 -27.22
C ILE A 230 4.73 -14.36 -28.03
N GLU A 231 3.59 -14.21 -27.37
CA GLU A 231 2.34 -13.86 -28.05
C GLU A 231 1.40 -13.10 -27.15
N LEU A 232 0.42 -12.47 -27.78
CA LEU A 232 -0.72 -11.96 -27.07
C LEU A 232 -1.59 -13.12 -26.64
N GLY A 233 -2.05 -13.14 -25.39
CA GLY A 233 -2.93 -14.22 -24.96
C GLY A 233 -3.67 -13.82 -23.72
N GLY A 234 -4.70 -14.56 -23.35
CA GLY A 234 -5.55 -14.12 -22.24
C GLY A 234 -4.81 -14.03 -20.93
N GLU A 235 -5.19 -13.11 -20.07
CA GLU A 235 -4.70 -13.18 -18.67
C GLU A 235 -4.96 -14.57 -18.08
N ASN A 236 -6.12 -15.14 -18.42
CA ASN A 236 -6.38 -16.58 -18.19
C ASN A 236 -7.20 -17.21 -19.38
N TYR A 237 -7.29 -18.53 -19.37
CA TYR A 237 -7.88 -19.29 -20.46
C TYR A 237 -9.08 -20.08 -19.99
N ASP A 238 -9.71 -19.62 -18.93
CA ASP A 238 -10.68 -20.42 -18.24
C ASP A 238 -12.08 -20.26 -18.73
N ILE A 239 -12.40 -19.15 -19.38
CA ILE A 239 -13.76 -18.86 -19.79
C ILE A 239 -13.83 -18.75 -21.31
N ILE A 240 -14.56 -19.68 -21.93
CA ILE A 240 -14.85 -19.68 -23.38
C ILE A 240 -16.36 -19.69 -23.60
N ALA A 241 -16.82 -18.85 -24.53
CA ALA A 241 -18.24 -18.64 -24.78
C ALA A 241 -18.57 -18.90 -26.26
N GLU A 242 -19.84 -19.22 -26.53
CA GLU A 242 -20.36 -19.53 -27.89
C GLU A 242 -21.74 -18.99 -28.10
N PHE A 243 -22.01 -18.49 -29.30
CA PHE A 243 -23.35 -18.01 -29.64
C PHE A 243 -23.80 -18.82 -30.86
N ASN A 244 -24.83 -19.65 -30.63
CA ASN A 244 -25.36 -20.59 -31.62
C ASN A 244 -24.24 -21.38 -32.24
N GLY A 245 -23.39 -21.91 -31.36
CA GLY A 245 -22.18 -22.64 -31.79
C GLY A 245 -21.10 -21.85 -32.50
N GLN A 246 -21.18 -20.52 -32.57
CA GLN A 246 -20.07 -19.70 -33.11
C GLN A 246 -19.12 -19.12 -32.02
N PRO A 247 -17.84 -18.89 -32.37
CA PRO A 247 -17.01 -18.20 -31.40
C PRO A 247 -17.66 -16.88 -30.95
N ALA A 248 -17.68 -16.64 -29.64
CA ALA A 248 -18.26 -15.44 -29.08
C ALA A 248 -17.53 -14.98 -27.82
N SER A 249 -17.71 -13.72 -27.46
CA SER A 249 -17.48 -13.27 -26.08
C SER A 249 -18.69 -12.52 -25.59
N GLY A 250 -18.59 -11.93 -24.40
CA GLY A 250 -19.72 -11.18 -23.89
C GLY A 250 -19.50 -10.53 -22.56
N LEU A 251 -20.44 -9.66 -22.21
CA LEU A 251 -20.56 -9.09 -20.85
C LEU A 251 -21.85 -9.56 -20.18
N GLY A 252 -21.74 -10.13 -18.99
CA GLY A 252 -22.87 -10.39 -18.13
C GLY A 252 -23.00 -9.24 -17.16
N ILE A 253 -24.19 -8.71 -17.02
CA ILE A 253 -24.37 -7.46 -16.33
C ILE A 253 -25.34 -7.64 -15.20
N LYS A 254 -24.91 -7.31 -13.99
CA LYS A 254 -25.78 -7.38 -12.84
C LYS A 254 -26.15 -5.98 -12.44
N LEU A 255 -27.37 -5.84 -11.92
CA LEU A 255 -27.96 -4.57 -11.59
C LEU A 255 -27.46 -4.18 -10.21
N ALA A 256 -27.03 -2.92 -10.02
CA ALA A 256 -26.64 -2.40 -8.67
C ALA A 256 -27.84 -2.40 -7.73
N THR A 257 -27.60 -2.67 -6.47
CA THR A 257 -28.64 -2.70 -5.47
C THR A 257 -29.46 -1.40 -5.54
N GLY A 258 -30.77 -1.56 -5.75
CA GLY A 258 -31.75 -0.46 -5.77
C GLY A 258 -31.83 0.33 -7.06
N ALA A 259 -31.09 -0.07 -8.08
CA ALA A 259 -31.07 0.71 -9.29
C ALA A 259 -32.29 0.34 -10.14
N ASN A 260 -32.78 1.31 -10.92
CA ASN A 260 -33.88 1.05 -11.84
C ASN A 260 -33.43 0.18 -13.04
N ALA A 261 -34.10 -0.96 -13.27
CA ALA A 261 -33.70 -1.91 -14.31
C ALA A 261 -33.89 -1.38 -15.75
N LEU A 262 -35.04 -0.77 -16.01
CA LEU A 262 -35.32 -0.17 -17.34
C LEU A 262 -34.33 0.91 -17.73
N ASP A 263 -34.07 1.84 -16.81
CA ASP A 263 -33.22 3.00 -17.05
C ASP A 263 -31.77 2.57 -17.28
N THR A 264 -31.35 1.58 -16.48
CA THR A 264 -30.04 1.03 -16.53
C THR A 264 -29.79 0.27 -17.83
N ALA A 265 -30.69 -0.62 -18.21
CA ALA A 265 -30.61 -1.29 -19.54
C ALA A 265 -30.58 -0.32 -20.71
N ALA A 266 -31.32 0.77 -20.61
CA ALA A 266 -31.33 1.80 -21.64
C ALA A 266 -29.98 2.49 -21.71
N ALA A 267 -29.47 2.90 -20.56
CA ALA A 267 -28.14 3.51 -20.53
C ALA A 267 -27.03 2.58 -21.10
N ILE A 268 -27.15 1.27 -20.89
CA ILE A 268 -26.23 0.28 -21.47
C ILE A 268 -26.35 0.26 -23.01
N ARG A 269 -27.57 0.31 -23.51
CA ARG A 269 -27.85 0.28 -24.97
C ARG A 269 -27.35 1.55 -25.66
N ALA A 270 -27.60 2.70 -25.03
CA ALA A 270 -26.96 4.00 -25.40
C ALA A 270 -25.43 3.98 -25.42
N GLU A 271 -24.82 3.37 -24.40
CA GLU A 271 -23.39 3.28 -24.39
C GLU A 271 -22.84 2.36 -25.50
N LEU A 272 -23.54 1.27 -25.77
CA LEU A 272 -23.16 0.37 -26.87
C LEU A 272 -23.30 1.09 -28.23
N ALA A 273 -24.33 1.94 -28.35
CA ALA A 273 -24.56 2.74 -29.57
C ALA A 273 -23.37 3.67 -29.89
N LYS A 274 -22.67 4.12 -28.87
CA LYS A 274 -21.45 4.90 -29.09
C LYS A 274 -20.30 4.03 -29.60
N MET A 275 -20.26 2.75 -29.26
CA MET A 275 -19.11 1.93 -29.65
C MET A 275 -19.25 1.36 -31.04
N GLU A 276 -20.51 1.03 -31.39
CA GLU A 276 -20.88 0.27 -32.60
C GLU A 276 -20.18 0.86 -33.86
N PRO A 277 -20.24 2.18 -34.10
CA PRO A 277 -19.66 2.63 -35.39
C PRO A 277 -18.13 2.45 -35.57
N PHE A 278 -17.38 2.13 -34.50
CA PHE A 278 -15.91 1.99 -34.55
C PHE A 278 -15.41 0.57 -34.45
N PHE A 279 -16.35 -0.37 -34.48
CA PHE A 279 -16.06 -1.80 -34.53
C PHE A 279 -15.22 -2.19 -35.74
N PRO A 280 -14.28 -3.15 -35.62
CA PRO A 280 -13.63 -3.64 -36.87
C PRO A 280 -14.61 -4.46 -37.67
N SER A 281 -14.32 -4.74 -38.95
CA SER A 281 -15.34 -5.35 -39.80
C SER A 281 -15.74 -6.71 -39.24
N GLY A 282 -17.04 -6.97 -39.28
CA GLY A 282 -17.57 -8.28 -38.94
C GLY A 282 -18.16 -8.33 -37.56
N LEU A 283 -17.76 -7.39 -36.71
CA LEU A 283 -18.07 -7.50 -35.29
C LEU A 283 -19.48 -7.05 -35.12
N LYS A 284 -20.23 -7.75 -34.29
CA LYS A 284 -21.61 -7.42 -34.09
C LYS A 284 -22.01 -7.73 -32.65
N ILE A 285 -22.85 -6.87 -32.08
CA ILE A 285 -23.55 -7.17 -30.85
C ILE A 285 -24.81 -8.02 -31.12
N VAL A 286 -25.07 -8.93 -30.18
CA VAL A 286 -26.27 -9.70 -30.12
C VAL A 286 -26.71 -9.69 -28.69
N TYR A 287 -28.00 -9.95 -28.49
CA TYR A 287 -28.63 -9.80 -27.21
C TYR A 287 -29.27 -11.13 -26.77
N PRO A 288 -28.46 -12.03 -26.20
CA PRO A 288 -28.91 -13.39 -25.91
C PRO A 288 -29.66 -13.59 -24.60
N TYR A 289 -29.87 -12.55 -23.81
CA TYR A 289 -30.55 -12.73 -22.53
C TYR A 289 -31.01 -11.37 -22.03
N ASP A 290 -32.25 -10.98 -22.30
CA ASP A 290 -32.86 -9.77 -21.71
C ASP A 290 -33.99 -10.18 -20.75
N THR A 291 -34.03 -9.56 -19.57
CA THR A 291 -35.08 -9.82 -18.58
C THR A 291 -36.10 -8.67 -18.55
N GLN A 309 -41.86 -14.70 -19.98
CA GLN A 309 -40.59 -14.03 -19.62
C GLN A 309 -39.65 -13.89 -20.82
N GLY A 310 -39.62 -14.91 -21.69
CA GLY A 310 -38.88 -14.83 -22.97
C GLY A 310 -37.52 -15.54 -22.99
N VAL A 311 -37.00 -15.87 -21.81
CA VAL A 311 -35.64 -16.40 -21.64
C VAL A 311 -35.56 -17.28 -20.39
N PHE A 312 -34.43 -17.96 -20.25
CA PHE A 312 -34.11 -18.81 -19.11
C PHE A 312 -32.68 -19.31 -19.28
N MET A 313 -32.19 -19.96 -18.24
CA MET A 313 -30.84 -20.40 -18.15
C MET A 313 -30.80 -21.88 -17.95
N THR A 314 -29.65 -22.47 -18.31
CA THR A 314 -29.40 -23.89 -18.01
C THR A 314 -28.13 -23.93 -17.28
N MET A 315 -28.10 -24.48 -16.08
CA MET A 315 -26.86 -24.60 -15.30
C MET A 315 -26.28 -25.96 -15.58
N VAL A 316 -24.95 -26.04 -15.59
CA VAL A 316 -24.22 -27.25 -15.85
C VAL A 316 -23.17 -27.29 -14.76
N GLN A 317 -23.15 -28.39 -14.02
CA GLN A 317 -22.23 -28.58 -12.92
C GLN A 317 -21.79 -30.03 -12.95
N LEU A 318 -20.54 -30.24 -13.32
CA LEU A 318 -19.89 -31.51 -13.25
C LEU A 318 -19.23 -31.63 -11.87
N PRO A 319 -18.71 -32.84 -11.50
CA PRO A 319 -18.06 -32.94 -10.19
C PRO A 319 -16.68 -32.37 -10.30
N ALA A 320 -16.13 -31.88 -9.19
CA ALA A 320 -14.74 -31.32 -9.18
C ALA A 320 -13.76 -32.34 -9.74
N GLY A 321 -12.71 -31.83 -10.39
CA GLY A 321 -11.74 -32.66 -11.13
C GLY A 321 -11.97 -32.64 -12.64
N ALA A 322 -13.24 -32.54 -13.05
CA ALA A 322 -13.63 -32.38 -14.46
C ALA A 322 -12.97 -31.20 -15.21
N THR A 323 -12.20 -31.51 -16.26
CA THR A 323 -11.61 -30.52 -17.22
C THR A 323 -12.62 -29.80 -18.16
N GLN A 324 -12.09 -28.78 -18.83
CA GLN A 324 -12.76 -27.99 -19.85
C GLN A 324 -13.40 -28.88 -20.90
N GLU A 325 -12.64 -29.85 -21.40
CA GLU A 325 -13.09 -30.85 -22.41
C GLU A 325 -14.39 -31.52 -21.95
N ARG A 326 -14.41 -32.08 -20.75
CA ARG A 326 -15.56 -32.80 -20.26
C ARG A 326 -16.79 -31.88 -20.05
N THR A 327 -16.55 -30.63 -19.65
CA THR A 327 -17.64 -29.67 -19.45
C THR A 327 -18.19 -29.22 -20.86
N GLN A 328 -17.32 -29.12 -21.84
CA GLN A 328 -17.71 -28.76 -23.22
C GLN A 328 -18.66 -29.79 -23.80
N LYS A 329 -18.34 -31.05 -23.60
CA LYS A 329 -19.14 -32.14 -24.10
C LYS A 329 -20.58 -32.03 -23.58
N VAL A 330 -20.75 -31.70 -22.29
CA VAL A 330 -22.08 -31.60 -21.71
C VAL A 330 -22.76 -30.36 -22.22
N LEU A 331 -22.00 -29.27 -22.39
CA LEU A 331 -22.55 -28.06 -22.97
C LEU A 331 -23.03 -28.29 -24.41
N ASN A 332 -22.24 -29.04 -25.19
CA ASN A 332 -22.62 -29.47 -26.53
C ASN A 332 -23.91 -30.29 -26.53
N GLU A 333 -24.07 -31.19 -25.58
CA GLU A 333 -25.34 -31.89 -25.52
C GLU A 333 -26.53 -30.94 -25.24
N VAL A 334 -26.33 -29.92 -24.39
CA VAL A 334 -27.41 -28.99 -24.01
C VAL A 334 -27.74 -28.11 -25.19
N THR A 335 -26.69 -27.59 -25.83
CA THR A 335 -26.82 -26.71 -26.99
C THR A 335 -27.48 -27.47 -28.16
N HIS A 336 -27.03 -28.71 -28.37
CA HIS A 336 -27.62 -29.58 -29.36
C HIS A 336 -29.12 -29.72 -29.13
N TYR A 337 -29.48 -29.96 -27.86
CA TYR A 337 -30.88 -30.15 -27.54
C TYR A 337 -31.74 -28.94 -27.94
N TYR A 338 -31.30 -27.72 -27.62
CA TYR A 338 -32.11 -26.53 -27.92
C TYR A 338 -32.16 -26.23 -29.43
N LEU A 339 -31.10 -26.55 -30.18
CA LEU A 339 -31.06 -26.30 -31.63
C LEU A 339 -31.64 -27.42 -32.48
N THR A 340 -31.88 -28.59 -31.90
CA THR A 340 -32.51 -29.68 -32.62
C THR A 340 -33.95 -29.91 -32.15
N LYS A 341 -34.14 -30.38 -30.93
CA LYS A 341 -35.49 -30.56 -30.37
C LYS A 341 -36.35 -29.30 -30.16
N GLU A 342 -35.77 -28.18 -29.73
CA GLU A 342 -36.59 -26.97 -29.44
C GLU A 342 -36.45 -25.86 -30.45
N LYS A 343 -35.91 -26.24 -31.60
CA LYS A 343 -35.77 -25.49 -32.85
C LYS A 343 -36.84 -24.48 -33.09
N ASN A 344 -38.11 -24.86 -32.90
CA ASN A 344 -39.24 -23.95 -33.20
C ASN A 344 -39.56 -22.97 -32.10
N ASN A 345 -39.00 -23.19 -30.91
CA ASN A 345 -39.15 -22.29 -29.79
C ASN A 345 -37.95 -21.35 -29.50
N VAL A 346 -36.74 -21.83 -29.78
CA VAL A 346 -35.50 -21.26 -29.24
C VAL A 346 -34.90 -20.42 -30.33
N GLU A 347 -34.71 -19.14 -30.04
CA GLU A 347 -34.04 -18.25 -30.96
C GLU A 347 -32.52 -18.40 -30.87
N SER A 348 -31.96 -18.44 -29.65
CA SER A 348 -30.52 -18.51 -29.45
C SER A 348 -30.11 -19.17 -28.17
N VAL A 349 -28.91 -19.71 -28.20
CA VAL A 349 -28.21 -20.17 -27.02
C VAL A 349 -26.83 -19.51 -26.96
N PHE A 350 -26.54 -18.81 -25.84
CA PHE A 350 -25.23 -18.27 -25.53
C PHE A 350 -24.70 -19.10 -24.37
N ALA A 351 -23.70 -19.93 -24.66
CA ALA A 351 -23.18 -20.91 -23.76
C ALA A 351 -21.74 -20.56 -23.31
N VAL A 352 -21.52 -20.64 -22.01
CA VAL A 352 -20.26 -20.20 -21.43
C VAL A 352 -19.70 -21.36 -20.70
N ASN A 353 -18.49 -21.74 -21.05
CA ASN A 353 -17.83 -22.87 -20.42
C ASN A 353 -16.81 -22.31 -19.46
N GLY A 354 -16.90 -22.66 -18.19
CA GLY A 354 -15.92 -22.24 -17.18
C GLY A 354 -16.47 -21.28 -16.11
N PHE A 355 -17.66 -20.77 -16.36
CA PHE A 355 -18.33 -19.89 -15.45
C PHE A 355 -19.70 -20.47 -15.21
N GLY A 356 -20.11 -20.63 -13.96
CA GLY A 356 -21.51 -21.01 -13.66
C GLY A 356 -22.14 -20.15 -12.59
N PHE A 357 -23.23 -20.66 -12.03
CA PHE A 357 -23.86 -20.01 -10.88
C PHE A 357 -22.90 -19.89 -9.69
N ALA A 358 -22.17 -20.97 -9.41
CA ALA A 358 -21.25 -21.06 -8.26
C ALA A 358 -20.03 -20.09 -8.27
N GLY A 359 -20.03 -19.11 -9.18
CA GLY A 359 -18.83 -18.39 -9.56
C GLY A 359 -18.16 -19.13 -10.72
N ARG A 360 -16.84 -19.28 -10.62
CA ARG A 360 -15.99 -19.62 -11.73
C ARG A 360 -15.29 -20.94 -11.39
N GLY A 361 -15.12 -21.82 -12.38
CA GLY A 361 -14.36 -23.09 -12.23
C GLY A 361 -14.32 -23.92 -13.50
N GLN A 362 -13.45 -24.91 -13.56
CA GLN A 362 -13.24 -25.65 -14.82
C GLN A 362 -14.40 -26.68 -15.12
N ASN A 363 -15.29 -26.90 -14.14
CA ASN A 363 -16.25 -27.97 -14.15
C ASN A 363 -17.65 -27.41 -14.16
N THR A 364 -17.80 -26.20 -14.69
CA THR A 364 -19.03 -25.49 -14.54
C THR A 364 -19.32 -24.72 -15.84
N GLY A 365 -20.59 -24.53 -16.14
CA GLY A 365 -20.95 -23.74 -17.28
C GLY A 365 -22.38 -23.30 -17.23
N ILE A 366 -22.78 -22.51 -18.20
CA ILE A 366 -24.09 -21.95 -18.19
C ILE A 366 -24.48 -21.62 -19.60
N ALA A 367 -25.77 -21.83 -19.89
CA ALA A 367 -26.39 -21.47 -21.14
C ALA A 367 -27.47 -20.49 -20.85
N PHE A 368 -27.45 -19.35 -21.53
CA PHE A 368 -28.52 -18.38 -21.51
C PHE A 368 -29.26 -18.68 -22.78
N VAL A 369 -30.56 -18.98 -22.66
CA VAL A 369 -31.44 -19.30 -23.75
C VAL A 369 -32.46 -18.21 -24.00
N SER A 370 -32.73 -17.95 -25.25
CA SER A 370 -33.62 -16.89 -25.60
C SER A 370 -34.61 -17.46 -26.61
N LEU A 371 -35.89 -17.23 -26.32
CA LEU A 371 -37.01 -17.77 -27.06
C LEU A 371 -37.47 -16.82 -28.16
N LYS A 372 -38.15 -17.37 -29.16
CA LYS A 372 -38.81 -16.52 -30.14
C LYS A 372 -39.96 -15.80 -29.42
N ASP A 373 -40.30 -14.64 -29.97
CA ASP A 373 -41.60 -13.95 -29.80
C ASP A 373 -42.75 -14.81 -29.18
N TRP A 374 -43.36 -14.33 -28.08
CA TRP A 374 -44.63 -14.87 -27.50
C TRP A 374 -45.58 -15.46 -28.59
N ALA A 375 -45.89 -14.64 -29.58
CA ALA A 375 -46.87 -14.98 -30.61
C ALA A 375 -46.34 -15.80 -31.81
N ASP A 376 -45.14 -16.40 -31.71
CA ASP A 376 -44.69 -17.49 -32.63
C ASP A 376 -44.62 -18.85 -31.92
N ARG A 377 -45.13 -18.90 -30.68
CA ARG A 377 -45.12 -20.10 -29.85
C ARG A 377 -46.54 -20.35 -29.26
N PRO A 378 -47.54 -20.57 -30.13
CA PRO A 378 -48.88 -20.84 -29.57
C PRO A 378 -48.95 -22.19 -28.84
N GLY A 379 -49.70 -22.25 -27.77
CA GLY A 379 -49.90 -23.50 -27.02
C GLY A 379 -49.14 -23.48 -25.72
N GLU A 380 -49.67 -24.21 -24.74
CA GLU A 380 -49.14 -24.24 -23.35
C GLU A 380 -47.86 -25.06 -23.22
N GLU A 381 -47.76 -26.14 -23.98
CA GLU A 381 -46.51 -26.89 -24.14
C GLU A 381 -45.36 -26.02 -24.76
N ASN A 382 -45.69 -24.91 -25.43
CA ASN A 382 -44.68 -24.00 -25.94
C ASN A 382 -44.32 -22.78 -25.09
N LYS A 383 -44.75 -22.73 -23.84
CA LYS A 383 -44.38 -21.62 -22.95
C LYS A 383 -43.22 -22.05 -22.10
N VAL A 384 -42.54 -21.04 -21.57
CA VAL A 384 -41.28 -21.17 -20.82
C VAL A 384 -41.30 -22.28 -19.78
N GLU A 385 -42.41 -22.41 -19.07
CA GLU A 385 -42.51 -23.42 -17.99
C GLU A 385 -42.49 -24.86 -18.55
N ALA A 386 -43.29 -25.11 -19.59
CA ALA A 386 -43.30 -26.43 -20.25
C ALA A 386 -41.92 -26.78 -20.90
N ILE A 387 -41.29 -25.76 -21.51
CA ILE A 387 -40.02 -25.95 -22.21
C ILE A 387 -38.93 -26.32 -21.22
N THR A 388 -38.84 -25.54 -20.18
CA THR A 388 -37.97 -25.76 -19.04
C THR A 388 -38.21 -27.13 -18.42
N MET A 389 -39.48 -27.43 -18.16
CA MET A 389 -39.85 -28.74 -17.63
C MET A 389 -39.24 -29.87 -18.51
N ARG A 390 -39.49 -29.81 -19.83
CA ARG A 390 -39.00 -30.82 -20.79
C ARG A 390 -37.51 -30.83 -20.90
N ALA A 391 -36.89 -29.64 -20.89
CA ALA A 391 -35.41 -29.58 -21.04
C ALA A 391 -34.74 -30.26 -19.84
N THR A 392 -35.27 -29.95 -18.65
CA THR A 392 -34.78 -30.54 -17.40
C THR A 392 -35.00 -32.03 -17.47
N ARG A 393 -36.17 -32.43 -17.93
CA ARG A 393 -36.40 -33.84 -18.04
C ARG A 393 -35.38 -34.46 -19.00
N ALA A 394 -35.16 -33.90 -20.19
CA ALA A 394 -34.23 -34.52 -21.14
C ALA A 394 -32.81 -34.61 -20.58
N PHE A 395 -32.38 -33.58 -19.84
CA PHE A 395 -31.02 -33.58 -19.25
C PHE A 395 -30.79 -34.48 -18.03
N SER A 396 -31.86 -34.79 -17.27
CA SER A 396 -31.82 -35.67 -16.07
C SER A 396 -31.04 -36.99 -16.27
N GLN A 397 -31.06 -37.51 -17.49
CA GLN A 397 -30.40 -38.77 -17.79
C GLN A 397 -28.89 -38.64 -17.97
N ILE A 398 -28.39 -37.41 -18.23
CA ILE A 398 -26.94 -37.15 -18.46
C ILE A 398 -26.16 -37.46 -17.19
N LYS A 399 -25.10 -38.25 -17.35
CA LYS A 399 -24.35 -38.78 -16.20
C LYS A 399 -23.09 -37.97 -15.88
N ASP A 400 -22.72 -38.00 -14.60
CA ASP A 400 -21.58 -37.20 -14.07
C ASP A 400 -21.87 -35.73 -14.42
N ALA A 401 -23.03 -35.25 -13.96
CA ALA A 401 -23.50 -33.92 -14.27
C ALA A 401 -24.84 -33.61 -13.69
N MET A 402 -24.98 -32.37 -13.30
CA MET A 402 -26.13 -31.86 -12.62
C MET A 402 -26.60 -30.72 -13.55
N VAL A 403 -27.47 -31.06 -14.49
CA VAL A 403 -27.90 -30.17 -15.52
C VAL A 403 -29.37 -29.89 -15.30
N PHE A 404 -29.74 -28.60 -15.16
CA PHE A 404 -31.09 -28.13 -14.80
C PHE A 404 -31.44 -26.91 -15.67
N ALA A 405 -32.66 -26.82 -16.16
CA ALA A 405 -33.14 -25.62 -16.85
C ALA A 405 -34.17 -25.00 -15.97
N PHE A 406 -34.16 -23.68 -15.88
CA PHE A 406 -35.04 -22.89 -15.01
C PHE A 406 -34.92 -21.39 -15.26
N ASN A 407 -35.93 -20.66 -14.82
CA ASN A 407 -36.20 -19.34 -15.33
C ASN A 407 -36.13 -18.25 -14.23
N LEU A 408 -35.02 -18.19 -13.49
CA LEU A 408 -34.78 -17.12 -12.45
C LEU A 408 -33.46 -17.41 -11.72
N ALA A 417 -37.72 -22.88 -3.43
CA ALA A 417 -38.57 -21.87 -2.81
C ALA A 417 -39.26 -22.37 -1.52
N THR A 418 -39.52 -23.69 -1.43
CA THR A 418 -40.03 -24.39 -0.19
C THR A 418 -38.95 -25.29 0.48
N GLY A 419 -37.70 -24.95 0.20
CA GLY A 419 -36.53 -25.68 0.66
C GLY A 419 -35.84 -24.96 1.79
N PHE A 420 -34.72 -25.51 2.20
CA PHE A 420 -34.01 -24.94 3.31
C PHE A 420 -32.54 -24.76 2.92
N ASP A 421 -31.86 -23.95 3.74
CA ASP A 421 -30.45 -23.55 3.51
C ASP A 421 -29.69 -23.64 4.82
N PHE A 422 -28.99 -24.75 4.97
CA PHE A 422 -28.38 -25.16 6.23
C PHE A 422 -26.87 -24.97 6.12
N GLU A 423 -26.23 -24.56 7.24
CA GLU A 423 -24.77 -24.44 7.33
C GLU A 423 -24.25 -25.33 8.41
N LEU A 424 -23.43 -26.30 8.03
CA LEU A 424 -22.69 -27.04 9.01
C LEU A 424 -21.36 -26.31 9.27
N ILE A 425 -21.09 -26.03 10.55
CA ILE A 425 -19.97 -25.17 10.97
C ILE A 425 -18.98 -25.93 11.89
N ASP A 426 -17.69 -25.77 11.63
CA ASP A 426 -16.62 -26.28 12.51
C ASP A 426 -16.41 -25.30 13.62
N GLN A 427 -16.88 -25.60 14.84
CA GLN A 427 -16.81 -24.63 15.99
C GLN A 427 -15.75 -24.97 17.05
N ALA A 428 -14.70 -25.70 16.66
CA ALA A 428 -13.72 -26.22 17.62
C ALA A 428 -12.33 -26.56 17.02
N GLY A 429 -12.02 -25.94 15.85
CA GLY A 429 -10.79 -26.20 15.13
C GLY A 429 -10.62 -27.63 14.64
N LEU A 430 -11.72 -28.32 14.35
CA LEU A 430 -11.62 -29.73 13.97
C LEU A 430 -10.89 -29.89 12.66
N GLY A 431 -11.02 -28.92 11.78
CA GLY A 431 -10.40 -28.98 10.48
C GLY A 431 -11.32 -29.58 9.42
N HIS A 432 -10.87 -29.42 8.18
CA HIS A 432 -11.65 -29.73 7.00
C HIS A 432 -12.01 -31.22 6.90
N GLU A 433 -11.08 -32.12 7.26
CA GLU A 433 -11.27 -33.58 7.04
C GLU A 433 -12.37 -34.08 7.99
N LYS A 434 -12.31 -33.70 9.26
CA LYS A 434 -13.39 -34.07 10.21
C LYS A 434 -14.70 -33.38 9.88
N LEU A 435 -14.65 -32.17 9.34
CA LEU A 435 -15.92 -31.50 9.02
C LEU A 435 -16.63 -32.25 7.86
N THR A 436 -15.88 -32.75 6.89
CA THR A 436 -16.38 -33.61 5.81
C THR A 436 -17.05 -34.90 6.40
N GLN A 437 -16.30 -35.63 7.24
CA GLN A 437 -16.79 -36.81 7.98
C GLN A 437 -18.12 -36.48 8.66
N ALA A 438 -18.16 -35.38 9.40
CA ALA A 438 -19.42 -34.94 10.00
C ALA A 438 -20.54 -34.59 8.98
N ARG A 439 -20.18 -33.97 7.85
CA ARG A 439 -21.19 -33.65 6.85
C ARG A 439 -21.85 -34.96 6.36
N ASN A 440 -21.00 -35.94 6.09
CA ASN A 440 -21.41 -37.25 5.59
C ASN A 440 -22.32 -38.01 6.56
N GLN A 441 -22.08 -37.86 7.85
CA GLN A 441 -22.87 -38.49 8.87
C GLN A 441 -24.24 -37.87 8.87
N LEU A 442 -24.33 -36.56 8.69
CA LEU A 442 -25.62 -35.91 8.62
C LEU A 442 -26.38 -36.19 7.31
N LEU A 443 -25.65 -36.41 6.23
CA LEU A 443 -26.27 -36.59 4.93
C LEU A 443 -26.86 -38.00 4.87
N ALA A 444 -26.07 -39.01 5.27
CA ALA A 444 -26.53 -40.42 5.37
C ALA A 444 -27.75 -40.63 6.33
N GLU A 445 -27.71 -39.94 7.46
CA GLU A 445 -28.80 -39.96 8.42
C GLU A 445 -30.05 -39.29 7.83
N ALA A 446 -29.91 -38.17 7.13
CA ALA A 446 -31.07 -37.51 6.49
C ALA A 446 -31.63 -38.35 5.31
N ALA A 447 -30.77 -39.15 4.69
CA ALA A 447 -31.18 -40.12 3.67
C ALA A 447 -32.11 -41.27 4.18
N LYS A 448 -32.19 -41.47 5.50
CA LYS A 448 -33.11 -42.45 6.07
C LYS A 448 -34.46 -41.86 6.44
N HIS A 449 -34.73 -40.57 6.15
CA HIS A 449 -36.05 -39.95 6.45
C HIS A 449 -36.74 -39.37 5.19
N PRO A 450 -37.07 -40.21 4.18
CA PRO A 450 -37.78 -39.68 3.02
C PRO A 450 -39.13 -39.06 3.31
N ASP A 451 -39.78 -39.55 4.35
CA ASP A 451 -41.07 -38.99 4.78
C ASP A 451 -41.05 -37.49 5.17
N MET A 452 -39.89 -36.98 5.60
CA MET A 452 -39.74 -35.55 5.94
C MET A 452 -38.77 -34.77 5.02
N LEU A 453 -37.75 -35.42 4.46
CA LEU A 453 -36.64 -34.73 3.76
C LEU A 453 -36.39 -35.31 2.38
N THR A 454 -36.40 -34.41 1.38
CA THR A 454 -36.12 -34.75 -0.01
C THR A 454 -34.85 -34.02 -0.47
N SER A 455 -34.00 -34.76 -1.21
CA SER A 455 -32.73 -34.32 -1.80
C SER A 455 -31.88 -33.35 -0.96
N VAL A 456 -31.34 -33.92 0.13
CA VAL A 456 -30.41 -33.26 1.04
C VAL A 456 -29.04 -33.57 0.48
N ARG A 457 -28.34 -32.50 0.16
CA ARG A 457 -27.15 -32.56 -0.70
C ARG A 457 -26.23 -31.38 -0.30
N PRO A 458 -24.92 -31.59 -0.44
CA PRO A 458 -24.06 -30.45 -0.25
C PRO A 458 -24.23 -29.49 -1.40
N ASN A 459 -24.17 -28.19 -1.13
CA ASN A 459 -24.03 -27.25 -2.24
C ASN A 459 -22.63 -27.11 -2.84
N GLY A 460 -21.60 -27.69 -2.18
CA GLY A 460 -20.20 -27.53 -2.55
C GLY A 460 -19.52 -28.64 -3.28
N LEU A 461 -18.21 -28.65 -3.25
CA LEU A 461 -17.40 -29.57 -4.05
C LEU A 461 -16.67 -30.57 -3.18
N GLU A 462 -16.29 -31.72 -3.76
CA GLU A 462 -15.57 -32.79 -3.07
C GLU A 462 -14.08 -32.59 -3.23
N ASP A 463 -13.31 -33.06 -2.25
CA ASP A 463 -11.84 -33.11 -2.37
C ASP A 463 -11.36 -33.83 -3.63
N THR A 464 -10.18 -33.48 -4.14
CA THR A 464 -9.62 -34.07 -5.34
C THR A 464 -8.17 -34.28 -5.13
N PRO A 465 -7.53 -35.15 -5.94
CA PRO A 465 -6.12 -35.38 -5.74
C PRO A 465 -5.31 -34.14 -5.98
N GLN A 466 -4.37 -33.86 -5.09
CA GLN A 466 -3.46 -32.75 -5.33
C GLN A 466 -2.05 -33.25 -5.12
N PHE A 467 -1.11 -32.52 -5.73
CA PHE A 467 0.29 -32.90 -5.82
C PHE A 467 1.07 -32.13 -4.74
N LYS A 468 1.48 -32.85 -3.70
CA LYS A 468 2.14 -32.25 -2.58
C LYS A 468 3.63 -32.33 -2.75
N ILE A 469 4.30 -31.17 -2.76
CA ILE A 469 5.74 -31.10 -2.93
C ILE A 469 6.45 -30.50 -1.71
N ASP A 470 7.43 -31.20 -1.15
CA ASP A 470 8.15 -30.75 0.04
C ASP A 470 9.53 -30.28 -0.40
N ILE A 471 9.87 -29.03 -0.13
CA ILE A 471 11.19 -28.51 -0.40
C ILE A 471 12.07 -28.94 0.77
N ASP A 472 13.15 -29.65 0.50
CA ASP A 472 14.12 -29.96 1.56
C ASP A 472 15.02 -28.75 1.82
N GLN A 473 14.76 -28.08 2.94
CA GLN A 473 15.51 -26.84 3.31
C GLN A 473 17.03 -27.12 3.44
N GLU A 474 17.39 -28.31 3.95
CA GLU A 474 18.79 -28.63 4.24
C GLU A 474 19.61 -28.85 2.97
N LYS A 475 19.01 -29.59 2.04
CA LYS A 475 19.57 -29.70 0.72
C LYS A 475 19.69 -28.34 0.02
N ALA A 476 18.63 -27.53 0.04
CA ALA A 476 18.66 -26.21 -0.58
C ALA A 476 19.80 -25.38 0.02
N GLN A 477 19.91 -25.41 1.34
CA GLN A 477 20.98 -24.66 2.00
C GLN A 477 22.38 -25.21 1.61
N ALA A 478 22.53 -26.51 1.60
CA ALA A 478 23.84 -27.10 1.23
C ALA A 478 24.30 -26.77 -0.21
N LEU A 479 23.34 -26.76 -1.13
CA LEU A 479 23.59 -26.49 -2.54
C LEU A 479 23.70 -24.99 -2.87
N GLY A 480 23.32 -24.13 -1.95
CA GLY A 480 23.39 -22.70 -2.15
C GLY A 480 22.28 -22.20 -3.05
N VAL A 481 21.15 -22.91 -3.04
CA VAL A 481 19.95 -22.52 -3.78
C VAL A 481 19.04 -21.85 -2.80
N SER A 482 18.59 -20.63 -3.10
CA SER A 482 17.70 -19.88 -2.19
C SER A 482 16.21 -20.24 -2.36
N ILE A 483 15.47 -20.10 -1.26
CA ILE A 483 14.08 -20.51 -1.17
C ILE A 483 13.20 -19.66 -2.07
N ASN A 484 13.51 -18.36 -2.18
CA ASN A 484 12.73 -17.47 -3.05
C ASN A 484 12.86 -17.87 -4.54
N ASP A 485 14.10 -18.18 -4.96
CA ASP A 485 14.36 -18.67 -6.32
C ASP A 485 13.59 -19.96 -6.59
N ILE A 486 13.58 -20.86 -5.60
CA ILE A 486 12.84 -22.11 -5.74
C ILE A 486 11.35 -21.81 -5.93
N ASN A 487 10.79 -21.00 -5.06
CA ASN A 487 9.36 -20.79 -5.10
C ASN A 487 8.91 -20.01 -6.31
N THR A 488 9.70 -19.05 -6.75
CA THR A 488 9.37 -18.29 -7.94
C THR A 488 9.45 -19.19 -9.17
N THR A 489 10.46 -20.03 -9.23
CA THR A 489 10.59 -20.91 -10.39
C THR A 489 9.41 -21.85 -10.43
N LEU A 490 9.06 -22.43 -9.30
CA LEU A 490 7.90 -23.31 -9.28
C LEU A 490 6.64 -22.56 -9.65
N GLY A 491 6.41 -21.42 -8.99
CA GLY A 491 5.15 -20.66 -9.16
C GLY A 491 5.01 -20.02 -10.52
N ALA A 492 6.02 -19.32 -10.96
CA ALA A 492 5.96 -18.72 -12.28
C ALA A 492 5.68 -19.76 -13.36
N ALA A 493 6.37 -20.90 -13.29
CA ALA A 493 6.37 -21.89 -14.34
C ALA A 493 5.00 -22.58 -14.38
N TRP A 494 4.48 -23.06 -13.24
CA TRP A 494 3.28 -23.92 -13.24
C TRP A 494 2.02 -23.17 -12.91
N GLY A 495 2.18 -22.01 -12.29
CA GLY A 495 1.04 -21.15 -11.97
C GLY A 495 0.88 -19.90 -12.81
N GLY A 496 1.97 -19.40 -13.34
CA GLY A 496 1.99 -18.08 -14.00
C GLY A 496 2.24 -16.94 -13.05
N SER A 497 2.87 -15.87 -13.53
CA SER A 497 3.18 -14.69 -12.74
C SER A 497 3.03 -13.42 -13.58
N TYR A 498 2.25 -12.52 -13.01
CA TYR A 498 2.06 -11.17 -13.45
C TYR A 498 3.34 -10.37 -13.10
N VAL A 499 4.09 -9.95 -14.10
CA VAL A 499 5.39 -9.34 -13.87
C VAL A 499 5.23 -7.83 -13.73
N ASN A 500 4.65 -7.20 -14.77
CA ASN A 500 4.34 -5.73 -14.82
C ASN A 500 3.40 -5.48 -15.99
N ASP A 501 3.17 -4.22 -16.33
CA ASP A 501 2.32 -3.84 -17.41
C ASP A 501 3.02 -3.41 -18.69
N PHE A 502 2.30 -3.42 -19.81
CA PHE A 502 2.81 -2.96 -21.09
C PHE A 502 1.68 -2.21 -21.76
N ILE A 503 1.88 -1.68 -22.96
CA ILE A 503 0.83 -0.93 -23.65
C ILE A 503 0.46 -1.59 -24.94
N ASP A 504 -0.77 -2.03 -25.04
CA ASP A 504 -1.22 -2.69 -26.26
C ASP A 504 -2.19 -1.80 -26.99
N ARG A 505 -1.81 -1.29 -28.19
CA ARG A 505 -2.72 -0.40 -28.97
C ARG A 505 -3.23 0.74 -28.08
N GLY A 506 -2.26 1.34 -27.37
CA GLY A 506 -2.52 2.47 -26.48
C GLY A 506 -3.17 2.20 -25.12
N ARG A 507 -3.45 0.93 -24.79
CA ARG A 507 -4.11 0.57 -23.54
C ARG A 507 -3.19 -0.20 -22.63
N VAL A 508 -3.12 0.17 -21.34
CA VAL A 508 -2.36 -0.59 -20.38
C VAL A 508 -2.93 -1.99 -20.19
N LYS A 509 -2.08 -3.01 -20.24
CA LYS A 509 -2.44 -4.43 -20.14
C LYS A 509 -1.35 -5.15 -19.36
N LYS A 510 -1.62 -6.36 -18.92
CA LYS A 510 -0.68 -7.10 -18.11
C LYS A 510 0.35 -7.90 -18.88
N VAL A 511 1.51 -8.18 -18.24
CA VAL A 511 2.52 -9.11 -18.79
C VAL A 511 2.62 -10.33 -17.89
N TYR A 512 2.54 -11.53 -18.45
CA TYR A 512 2.63 -12.80 -17.66
C TYR A 512 3.72 -13.74 -18.14
N VAL A 513 4.52 -14.28 -17.19
CA VAL A 513 5.38 -15.39 -17.52
C VAL A 513 4.77 -16.68 -17.00
N MET A 514 4.97 -17.75 -17.75
CA MET A 514 4.48 -19.08 -17.41
C MET A 514 5.18 -20.08 -18.32
N SER A 515 5.25 -21.31 -17.88
CA SER A 515 5.78 -22.36 -18.73
C SER A 515 4.87 -22.53 -19.93
N GLU A 516 5.48 -22.77 -21.07
CA GLU A 516 4.73 -23.28 -22.21
C GLU A 516 4.04 -24.58 -21.75
N ALA A 517 2.85 -24.84 -22.27
CA ALA A 517 1.98 -25.92 -21.80
C ALA A 517 2.67 -27.29 -21.68
N LYS A 518 3.43 -27.66 -22.70
CA LYS A 518 3.94 -29.03 -22.78
C LYS A 518 4.94 -29.36 -21.68
N TYR A 519 5.52 -28.33 -21.07
CA TYR A 519 6.47 -28.50 -19.96
C TYR A 519 5.87 -28.41 -18.55
N ARG A 520 4.56 -28.30 -18.43
CA ARG A 520 3.93 -28.27 -17.12
C ARG A 520 2.66 -29.11 -17.08
N MET A 521 2.75 -30.32 -17.66
CA MET A 521 1.60 -31.23 -17.83
C MET A 521 1.68 -32.47 -16.99
N LEU A 522 2.88 -33.01 -16.76
CA LEU A 522 3.02 -34.26 -16.02
C LEU A 522 3.99 -34.17 -14.84
N PRO A 523 3.79 -35.03 -13.78
CA PRO A 523 4.68 -34.98 -12.58
C PRO A 523 6.17 -35.00 -12.89
N ASP A 524 6.60 -35.78 -13.87
CA ASP A 524 8.03 -35.81 -14.29
C ASP A 524 8.58 -34.49 -14.85
N ASP A 525 7.70 -33.59 -15.31
CA ASP A 525 8.12 -32.28 -15.76
C ASP A 525 8.71 -31.44 -14.61
N ILE A 526 8.33 -31.72 -13.35
CA ILE A 526 8.94 -31.03 -12.21
C ILE A 526 10.46 -31.15 -12.25
N GLY A 527 10.95 -32.31 -12.68
CA GLY A 527 12.40 -32.53 -12.70
C GLY A 527 13.19 -31.81 -13.77
N ASP A 528 12.52 -31.31 -14.82
CA ASP A 528 13.17 -30.61 -15.92
C ASP A 528 13.42 -29.11 -15.68
N TRP A 529 12.87 -28.56 -14.60
CA TRP A 529 13.04 -27.16 -14.24
C TRP A 529 14.24 -27.02 -13.33
N TYR A 530 15.14 -26.12 -13.71
CA TYR A 530 16.41 -25.83 -12.99
C TYR A 530 16.37 -24.48 -12.30
N VAL A 531 17.07 -24.41 -11.17
CA VAL A 531 17.26 -23.20 -10.39
C VAL A 531 18.77 -23.03 -10.33
N ARG A 532 19.24 -21.78 -10.30
CA ARG A 532 20.68 -21.50 -10.32
C ARG A 532 21.15 -21.29 -8.87
N ALA A 533 22.24 -21.93 -8.50
CA ALA A 533 22.83 -21.76 -7.16
C ALA A 533 23.72 -20.52 -7.10
N ALA A 534 24.11 -20.16 -5.87
CA ALA A 534 25.03 -19.04 -5.57
C ALA A 534 26.41 -19.19 -6.21
N ASP A 535 26.82 -20.42 -6.46
CA ASP A 535 28.10 -20.73 -7.06
C ASP A 535 28.02 -20.93 -8.59
N GLY A 536 26.85 -20.63 -9.17
CA GLY A 536 26.64 -20.62 -10.62
C GLY A 536 26.11 -21.92 -11.19
N GLN A 537 26.07 -22.97 -10.37
CA GLN A 537 25.61 -24.31 -10.80
C GLN A 537 24.09 -24.39 -11.00
N MET A 538 23.71 -25.12 -12.03
CA MET A 538 22.30 -25.39 -12.33
C MET A 538 21.87 -26.67 -11.59
N VAL A 539 20.83 -26.54 -10.77
CA VAL A 539 20.36 -27.62 -9.88
C VAL A 539 18.93 -27.96 -10.26
N PRO A 540 18.65 -29.24 -10.61
CA PRO A 540 17.29 -29.56 -10.98
C PRO A 540 16.41 -29.61 -9.75
N PHE A 541 15.14 -29.39 -9.98
CA PHE A 541 14.15 -29.37 -8.90
C PHE A 541 14.13 -30.69 -8.15
N SER A 542 14.36 -31.77 -8.87
CA SER A 542 14.39 -33.06 -8.27
C SER A 542 15.48 -33.19 -7.15
N ALA A 543 16.58 -32.45 -7.21
CA ALA A 543 17.63 -32.60 -6.20
C ALA A 543 17.27 -32.11 -4.78
N PHE A 544 16.24 -31.24 -4.64
CA PHE A 544 15.89 -30.68 -3.35
C PHE A 544 14.41 -30.78 -3.03
N SER A 545 13.67 -31.62 -3.73
CA SER A 545 12.24 -31.78 -3.47
C SER A 545 11.82 -33.23 -3.52
N SER A 546 10.72 -33.52 -2.86
CA SER A 546 10.06 -34.83 -2.93
C SER A 546 8.59 -34.55 -3.04
N SER A 547 7.83 -35.50 -3.59
CA SER A 547 6.42 -35.32 -3.80
C SER A 547 5.57 -36.56 -3.62
N ARG A 548 4.29 -36.33 -3.39
CA ARG A 548 3.35 -37.42 -3.20
C ARG A 548 1.94 -36.95 -3.51
N TRP A 549 1.03 -37.87 -3.82
CA TRP A 549 -0.36 -37.50 -3.98
C TRP A 549 -1.04 -37.45 -2.65
N GLU A 550 -2.05 -36.60 -2.56
CA GLU A 550 -2.83 -36.44 -1.32
C GLU A 550 -4.16 -35.93 -1.78
N TYR A 551 -5.16 -35.91 -0.92
CA TYR A 551 -6.43 -35.21 -1.23
C TYR A 551 -6.48 -33.81 -0.56
N GLY A 552 -7.24 -32.89 -1.14
CA GLY A 552 -7.58 -31.59 -0.51
C GLY A 552 -8.76 -30.92 -1.22
N SER A 553 -9.21 -29.79 -0.72
CA SER A 553 -10.44 -29.18 -1.22
C SER A 553 -10.21 -28.21 -2.34
N PRO A 554 -11.06 -28.21 -3.37
CA PRO A 554 -10.91 -27.17 -4.34
C PRO A 554 -11.86 -25.99 -4.08
N ARG A 555 -12.79 -26.08 -3.11
CA ARG A 555 -13.61 -24.94 -2.70
C ARG A 555 -13.85 -25.07 -1.21
N LEU A 556 -13.14 -24.24 -0.44
CA LEU A 556 -13.29 -24.16 1.01
C LEU A 556 -14.31 -23.10 1.35
N GLU A 557 -15.32 -23.46 2.15
CA GLU A 557 -16.41 -22.51 2.51
C GLU A 557 -16.28 -22.07 3.96
N ARG A 558 -16.83 -20.89 4.26
CA ARG A 558 -16.81 -20.33 5.56
C ARG A 558 -18.12 -19.59 5.82
N TYR A 559 -18.59 -19.69 7.05
CA TYR A 559 -19.84 -19.02 7.40
C TYR A 559 -19.61 -18.29 8.71
N ASN A 560 -19.85 -17.00 8.66
CA ASN A 560 -19.51 -16.09 9.72
C ASN A 560 -18.08 -16.26 10.24
N GLY A 561 -17.11 -16.48 9.33
CA GLY A 561 -15.73 -16.54 9.75
C GLY A 561 -15.24 -17.91 10.23
N LEU A 562 -16.12 -18.94 10.28
CA LEU A 562 -15.66 -20.31 10.58
C LEU A 562 -15.83 -21.31 9.43
N PRO A 563 -14.97 -22.36 9.36
CA PRO A 563 -15.16 -23.34 8.30
C PRO A 563 -16.57 -23.91 8.30
N SER A 564 -17.12 -24.07 7.10
CA SER A 564 -18.50 -24.44 6.94
C SER A 564 -18.76 -25.29 5.69
N MET A 565 -19.91 -25.96 5.66
CA MET A 565 -20.33 -26.73 4.49
C MET A 565 -21.79 -26.51 4.37
N GLU A 566 -22.19 -25.88 3.27
CA GLU A 566 -23.61 -25.54 3.03
C GLU A 566 -24.39 -26.78 2.57
N ILE A 567 -25.48 -27.07 3.24
CA ILE A 567 -26.36 -28.15 2.85
C ILE A 567 -27.70 -27.59 2.47
N LEU A 568 -28.16 -27.96 1.27
CA LEU A 568 -29.51 -27.65 0.78
C LEU A 568 -30.44 -28.89 0.83
N GLY A 569 -31.74 -28.60 0.83
CA GLY A 569 -32.79 -29.62 0.70
C GLY A 569 -34.21 -29.05 0.70
N GLN A 570 -35.20 -29.96 0.67
CA GLN A 570 -36.66 -29.63 0.68
C GLN A 570 -37.42 -30.26 1.84
N ALA A 571 -38.46 -29.53 2.28
CA ALA A 571 -39.62 -30.18 2.93
C ALA A 571 -40.22 -31.27 2.00
N ALA A 572 -40.37 -32.49 2.51
CA ALA A 572 -41.11 -33.56 1.78
C ALA A 572 -42.56 -33.15 1.46
N PRO A 573 -43.21 -33.86 0.50
CA PRO A 573 -44.53 -33.35 0.00
C PRO A 573 -45.57 -33.07 1.12
N GLY A 574 -46.02 -31.81 1.19
CA GLY A 574 -47.01 -31.36 2.18
C GLY A 574 -46.53 -30.91 3.56
N LYS A 575 -45.49 -31.56 4.10
CA LYS A 575 -44.91 -31.25 5.43
C LYS A 575 -44.28 -29.85 5.35
N SER A 576 -44.34 -29.04 6.42
CA SER A 576 -43.87 -27.61 6.34
C SER A 576 -42.34 -27.43 6.43
N THR A 577 -41.85 -26.26 6.00
CA THR A 577 -40.42 -25.99 6.13
C THR A 577 -40.04 -26.12 7.62
N GLY A 578 -40.73 -25.38 8.50
CA GLY A 578 -40.61 -25.50 9.97
C GLY A 578 -40.39 -26.90 10.57
N GLU A 579 -41.14 -27.88 10.05
CA GLU A 579 -41.05 -29.29 10.47
C GLU A 579 -39.79 -29.98 9.89
N ALA A 580 -39.42 -29.62 8.65
CA ALA A 580 -38.17 -30.12 8.05
C ALA A 580 -36.90 -29.55 8.75
N MET A 581 -36.89 -28.25 8.99
CA MET A 581 -35.79 -27.63 9.74
C MET A 581 -35.63 -28.32 11.12
N GLU A 582 -36.76 -28.49 11.83
CA GLU A 582 -36.78 -29.07 13.18
C GLU A 582 -36.18 -30.47 13.19
N LEU A 583 -36.44 -31.27 12.16
CA LEU A 583 -35.73 -32.55 12.02
C LEU A 583 -34.25 -32.39 11.83
N MET A 584 -33.88 -31.49 10.92
CA MET A 584 -32.46 -31.27 10.56
C MET A 584 -31.67 -30.87 11.83
N GLU A 585 -32.29 -30.07 12.70
CA GLU A 585 -31.73 -29.75 14.05
C GLU A 585 -31.58 -30.96 15.03
N GLN A 586 -32.51 -31.92 14.94
CA GLN A 586 -32.44 -33.15 15.72
C GLN A 586 -31.29 -34.01 15.24
N LEU A 587 -31.19 -34.20 13.93
CA LEU A 587 -30.05 -34.92 13.37
C LEU A 587 -28.74 -34.18 13.70
N ALA A 588 -28.71 -32.85 13.55
CA ALA A 588 -27.48 -32.07 13.83
C ALA A 588 -26.97 -32.24 15.24
N SER A 589 -27.91 -32.35 16.20
CA SER A 589 -27.57 -32.60 17.62
C SER A 589 -26.80 -33.91 17.96
N LYS A 590 -26.81 -34.92 17.09
CA LYS A 590 -26.03 -36.14 17.30
C LYS A 590 -24.65 -36.10 16.65
N LEU A 591 -24.19 -34.95 16.18
CA LEU A 591 -22.96 -34.93 15.38
C LEU A 591 -21.78 -34.81 16.34
N PRO A 592 -20.53 -35.11 15.92
CA PRO A 592 -19.47 -35.04 16.93
C PRO A 592 -19.37 -33.66 17.60
N THR A 593 -18.86 -33.67 18.83
CA THR A 593 -18.50 -32.48 19.59
C THR A 593 -17.66 -31.54 18.75
N GLY A 594 -18.04 -30.28 18.80
CA GLY A 594 -17.34 -29.22 18.08
C GLY A 594 -18.05 -28.80 16.80
N VAL A 595 -18.99 -29.63 16.33
CA VAL A 595 -19.76 -29.36 15.12
C VAL A 595 -21.13 -28.81 15.49
N GLY A 596 -21.40 -27.60 15.01
CA GLY A 596 -22.66 -26.87 15.17
C GLY A 596 -23.24 -26.57 13.81
N TYR A 597 -24.20 -25.65 13.79
CA TYR A 597 -24.98 -25.37 12.59
C TYR A 597 -25.65 -23.99 12.71
N ASP A 598 -26.11 -23.45 11.61
CA ASP A 598 -26.93 -22.25 11.62
C ASP A 598 -27.85 -22.27 10.38
N TRP A 599 -28.85 -21.42 10.35
CA TRP A 599 -29.70 -21.33 9.15
C TRP A 599 -29.40 -20.03 8.40
N THR A 600 -29.24 -20.10 7.07
CA THR A 600 -28.96 -18.92 6.23
C THR A 600 -30.05 -18.74 5.15
N GLY A 601 -29.93 -17.68 4.34
CA GLY A 601 -30.81 -17.41 3.17
C GLY A 601 -32.31 -17.52 3.43
N MET A 602 -33.00 -18.35 2.65
CA MET A 602 -34.46 -18.52 2.79
C MET A 602 -34.83 -19.01 4.21
N SER A 603 -33.95 -19.79 4.85
CA SER A 603 -34.20 -20.29 6.20
C SER A 603 -33.96 -19.30 7.35
N TYR A 604 -33.18 -18.24 7.14
CA TYR A 604 -32.85 -17.29 8.21
C TYR A 604 -34.09 -16.73 8.92
N GLN A 605 -35.11 -16.37 8.13
CA GLN A 605 -36.37 -15.79 8.65
C GLN A 605 -37.43 -16.88 8.95
N ALA B 1 -25.47 23.29 -10.45
CA ALA B 1 -24.37 22.87 -11.40
C ALA B 1 -24.09 21.39 -11.21
N PRO B 2 -23.55 20.71 -12.25
CA PRO B 2 -23.16 19.31 -12.00
C PRO B 2 -21.96 19.27 -11.06
N PRO B 3 -22.01 18.47 -9.99
CA PRO B 3 -20.83 18.47 -9.16
C PRO B 3 -19.68 17.65 -9.80
N ALA B 4 -18.47 18.10 -9.53
CA ALA B 4 -17.27 17.49 -10.05
C ALA B 4 -16.35 17.06 -8.89
N VAL B 5 -15.85 15.84 -8.95
CA VAL B 5 -14.83 15.38 -8.03
C VAL B 5 -13.49 15.33 -8.77
N THR B 6 -12.42 15.77 -8.11
CA THR B 6 -11.15 15.90 -8.76
C THR B 6 -10.12 15.01 -8.10
N ILE B 7 -9.43 14.17 -8.86
CA ILE B 7 -8.30 13.41 -8.35
C ILE B 7 -6.97 14.06 -8.82
N SER B 8 -6.02 14.31 -7.93
CA SER B 8 -4.74 14.86 -8.31
C SER B 8 -3.70 13.96 -7.81
N ALA B 9 -2.70 13.69 -8.64
CA ALA B 9 -1.55 12.92 -8.24
C ALA B 9 -0.27 13.40 -8.97
N SER B 10 0.86 12.97 -8.45
CA SER B 10 2.12 13.59 -8.88
C SER B 10 3.23 12.58 -8.92
N TYR B 11 4.13 12.71 -9.91
CA TYR B 11 5.24 11.78 -10.09
C TYR B 11 6.45 12.67 -10.44
N PRO B 12 7.32 12.94 -9.48
CA PRO B 12 8.37 13.90 -9.74
C PRO B 12 9.33 13.46 -10.83
N GLY B 13 9.57 14.37 -11.81
CA GLY B 13 10.46 14.09 -12.94
C GLY B 13 9.90 13.25 -14.07
N ALA B 14 8.61 12.89 -14.03
CA ALA B 14 7.97 12.14 -15.10
C ALA B 14 7.42 13.06 -16.20
N ASP B 15 7.53 12.59 -17.43
CA ASP B 15 6.90 13.19 -18.58
C ASP B 15 5.43 12.73 -18.65
N ALA B 16 4.67 13.39 -19.50
CA ALA B 16 3.21 13.16 -19.67
C ALA B 16 2.83 11.69 -19.92
N LYS B 17 3.56 11.08 -20.84
CA LYS B 17 3.37 9.73 -21.29
C LYS B 17 3.60 8.78 -20.13
N THR B 18 4.69 8.97 -19.40
CA THR B 18 4.94 8.15 -18.21
C THR B 18 3.78 8.28 -17.22
N VAL B 19 3.38 9.52 -16.96
CA VAL B 19 2.30 9.75 -16.00
C VAL B 19 1.02 9.07 -16.52
N GLN B 20 0.67 9.31 -17.78
CA GLN B 20 -0.53 8.73 -18.36
C GLN B 20 -0.55 7.18 -18.26
N ASP B 21 0.58 6.55 -18.59
CA ASP B 21 0.66 5.09 -18.70
C ASP B 21 0.98 4.27 -17.41
N THR B 22 1.43 4.93 -16.34
CA THR B 22 1.63 4.28 -15.07
C THR B 22 0.63 4.72 -14.05
N VAL B 23 -0.04 5.84 -14.29
CA VAL B 23 -0.97 6.41 -13.35
C VAL B 23 -2.42 6.62 -13.89
N THR B 24 -2.56 7.49 -14.90
CA THR B 24 -3.84 7.92 -15.37
C THR B 24 -4.73 6.80 -15.87
N GLN B 25 -4.21 6.02 -16.79
CA GLN B 25 -4.93 4.85 -17.26
C GLN B 25 -5.35 3.89 -16.15
N VAL B 26 -4.45 3.62 -15.22
CA VAL B 26 -4.68 2.68 -14.13
C VAL B 26 -5.83 3.17 -13.26
N ILE B 27 -5.79 4.43 -12.85
CA ILE B 27 -6.90 4.99 -12.07
C ILE B 27 -8.20 4.95 -12.91
N GLU B 28 -8.18 5.48 -14.14
CA GLU B 28 -9.36 5.45 -15.02
C GLU B 28 -10.02 4.05 -15.10
N GLN B 29 -9.18 3.00 -15.20
CA GLN B 29 -9.66 1.64 -15.44
C GLN B 29 -10.43 1.05 -14.24
N ASN B 30 -10.26 1.70 -13.09
CA ASN B 30 -10.76 1.27 -11.82
C ASN B 30 -11.79 2.21 -11.20
N MET B 31 -12.35 3.10 -12.02
CA MET B 31 -13.41 4.01 -11.61
C MET B 31 -14.81 3.48 -11.94
N ASN B 32 -14.99 2.19 -11.70
CA ASN B 32 -16.25 1.47 -11.96
C ASN B 32 -17.08 1.40 -10.70
N GLY B 33 -18.35 1.19 -10.90
CA GLY B 33 -19.26 0.90 -9.81
C GLY B 33 -19.55 2.10 -8.97
N ILE B 34 -19.35 3.29 -9.54
CA ILE B 34 -19.61 4.57 -8.89
C ILE B 34 -20.94 5.06 -9.47
N ASP B 35 -21.83 5.55 -8.61
CA ASP B 35 -23.18 5.97 -9.06
C ASP B 35 -23.16 7.36 -9.67
N ASN B 36 -24.01 7.54 -10.67
CA ASN B 36 -24.34 8.83 -11.23
C ASN B 36 -23.17 9.58 -11.92
N LEU B 37 -22.15 8.87 -12.36
CA LEU B 37 -21.09 9.50 -13.14
C LEU B 37 -21.56 9.85 -14.59
N MET B 38 -21.61 11.14 -14.95
CA MET B 38 -22.00 11.54 -16.30
C MET B 38 -20.86 11.30 -17.27
N TYR B 39 -19.67 11.79 -16.88
CA TYR B 39 -18.45 11.66 -17.68
C TYR B 39 -17.16 11.95 -16.87
N MET B 40 -16.02 11.63 -17.45
CA MET B 40 -14.71 11.63 -16.80
C MET B 40 -13.73 12.23 -17.79
N SER B 41 -12.82 13.08 -17.33
CA SER B 41 -11.76 13.58 -18.20
C SER B 41 -10.44 13.69 -17.43
N SER B 42 -9.32 13.77 -18.14
CA SER B 42 -8.07 13.82 -17.47
C SER B 42 -7.00 14.47 -18.27
N ASN B 43 -6.02 15.00 -17.55
CA ASN B 43 -4.80 15.50 -18.09
C ASN B 43 -3.67 14.83 -17.43
N SER B 44 -2.68 14.47 -18.23
CA SER B 44 -1.43 13.91 -17.82
C SER B 44 -0.35 14.82 -18.45
N ASP B 45 0.46 15.46 -17.61
CA ASP B 45 1.33 16.55 -17.99
C ASP B 45 2.81 16.25 -17.77
N SER B 46 3.65 17.03 -18.47
CA SER B 46 5.11 16.93 -18.36
C SER B 46 5.74 17.67 -17.18
N THR B 47 4.88 18.22 -16.33
CA THR B 47 5.28 18.58 -14.99
C THR B 47 5.20 17.43 -13.98
N GLY B 48 4.81 16.23 -14.40
CA GLY B 48 4.69 15.13 -13.48
C GLY B 48 3.35 15.06 -12.80
N THR B 49 2.30 15.57 -13.42
CA THR B 49 1.04 15.83 -12.75
C THR B 49 -0.12 15.24 -13.50
N VAL B 50 -1.06 14.65 -12.77
CA VAL B 50 -2.32 14.22 -13.31
C VAL B 50 -3.50 14.84 -12.59
N GLN B 51 -4.46 15.31 -13.38
CA GLN B 51 -5.75 15.66 -12.86
C GLN B 51 -6.84 14.90 -13.56
N ILE B 52 -7.64 14.14 -12.80
CA ILE B 52 -8.83 13.46 -13.33
C ILE B 52 -10.10 14.15 -12.77
N THR B 53 -11.02 14.58 -13.65
CA THR B 53 -12.26 15.24 -13.25
C THR B 53 -13.43 14.31 -13.50
N LEU B 54 -14.13 13.95 -12.44
CA LEU B 54 -15.29 13.11 -12.56
C LEU B 54 -16.51 13.95 -12.26
N THR B 55 -17.35 14.11 -13.28
CA THR B 55 -18.46 15.01 -13.24
C THR B 55 -19.72 14.13 -13.09
N PHE B 56 -20.59 14.49 -12.15
CA PHE B 56 -21.73 13.72 -11.74
C PHE B 56 -23.04 14.33 -12.27
N GLU B 57 -24.09 13.50 -12.43
CA GLU B 57 -25.44 13.98 -12.77
C GLU B 57 -25.87 15.10 -11.84
N SER B 58 -26.64 16.03 -12.38
CA SER B 58 -27.20 17.10 -11.56
C SER B 58 -28.05 16.51 -10.42
N GLY B 59 -27.95 17.13 -9.26
CA GLY B 59 -28.62 16.64 -8.07
C GLY B 59 -27.87 15.60 -7.24
N THR B 60 -26.69 15.12 -7.69
CA THR B 60 -25.94 14.06 -6.96
C THR B 60 -25.47 14.62 -5.61
N ASP B 61 -25.52 13.84 -4.48
CA ASP B 61 -24.91 14.24 -3.14
C ASP B 61 -23.37 14.17 -3.38
N ALA B 62 -22.71 15.33 -3.45
CA ALA B 62 -21.27 15.41 -3.62
C ALA B 62 -20.46 14.66 -2.54
N ASP B 63 -20.96 14.62 -1.31
CA ASP B 63 -20.42 13.77 -0.22
C ASP B 63 -20.24 12.34 -0.65
N ILE B 64 -21.28 11.78 -1.24
CA ILE B 64 -21.37 10.37 -1.57
C ILE B 64 -20.48 10.11 -2.79
N ALA B 65 -20.56 11.00 -3.77
CA ALA B 65 -19.70 10.91 -4.95
C ALA B 65 -18.23 10.93 -4.56
N GLN B 66 -17.85 11.84 -3.66
CA GLN B 66 -16.44 11.91 -3.25
C GLN B 66 -15.99 10.58 -2.60
N VAL B 67 -16.81 10.07 -1.70
CA VAL B 67 -16.53 8.83 -0.97
C VAL B 67 -16.41 7.66 -1.94
N GLN B 68 -17.35 7.52 -2.85
CA GLN B 68 -17.35 6.39 -3.78
C GLN B 68 -16.06 6.47 -4.56
N VAL B 69 -15.72 7.66 -5.04
CA VAL B 69 -14.48 7.84 -5.80
C VAL B 69 -13.24 7.45 -4.99
N GLN B 70 -13.19 7.95 -3.74
CA GLN B 70 -12.02 7.76 -2.85
C GLN B 70 -11.86 6.33 -2.55
N ASN B 71 -12.99 5.66 -2.34
CA ASN B 71 -12.92 4.21 -2.07
C ASN B 71 -12.40 3.43 -3.24
N LYS B 72 -12.83 3.74 -4.47
CA LYS B 72 -12.29 3.09 -5.66
C LYS B 72 -10.83 3.37 -5.86
N LEU B 73 -10.47 4.63 -5.62
CA LEU B 73 -9.09 5.01 -5.77
C LEU B 73 -8.20 4.23 -4.81
N GLN B 74 -8.63 4.16 -3.55
CA GLN B 74 -7.97 3.32 -2.52
C GLN B 74 -7.70 1.88 -2.97
N LEU B 75 -8.63 1.23 -3.65
CA LEU B 75 -8.36 -0.17 -4.07
C LEU B 75 -7.43 -0.24 -5.28
N ALA B 76 -7.25 0.90 -5.99
CA ALA B 76 -6.28 1.01 -7.08
C ALA B 76 -4.93 1.51 -6.61
N MET B 77 -4.80 2.09 -5.41
CA MET B 77 -3.50 2.60 -4.94
C MET B 77 -2.34 1.63 -5.07
N PRO B 78 -2.55 0.33 -4.80
CA PRO B 78 -1.44 -0.63 -4.90
C PRO B 78 -0.90 -0.87 -6.29
N LEU B 79 -1.68 -0.44 -7.32
CA LEU B 79 -1.31 -0.61 -8.69
C LEU B 79 -0.47 0.57 -9.16
N LEU B 80 -0.36 1.64 -8.35
CA LEU B 80 0.35 2.82 -8.78
C LEU B 80 1.81 2.71 -8.35
N PRO B 81 2.69 3.42 -9.06
CA PRO B 81 4.09 3.46 -8.67
C PRO B 81 4.25 3.99 -7.22
N GLN B 82 5.21 3.41 -6.50
CA GLN B 82 5.65 3.78 -5.16
C GLN B 82 5.94 5.30 -5.08
N GLU B 83 6.56 5.86 -6.13
CA GLU B 83 6.86 7.29 -6.22
C GLU B 83 5.61 8.15 -6.22
N VAL B 84 4.51 7.63 -6.77
CA VAL B 84 3.26 8.41 -6.78
C VAL B 84 2.52 8.24 -5.46
N GLN B 85 2.39 7.00 -5.00
CA GLN B 85 1.72 6.73 -3.75
C GLN B 85 2.30 7.59 -2.63
N GLN B 86 3.65 7.68 -2.59
CA GLN B 86 4.33 8.33 -1.48
C GLN B 86 4.24 9.86 -1.54
N GLN B 87 3.89 10.45 -2.69
CA GLN B 87 3.51 11.87 -2.73
C GLN B 87 2.17 12.13 -2.09
N GLY B 88 1.34 11.11 -1.94
CA GLY B 88 0.01 11.35 -1.38
C GLY B 88 -0.98 11.86 -2.41
N VAL B 89 -1.94 11.02 -2.77
CA VAL B 89 -2.92 11.36 -3.80
C VAL B 89 -4.05 12.13 -3.14
N SER B 90 -4.54 13.19 -3.79
CA SER B 90 -5.64 13.93 -3.23
C SER B 90 -6.93 13.81 -4.03
N VAL B 91 -8.04 13.82 -3.30
CA VAL B 91 -9.35 13.82 -3.89
C VAL B 91 -10.25 14.92 -3.33
N GLU B 92 -10.78 15.76 -4.23
CA GLU B 92 -11.52 16.96 -3.81
C GLU B 92 -12.90 17.13 -4.47
N LYS B 93 -13.82 17.72 -3.72
CA LYS B 93 -15.16 18.02 -4.21
C LYS B 93 -15.25 19.52 -4.13
N SER B 94 -14.86 20.21 -5.19
CA SER B 94 -14.95 21.67 -5.13
C SER B 94 -15.22 22.30 -6.45
N SER B 95 -15.70 23.53 -6.35
CA SER B 95 -15.69 24.47 -7.43
C SER B 95 -14.32 24.53 -8.09
N SER B 96 -14.34 24.70 -9.40
CA SER B 96 -13.12 24.96 -10.15
C SER B 96 -12.58 26.41 -9.96
N SER B 97 -13.42 27.40 -9.70
CA SER B 97 -13.00 28.79 -9.44
C SER B 97 -12.63 29.11 -7.99
N PHE B 98 -11.93 30.25 -7.79
CA PHE B 98 -11.53 30.70 -6.47
C PHE B 98 -12.57 31.55 -5.73
N LEU B 99 -12.73 31.27 -4.45
CA LEU B 99 -13.55 32.04 -3.52
C LEU B 99 -12.77 33.26 -3.08
N MET B 100 -11.55 33.03 -2.63
CA MET B 100 -10.69 34.09 -2.19
C MET B 100 -9.23 33.70 -2.30
N VAL B 101 -8.40 34.73 -2.17
CA VAL B 101 -6.95 34.57 -2.13
C VAL B 101 -6.46 35.25 -0.88
N VAL B 102 -5.67 34.51 -0.11
CA VAL B 102 -4.96 35.09 0.97
C VAL B 102 -3.56 35.33 0.53
N GLY B 103 -3.18 36.60 0.48
CA GLY B 103 -1.86 37.01 0.17
C GLY B 103 -1.03 37.24 1.41
N VAL B 104 0.27 36.97 1.28
CA VAL B 104 1.19 37.18 2.36
C VAL B 104 2.44 37.85 1.83
N ILE B 105 2.77 38.99 2.45
CA ILE B 105 4.00 39.77 2.09
C ILE B 105 4.90 40.06 3.30
N ASN B 106 6.14 40.45 3.02
CA ASN B 106 6.99 41.00 4.04
C ASN B 106 7.28 42.51 3.91
N THR B 107 6.46 43.33 4.59
CA THR B 107 6.57 44.81 4.57
C THR B 107 7.98 45.37 4.91
N ASP B 108 8.75 44.67 5.74
CA ASP B 108 10.17 45.00 6.03
C ASP B 108 11.21 44.35 5.11
N GLY B 109 10.85 43.92 3.90
CA GLY B 109 11.70 42.95 3.15
C GLY B 109 12.75 42.12 3.93
N THR B 110 12.37 41.47 5.03
CA THR B 110 13.29 40.53 5.77
C THR B 110 13.36 39.11 5.20
N MET B 111 12.36 38.77 4.35
CA MET B 111 12.10 37.38 3.87
C MET B 111 11.87 37.42 2.36
N THR B 112 12.49 36.49 1.65
CA THR B 112 12.30 36.36 0.19
C THR B 112 10.98 35.68 -0.15
N GLN B 113 10.68 35.61 -1.44
CA GLN B 113 9.53 34.86 -1.94
C GLN B 113 9.57 33.41 -1.38
N GLU B 114 10.78 32.82 -1.30
CA GLU B 114 10.96 31.41 -0.95
C GLU B 114 10.71 31.22 0.53
N ASP B 115 11.22 32.11 1.38
CA ASP B 115 11.00 32.06 2.84
C ASP B 115 9.52 32.20 3.17
N ILE B 116 8.83 33.11 2.48
CA ILE B 116 7.44 33.41 2.75
C ILE B 116 6.52 32.26 2.43
N SER B 117 6.76 31.62 1.29
CA SER B 117 6.05 30.46 0.83
C SER B 117 6.18 29.31 1.84
N ASP B 118 7.38 29.11 2.37
CA ASP B 118 7.61 28.08 3.36
C ASP B 118 6.92 28.48 4.62
N TYR B 119 7.04 29.73 5.07
CA TYR B 119 6.29 30.12 6.27
C TYR B 119 4.80 29.77 6.10
N VAL B 120 4.25 30.09 4.95
CA VAL B 120 2.82 29.86 4.70
C VAL B 120 2.48 28.36 4.71
N ALA B 121 3.30 27.58 4.02
CA ALA B 121 3.09 26.14 3.90
C ALA B 121 3.16 25.51 5.27
N ALA B 122 4.16 25.94 6.03
CA ALA B 122 4.58 25.31 7.26
C ALA B 122 3.70 25.70 8.49
N ASN B 123 3.10 26.90 8.42
CA ASN B 123 2.34 27.52 9.54
C ASN B 123 0.91 27.95 9.33
N MET B 124 0.46 28.03 8.08
CA MET B 124 -0.88 28.56 7.82
C MET B 124 -1.80 27.61 7.05
N LYS B 125 -1.26 26.92 6.06
CA LYS B 125 -2.07 26.16 5.09
C LYS B 125 -2.89 25.04 5.71
N ASP B 126 -2.32 24.26 6.63
CA ASP B 126 -3.02 23.09 7.12
C ASP B 126 -4.26 23.49 7.85
N ALA B 127 -4.17 24.48 8.73
CA ALA B 127 -5.34 24.94 9.42
C ALA B 127 -6.36 25.56 8.48
N ILE B 128 -5.90 26.26 7.46
CA ILE B 128 -6.86 26.76 6.50
C ILE B 128 -7.52 25.59 5.78
N SER B 129 -6.75 24.63 5.37
CA SER B 129 -7.27 23.42 4.72
C SER B 129 -8.29 22.59 5.52
N ARG B 130 -8.23 22.68 6.85
CA ARG B 130 -9.15 21.95 7.73
C ARG B 130 -10.35 22.78 8.05
N THR B 131 -10.41 24.00 7.54
CA THR B 131 -11.56 24.84 7.84
C THR B 131 -12.78 24.31 7.05
N SER B 132 -13.96 24.31 7.64
CA SER B 132 -15.12 23.79 6.92
C SER B 132 -15.58 24.74 5.75
N GLY B 133 -15.99 24.10 4.68
CA GLY B 133 -16.21 24.75 3.41
C GLY B 133 -15.00 24.92 2.52
N VAL B 134 -13.80 24.55 2.97
CA VAL B 134 -12.62 24.81 2.15
C VAL B 134 -12.41 23.54 1.30
N GLY B 135 -12.84 23.65 0.06
CA GLY B 135 -12.77 22.56 -0.89
C GLY B 135 -11.37 22.22 -1.38
N ASP B 136 -10.53 23.23 -1.60
CA ASP B 136 -9.22 23.07 -2.26
C ASP B 136 -8.38 24.29 -1.89
N VAL B 137 -7.15 24.05 -1.51
CA VAL B 137 -6.22 25.15 -1.20
C VAL B 137 -5.02 24.95 -2.05
N GLN B 138 -4.72 25.95 -2.83
CA GLN B 138 -3.57 26.01 -3.70
C GLN B 138 -2.54 26.98 -3.08
N LEU B 139 -1.36 26.43 -2.73
CA LEU B 139 -0.20 27.26 -2.34
C LEU B 139 0.50 27.94 -3.56
N PHE B 140 0.75 29.26 -3.45
CA PHE B 140 1.34 30.00 -4.54
C PHE B 140 2.81 30.10 -4.21
N GLY B 141 3.47 28.96 -4.36
CA GLY B 141 4.83 28.72 -3.89
C GLY B 141 4.98 27.26 -3.48
N SER B 142 6.08 26.92 -2.81
CA SER B 142 6.30 25.57 -2.33
C SER B 142 6.87 25.58 -0.85
N GLN B 143 6.51 24.54 -0.08
CA GLN B 143 7.13 24.31 1.23
C GLN B 143 8.57 23.99 0.98
N TYR B 144 9.41 24.30 1.96
CA TYR B 144 10.79 23.86 1.91
C TYR B 144 10.89 22.31 2.01
N ALA B 145 11.90 21.77 1.32
CA ALA B 145 12.40 20.42 1.48
C ALA B 145 13.91 20.55 1.85
N MET B 146 14.51 19.53 2.45
CA MET B 146 15.96 19.54 2.53
C MET B 146 16.43 19.26 1.10
N ARG B 147 17.15 20.19 0.46
CA ARG B 147 17.66 19.96 -0.90
C ARG B 147 19.14 19.55 -0.89
N ILE B 148 19.44 18.36 -1.43
CA ILE B 148 20.79 17.88 -1.62
C ILE B 148 21.14 18.10 -3.11
N TRP B 149 21.93 19.13 -3.43
CA TRP B 149 22.24 19.50 -4.86
C TRP B 149 23.55 18.84 -5.25
N MET B 150 23.45 17.78 -6.03
CA MET B 150 24.56 16.90 -6.27
C MET B 150 25.50 17.44 -7.34
N ASN B 151 26.81 17.14 -7.18
CA ASN B 151 27.87 17.54 -8.11
C ASN B 151 28.49 16.27 -8.75
N PRO B 152 28.34 16.09 -10.06
CA PRO B 152 28.78 14.86 -10.68
C PRO B 152 30.29 14.67 -10.69
N ASN B 153 31.02 15.80 -10.68
CA ASN B 153 32.51 15.77 -10.76
C ASN B 153 32.99 15.26 -9.42
N GLU B 154 32.45 15.82 -8.33
CA GLU B 154 32.83 15.36 -7.01
C GLU B 154 32.36 13.88 -6.72
N LEU B 155 31.17 13.53 -7.18
CA LEU B 155 30.72 12.14 -7.07
C LEU B 155 31.69 11.18 -7.75
N ASN B 156 32.08 11.50 -8.99
CA ASN B 156 32.93 10.62 -9.77
C ASN B 156 34.33 10.52 -9.18
N LYS B 157 34.86 11.65 -8.72
CA LYS B 157 36.14 11.70 -8.02
C LYS B 157 36.21 10.67 -6.88
N PHE B 158 35.13 10.52 -6.12
CA PHE B 158 35.10 9.55 -5.04
C PHE B 158 34.42 8.22 -5.42
N GLN B 159 34.25 7.92 -6.70
CA GLN B 159 33.53 6.71 -7.19
C GLN B 159 32.15 6.47 -6.55
N LEU B 160 31.34 7.51 -6.52
CA LEU B 160 30.01 7.46 -6.02
C LEU B 160 29.05 7.92 -7.07
N THR B 161 27.78 7.63 -6.78
CA THR B 161 26.64 7.97 -7.61
C THR B 161 25.46 8.42 -6.72
N PRO B 162 24.40 8.94 -7.35
CA PRO B 162 23.22 9.29 -6.58
C PRO B 162 22.58 8.11 -5.83
N VAL B 163 22.73 6.89 -6.34
CA VAL B 163 22.25 5.68 -5.62
C VAL B 163 22.91 5.62 -4.23
N ASP B 164 24.22 5.88 -4.15
CA ASP B 164 24.98 5.81 -2.90
C ASP B 164 24.53 6.94 -1.99
N VAL B 165 24.30 8.12 -2.57
CA VAL B 165 23.80 9.28 -1.79
C VAL B 165 22.44 8.95 -1.16
N ILE B 166 21.56 8.36 -1.95
CA ILE B 166 20.15 8.09 -1.56
C ILE B 166 20.19 7.06 -0.45
N THR B 167 20.99 6.01 -0.67
CA THR B 167 21.14 4.89 0.25
C THR B 167 21.59 5.42 1.65
N ALA B 168 22.47 6.40 1.62
CA ALA B 168 23.16 6.85 2.81
C ALA B 168 22.21 7.79 3.55
N ILE B 169 21.38 8.50 2.80
CA ILE B 169 20.39 9.40 3.40
C ILE B 169 19.35 8.55 4.11
N LYS B 170 18.89 7.46 3.50
CA LYS B 170 17.92 6.63 4.19
C LYS B 170 18.50 5.93 5.43
N ALA B 171 19.77 5.58 5.39
CA ALA B 171 20.41 4.99 6.56
C ALA B 171 20.76 5.96 7.67
N GLN B 172 20.99 7.25 7.36
CA GLN B 172 21.50 8.22 8.33
C GLN B 172 20.57 9.36 8.71
N ASN B 173 19.45 9.46 8.02
CA ASN B 173 18.35 10.34 8.37
C ASN B 173 17.21 9.39 8.57
N ALA B 174 17.31 8.69 9.69
CA ALA B 174 16.34 7.66 10.01
C ALA B 174 15.74 7.89 11.40
N GLN B 175 14.60 7.26 11.63
CA GLN B 175 13.90 7.38 12.90
C GLN B 175 13.64 5.96 13.37
N VAL B 176 14.39 5.52 14.36
CA VAL B 176 14.46 4.12 14.74
C VAL B 176 13.67 3.78 16.00
N ALA B 177 12.90 2.73 15.89
CA ALA B 177 12.11 2.12 16.96
C ALA B 177 13.02 1.11 17.62
N ALA B 178 13.43 1.40 18.85
CA ALA B 178 14.51 0.63 19.52
C ALA B 178 14.11 -0.05 20.82
N GLY B 179 12.82 -0.05 21.12
CA GLY B 179 12.29 -0.69 22.32
C GLY B 179 12.67 0.03 23.60
N GLN B 180 12.73 -0.74 24.69
CA GLN B 180 12.90 -0.21 26.03
C GLN B 180 13.80 -1.10 26.88
N LEU B 181 14.42 -0.46 27.85
CA LEU B 181 15.02 -1.15 28.98
C LEU B 181 13.89 -1.44 29.95
N GLY B 182 13.94 -2.59 30.59
CA GLY B 182 12.85 -3.07 31.41
C GLY B 182 11.55 -3.24 30.71
N GLY B 183 11.60 -3.53 29.40
CA GLY B 183 10.38 -3.54 28.60
C GLY B 183 9.60 -4.80 28.93
N THR B 184 8.30 -4.77 28.69
CA THR B 184 7.46 -5.97 28.89
C THR B 184 7.62 -7.05 27.80
N PRO B 185 7.46 -8.33 28.13
CA PRO B 185 7.33 -8.83 29.52
C PRO B 185 8.70 -8.79 30.19
N PRO B 186 8.79 -8.39 31.46
CA PRO B 186 10.06 -8.17 32.16
C PRO B 186 10.50 -9.36 32.98
N VAL B 187 11.76 -9.37 33.38
CA VAL B 187 12.21 -10.30 34.39
C VAL B 187 11.71 -9.85 35.76
N LYS B 188 11.57 -10.83 36.63
CA LYS B 188 11.32 -10.60 38.07
C LYS B 188 12.40 -9.71 38.67
N GLY B 189 11.97 -8.75 39.48
CA GLY B 189 12.89 -7.87 40.21
C GLY B 189 13.46 -6.67 39.43
N GLN B 190 12.90 -6.36 38.25
CA GLN B 190 13.30 -5.22 37.45
C GLN B 190 12.93 -3.86 38.10
N GLN B 191 13.91 -3.00 38.32
CA GLN B 191 13.62 -1.72 38.99
C GLN B 191 13.42 -0.54 38.03
N LEU B 192 14.04 -0.65 36.85
CA LEU B 192 14.13 0.41 35.84
C LEU B 192 13.38 0.12 34.54
N ASN B 193 12.60 1.10 34.10
CA ASN B 193 12.06 1.13 32.76
C ASN B 193 12.36 2.47 32.10
N ALA B 194 12.83 2.43 30.85
CA ALA B 194 13.18 3.64 30.11
C ALA B 194 13.16 3.36 28.64
N SER B 195 12.66 4.31 27.86
CA SER B 195 12.70 4.16 26.40
C SER B 195 14.17 4.12 25.95
N ILE B 196 14.53 3.27 24.98
CA ILE B 196 15.80 3.42 24.19
C ILE B 196 15.58 4.34 22.94
N ILE B 197 16.47 5.32 22.80
CA ILE B 197 16.46 6.29 21.72
C ILE B 197 17.72 6.09 20.93
N ALA B 198 17.56 5.72 19.67
CA ALA B 198 18.68 5.50 18.76
C ALA B 198 18.62 6.63 17.77
N GLN B 199 18.85 6.37 16.50
CA GLN B 199 18.82 7.42 15.50
C GLN B 199 17.46 8.11 15.46
N THR B 200 17.51 9.42 15.27
CA THR B 200 16.37 10.26 15.08
C THR B 200 16.51 11.09 13.77
N ARG B 201 15.40 11.49 13.14
CA ARG B 201 15.46 12.35 11.92
C ARG B 201 16.38 13.51 12.09
N LEU B 202 17.10 13.85 11.04
CA LEU B 202 17.96 15.03 11.06
C LEU B 202 17.10 16.28 10.90
N THR B 203 17.62 17.42 11.36
CA THR B 203 16.86 18.66 11.51
C THR B 203 17.48 19.89 10.86
N SER B 204 18.59 19.71 10.16
CA SER B 204 19.39 20.87 9.72
C SER B 204 20.32 20.47 8.61
N THR B 205 20.73 21.47 7.83
CA THR B 205 21.68 21.33 6.70
C THR B 205 23.06 20.89 7.22
N GLU B 206 23.42 21.41 8.39
CA GLU B 206 24.60 21.00 9.15
C GLU B 206 24.64 19.48 9.25
N GLU B 207 23.51 18.89 9.68
CA GLU B 207 23.46 17.42 9.99
C GLU B 207 23.45 16.58 8.74
N PHE B 208 22.70 17.02 7.73
CA PHE B 208 22.72 16.35 6.44
C PHE B 208 24.13 16.42 5.82
N GLY B 209 24.83 17.54 5.99
CA GLY B 209 26.18 17.72 5.48
C GLY B 209 27.18 16.75 6.02
N LYS B 210 26.97 16.22 7.21
CA LYS B 210 27.95 15.25 7.78
C LYS B 210 27.54 13.79 7.66
N ILE B 211 26.51 13.54 6.86
CA ILE B 211 26.18 12.18 6.46
C ILE B 211 27.46 11.57 5.86
N LEU B 212 27.87 10.42 6.37
CA LEU B 212 29.15 9.88 6.00
C LEU B 212 28.94 8.93 4.86
N LEU B 213 29.39 9.29 3.66
CA LEU B 213 29.15 8.46 2.51
C LEU B 213 30.15 7.30 2.47
N LYS B 214 31.43 7.61 2.67
CA LYS B 214 32.43 6.55 2.70
C LYS B 214 33.71 6.90 3.38
N VAL B 215 34.40 5.83 3.79
CA VAL B 215 35.74 5.89 4.32
C VAL B 215 36.69 5.41 3.22
N ASN B 216 37.60 6.27 2.76
CA ASN B 216 38.65 5.86 1.76
C ASN B 216 39.62 4.80 2.34
N GLN B 217 40.30 4.03 1.48
CA GLN B 217 41.22 2.96 1.97
C GLN B 217 42.37 3.47 2.84
N ASP B 218 42.78 4.72 2.60
CA ASP B 218 43.76 5.43 3.44
C ASP B 218 43.19 6.01 4.77
N GLY B 219 41.94 5.70 5.10
CA GLY B 219 41.31 6.20 6.32
C GLY B 219 40.58 7.54 6.29
N SER B 220 40.69 8.35 5.23
CA SER B 220 39.92 9.61 5.16
C SER B 220 38.40 9.44 4.84
N ARG B 221 37.65 10.53 4.99
CA ARG B 221 36.21 10.51 5.09
C ARG B 221 35.60 11.38 4.01
N VAL B 222 34.65 10.84 3.25
CA VAL B 222 33.93 11.58 2.24
C VAL B 222 32.54 11.83 2.85
N LEU B 223 32.26 13.09 3.17
CA LEU B 223 30.97 13.49 3.68
C LEU B 223 30.01 13.96 2.56
N LEU B 224 28.72 13.99 2.86
CA LEU B 224 27.74 14.45 1.89
C LEU B 224 28.04 15.87 1.40
N ARG B 225 28.49 16.76 2.29
CA ARG B 225 28.85 18.14 1.90
C ARG B 225 30.05 18.19 0.91
N ASP B 226 30.80 17.11 0.79
CA ASP B 226 31.87 17.00 -0.20
C ASP B 226 31.44 16.66 -1.62
N VAL B 227 30.19 16.27 -1.83
CA VAL B 227 29.68 15.96 -3.15
C VAL B 227 28.39 16.73 -3.50
N ALA B 228 27.99 17.66 -2.65
CA ALA B 228 26.72 18.30 -2.75
C ALA B 228 26.70 19.57 -1.95
N LYS B 229 25.90 20.51 -2.41
CA LYS B 229 25.54 21.70 -1.65
C LYS B 229 24.25 21.37 -0.95
N ILE B 230 24.17 21.75 0.33
CA ILE B 230 23.06 21.39 1.16
C ILE B 230 22.32 22.65 1.65
N GLU B 231 21.03 22.75 1.34
CA GLU B 231 20.21 23.94 1.68
C GLU B 231 18.70 23.62 1.75
N LEU B 232 17.96 24.35 2.57
CA LEU B 232 16.52 24.38 2.42
C LEU B 232 16.16 25.02 1.08
N GLY B 233 15.26 24.39 0.33
CA GLY B 233 14.69 24.97 -0.90
C GLY B 233 13.37 24.24 -1.22
N GLY B 234 12.53 24.83 -2.08
CA GLY B 234 11.24 24.28 -2.34
C GLY B 234 11.25 22.83 -2.77
N GLU B 235 10.16 22.13 -2.45
CA GLU B 235 9.91 20.80 -3.01
C GLU B 235 9.92 20.94 -4.53
N ASN B 236 9.28 22.01 -5.04
CA ASN B 236 9.47 22.43 -6.45
C ASN B 236 9.67 23.94 -6.59
N TYR B 237 10.03 24.38 -7.78
CA TYR B 237 10.39 25.76 -8.01
C TYR B 237 9.51 26.39 -9.07
N ASP B 238 8.28 25.91 -9.25
CA ASP B 238 7.49 26.28 -10.45
C ASP B 238 6.56 27.44 -10.33
N ILE B 239 6.28 27.87 -9.08
CA ILE B 239 5.24 28.85 -8.81
C ILE B 239 5.80 29.99 -8.00
N ILE B 240 5.75 31.19 -8.54
CA ILE B 240 6.33 32.37 -7.92
C ILE B 240 5.23 33.42 -7.95
N ALA B 241 4.99 34.12 -6.85
CA ALA B 241 3.97 35.18 -6.86
C ALA B 241 4.51 36.57 -6.49
N GLU B 242 3.73 37.58 -6.85
CA GLU B 242 3.99 38.95 -6.50
C GLU B 242 2.69 39.69 -6.20
N PHE B 243 2.79 40.71 -5.35
CA PHE B 243 1.66 41.56 -4.95
C PHE B 243 2.14 42.95 -5.22
N ASN B 244 1.44 43.70 -6.06
CA ASN B 244 1.91 45.03 -6.49
C ASN B 244 3.39 45.11 -6.72
N GLY B 245 3.92 44.10 -7.39
CA GLY B 245 5.33 44.09 -7.70
C GLY B 245 6.28 43.55 -6.67
N GLN B 246 5.84 43.35 -5.44
CA GLN B 246 6.78 42.90 -4.40
C GLN B 246 6.67 41.36 -4.12
N PRO B 247 7.74 40.73 -3.57
CA PRO B 247 7.73 39.29 -3.28
C PRO B 247 6.53 38.84 -2.44
N ALA B 248 5.95 37.69 -2.81
CA ALA B 248 4.74 37.22 -2.16
C ALA B 248 4.49 35.70 -2.18
N SER B 249 3.68 35.23 -1.25
CA SER B 249 3.08 33.93 -1.43
C SER B 249 1.62 34.08 -1.17
N GLY B 250 0.91 32.98 -1.08
CA GLY B 250 -0.51 33.05 -0.74
C GLY B 250 -1.21 31.68 -0.86
N LEU B 251 -2.49 31.69 -0.55
CA LEU B 251 -3.34 30.54 -0.60
C LEU B 251 -4.48 30.92 -1.53
N GLY B 252 -4.69 30.15 -2.58
CA GLY B 252 -5.87 30.32 -3.40
C GLY B 252 -6.89 29.31 -2.90
N ILE B 253 -8.04 29.80 -2.49
CA ILE B 253 -8.99 28.97 -1.79
C ILE B 253 -10.26 28.80 -2.62
N LYS B 254 -10.73 27.54 -2.69
CA LYS B 254 -11.93 27.20 -3.49
C LYS B 254 -13.00 26.64 -2.56
N LEU B 255 -14.24 26.97 -2.89
CA LEU B 255 -15.36 26.68 -2.02
C LEU B 255 -15.78 25.25 -2.22
N ALA B 256 -15.84 24.48 -1.12
CA ALA B 256 -16.37 23.09 -1.19
C ALA B 256 -17.78 23.06 -1.77
N THR B 257 -18.02 22.15 -2.71
CA THR B 257 -19.34 21.97 -3.34
C THR B 257 -20.44 21.99 -2.29
N GLY B 258 -21.40 22.90 -2.46
CA GLY B 258 -22.50 23.03 -1.53
C GLY B 258 -22.29 23.87 -0.30
N ALA B 259 -21.05 24.29 0.01
CA ALA B 259 -20.78 25.10 1.21
C ALA B 259 -21.27 26.55 1.01
N ASN B 260 -21.37 27.29 2.11
CA ASN B 260 -21.79 28.68 2.09
C ASN B 260 -20.57 29.61 1.86
N ALA B 261 -20.59 30.37 0.76
CA ALA B 261 -19.50 31.32 0.47
C ALA B 261 -19.17 32.28 1.61
N LEU B 262 -20.17 32.92 2.18
CA LEU B 262 -19.90 33.92 3.22
C LEU B 262 -19.40 33.33 4.53
N ASP B 263 -19.99 32.22 4.94
CA ASP B 263 -19.63 31.60 6.23
C ASP B 263 -18.19 31.06 6.17
N THR B 264 -17.85 30.46 5.04
CA THR B 264 -16.52 29.96 4.77
C THR B 264 -15.50 31.07 4.71
N ALA B 265 -15.75 32.10 3.93
CA ALA B 265 -14.85 33.29 3.95
C ALA B 265 -14.63 33.87 5.34
N ALA B 266 -15.68 33.98 6.15
CA ALA B 266 -15.63 34.49 7.55
C ALA B 266 -14.83 33.57 8.46
N ALA B 267 -15.06 32.26 8.33
CA ALA B 267 -14.31 31.28 9.09
C ALA B 267 -12.84 31.33 8.71
N ILE B 268 -12.52 31.58 7.42
CA ILE B 268 -11.12 31.69 6.98
C ILE B 268 -10.46 32.88 7.63
N ARG B 269 -11.20 33.98 7.76
CA ARG B 269 -10.67 35.21 8.38
C ARG B 269 -10.44 35.04 9.88
N ALA B 270 -11.34 34.30 10.52
CA ALA B 270 -11.30 34.04 11.95
C ALA B 270 -10.06 33.20 12.25
N GLU B 271 -9.81 32.22 11.37
CA GLU B 271 -8.61 31.40 11.49
C GLU B 271 -7.33 32.21 11.23
N LEU B 272 -7.31 33.13 10.26
CA LEU B 272 -6.12 33.99 10.03
C LEU B 272 -5.81 34.88 11.21
N ALA B 273 -6.87 35.39 11.86
CA ALA B 273 -6.74 36.17 13.11
C ALA B 273 -6.09 35.43 14.30
N LYS B 274 -6.23 34.11 14.36
CA LYS B 274 -5.44 33.30 15.31
C LYS B 274 -3.97 33.22 14.99
N MET B 275 -3.59 33.36 13.73
CA MET B 275 -2.20 33.12 13.36
C MET B 275 -1.41 34.40 13.41
N GLU B 276 -2.01 35.56 13.08
CA GLU B 276 -1.27 36.90 12.96
C GLU B 276 -0.32 37.24 14.12
N PRO B 277 -0.73 37.03 15.38
CA PRO B 277 0.16 37.46 16.51
C PRO B 277 1.50 36.77 16.57
N PHE B 278 1.62 35.60 15.96
CA PHE B 278 2.84 34.82 16.04
C PHE B 278 3.65 34.90 14.76
N PHE B 279 3.26 35.78 13.84
CA PHE B 279 4.04 36.02 12.62
C PHE B 279 5.41 36.57 12.94
N PRO B 280 6.45 36.17 12.17
CA PRO B 280 7.74 36.86 12.35
C PRO B 280 7.61 38.30 11.97
N SER B 281 8.61 39.12 12.26
CA SER B 281 8.43 40.56 12.06
C SER B 281 8.40 40.87 10.54
N GLY B 282 7.52 41.80 10.18
CA GLY B 282 7.38 42.18 8.78
C GLY B 282 6.24 41.46 8.08
N LEU B 283 5.91 40.25 8.53
CA LEU B 283 4.95 39.44 7.80
C LEU B 283 3.59 40.04 7.96
N LYS B 284 2.84 39.99 6.89
CA LYS B 284 1.61 40.70 6.80
C LYS B 284 0.70 40.05 5.74
N ILE B 285 -0.58 40.00 6.09
CA ILE B 285 -1.61 39.50 5.26
C ILE B 285 -2.25 40.63 4.47
N VAL B 286 -2.48 40.35 3.18
CA VAL B 286 -3.24 41.21 2.32
C VAL B 286 -4.32 40.36 1.67
N TYR B 287 -5.34 41.03 1.15
CA TYR B 287 -6.57 40.42 0.69
C TYR B 287 -6.82 40.82 -0.78
N PRO B 288 -6.06 40.23 -1.73
CA PRO B 288 -6.09 40.68 -3.13
C PRO B 288 -7.26 40.21 -4.01
N TYR B 289 -8.11 39.33 -3.52
CA TYR B 289 -9.21 38.82 -4.32
C TYR B 289 -10.24 38.23 -3.37
N ASP B 290 -11.31 38.96 -3.13
CA ASP B 290 -12.44 38.49 -2.34
C ASP B 290 -13.63 38.53 -3.29
N THR B 291 -14.25 37.42 -3.60
CA THR B 291 -15.54 37.47 -4.30
C THR B 291 -16.67 37.85 -3.33
N GLN B 309 -18.45 41.06 -8.50
CA GLN B 309 -18.38 42.50 -8.77
C GLN B 309 -16.96 43.06 -8.65
N GLY B 310 -16.47 43.44 -7.44
CA GLY B 310 -15.29 44.34 -7.32
C GLY B 310 -13.86 43.85 -7.67
N VAL B 311 -13.78 42.71 -8.38
CA VAL B 311 -12.57 41.95 -8.65
C VAL B 311 -12.68 41.32 -10.01
N PHE B 312 -11.56 40.92 -10.58
CA PHE B 312 -11.54 40.16 -11.82
C PHE B 312 -10.17 39.53 -11.96
N MET B 313 -10.03 38.67 -12.94
CA MET B 313 -8.74 38.01 -13.16
C MET B 313 -8.22 38.36 -14.54
N THR B 314 -6.93 38.15 -14.76
CA THR B 314 -6.39 38.18 -16.08
C THR B 314 -5.59 36.90 -16.28
N MET B 315 -5.87 36.23 -17.40
CA MET B 315 -5.27 34.93 -17.72
C MET B 315 -4.08 35.15 -18.64
N VAL B 316 -3.03 34.38 -18.47
CA VAL B 316 -1.86 34.46 -19.35
C VAL B 316 -1.50 33.03 -19.78
N GLN B 317 -1.64 32.75 -21.08
CA GLN B 317 -1.27 31.47 -21.70
C GLN B 317 -0.26 31.67 -22.83
N LEU B 318 0.99 31.35 -22.57
CA LEU B 318 1.98 31.26 -23.63
C LEU B 318 1.94 29.85 -24.29
N PRO B 319 2.41 29.73 -25.54
CA PRO B 319 2.46 28.36 -26.13
C PRO B 319 3.47 27.48 -25.38
N ALA B 320 3.18 26.17 -25.30
CA ALA B 320 4.08 25.17 -24.64
C ALA B 320 5.50 25.31 -25.19
N GLY B 321 6.50 25.11 -24.33
CA GLY B 321 7.89 25.39 -24.71
C GLY B 321 8.43 26.69 -24.09
N ALA B 322 7.55 27.69 -23.88
CA ALA B 322 7.88 28.94 -23.17
C ALA B 322 8.37 28.72 -21.72
N THR B 323 9.47 29.37 -21.32
CA THR B 323 10.02 29.28 -19.96
C THR B 323 9.33 30.25 -19.01
N GLN B 324 9.67 30.04 -17.74
CA GLN B 324 9.36 30.92 -16.63
C GLN B 324 9.64 32.39 -16.97
N GLU B 325 10.83 32.66 -17.52
CA GLU B 325 11.26 34.01 -17.77
C GLU B 325 10.37 34.70 -18.80
N ARG B 326 9.94 34.02 -19.86
CA ARG B 326 9.07 34.71 -20.82
C ARG B 326 7.63 34.84 -20.30
N THR B 327 7.18 33.92 -19.46
CA THR B 327 5.87 34.10 -18.84
C THR B 327 5.89 35.31 -17.89
N GLN B 328 6.99 35.46 -17.15
CA GLN B 328 7.24 36.59 -16.22
C GLN B 328 7.17 37.93 -16.89
N LYS B 329 7.75 38.02 -18.08
CA LYS B 329 7.79 39.25 -18.84
C LYS B 329 6.40 39.66 -19.29
N VAL B 330 5.58 38.69 -19.69
CA VAL B 330 4.20 39.01 -20.07
C VAL B 330 3.36 39.44 -18.86
N LEU B 331 3.56 38.78 -17.73
CA LEU B 331 2.90 39.15 -16.47
C LEU B 331 3.34 40.55 -16.00
N ASN B 332 4.61 40.91 -16.20
CA ASN B 332 5.09 42.24 -15.82
C ASN B 332 4.36 43.27 -16.65
N GLU B 333 4.17 43.00 -17.94
CA GLU B 333 3.40 43.92 -18.78
C GLU B 333 1.90 44.07 -18.35
N VAL B 334 1.30 42.96 -17.94
CA VAL B 334 -0.05 42.96 -17.47
C VAL B 334 -0.10 43.78 -16.15
N THR B 335 0.84 43.49 -15.24
CA THR B 335 0.91 44.12 -13.93
C THR B 335 1.14 45.62 -14.16
N HIS B 336 2.08 45.94 -15.04
CA HIS B 336 2.47 47.32 -15.31
C HIS B 336 1.27 48.16 -15.70
N TYR B 337 0.45 47.59 -16.58
CA TYR B 337 -0.68 48.26 -17.20
C TYR B 337 -1.68 48.60 -16.10
N TYR B 338 -2.02 47.62 -15.28
CA TYR B 338 -2.95 47.87 -14.16
C TYR B 338 -2.35 48.89 -13.15
N LEU B 339 -1.05 48.90 -12.95
CA LEU B 339 -0.46 49.79 -11.96
C LEU B 339 -0.10 51.16 -12.49
N THR B 340 -0.25 51.39 -13.78
CA THR B 340 0.05 52.69 -14.38
C THR B 340 -1.19 53.24 -15.06
N LYS B 341 -1.62 52.62 -16.15
CA LYS B 341 -2.83 53.08 -16.85
C LYS B 341 -4.16 53.02 -16.05
N GLU B 342 -4.30 52.00 -15.19
CA GLU B 342 -5.55 51.84 -14.41
C GLU B 342 -5.43 52.12 -12.89
N LYS B 343 -4.42 52.88 -12.51
CA LYS B 343 -4.12 53.09 -11.09
C LYS B 343 -5.19 53.81 -10.33
N ASN B 344 -6.04 54.58 -11.01
CA ASN B 344 -7.16 55.24 -10.35
C ASN B 344 -8.26 54.24 -10.03
N ASN B 345 -8.34 53.12 -10.75
CA ASN B 345 -9.36 52.15 -10.45
C ASN B 345 -8.85 50.91 -9.78
N VAL B 346 -7.58 50.60 -9.88
CA VAL B 346 -7.02 49.34 -9.37
C VAL B 346 -6.25 49.55 -8.07
N GLU B 347 -6.60 48.78 -7.07
CA GLU B 347 -5.96 48.86 -5.76
C GLU B 347 -4.78 47.89 -5.75
N SER B 348 -5.00 46.67 -6.24
CA SER B 348 -3.92 45.68 -6.24
C SER B 348 -3.96 44.70 -7.39
N VAL B 349 -2.81 44.13 -7.65
CA VAL B 349 -2.66 42.99 -8.56
C VAL B 349 -1.87 41.93 -7.82
N PHE B 350 -2.40 40.71 -7.70
CA PHE B 350 -1.66 39.57 -7.19
C PHE B 350 -1.41 38.67 -8.41
N ALA B 351 -0.14 38.47 -8.76
CA ALA B 351 0.29 37.82 -10.02
C ALA B 351 1.05 36.53 -9.71
N VAL B 352 0.64 35.44 -10.36
CA VAL B 352 1.20 34.14 -10.08
C VAL B 352 1.81 33.59 -11.37
N ASN B 353 3.12 33.37 -11.36
CA ASN B 353 3.81 32.77 -12.50
C ASN B 353 3.92 31.25 -12.31
N GLY B 354 3.38 30.48 -13.26
CA GLY B 354 3.37 29.04 -13.22
C GLY B 354 2.04 28.33 -12.87
N PHE B 355 0.99 29.09 -12.58
CA PHE B 355 -0.28 28.49 -12.30
C PHE B 355 -1.26 29.09 -13.28
N GLY B 356 -2.14 28.28 -13.86
CA GLY B 356 -3.09 28.73 -14.89
C GLY B 356 -4.51 28.33 -14.57
N PHE B 357 -5.46 28.92 -15.33
CA PHE B 357 -6.94 28.95 -15.03
C PHE B 357 -7.42 27.58 -14.51
N ALA B 358 -6.97 26.52 -15.22
CA ALA B 358 -7.01 25.12 -14.76
C ALA B 358 -5.78 24.38 -15.33
N GLY B 359 -4.62 24.84 -14.91
CA GLY B 359 -3.37 24.17 -15.27
C GLY B 359 -2.22 24.57 -14.35
N ARG B 360 -1.07 23.98 -14.62
CA ARG B 360 0.14 24.28 -13.91
C ARG B 360 1.26 24.02 -14.90
N GLY B 361 1.95 25.05 -15.35
CA GLY B 361 3.12 24.89 -16.24
C GLY B 361 4.00 26.13 -16.30
N GLN B 362 5.21 25.99 -16.84
CA GLN B 362 6.12 27.13 -17.07
C GLN B 362 5.51 28.21 -18.02
N ASN B 363 4.50 27.85 -18.80
CA ASN B 363 3.97 28.68 -19.88
C ASN B 363 2.70 29.44 -19.51
N THR B 364 2.37 29.50 -18.22
CA THR B 364 1.06 30.01 -17.80
C THR B 364 1.14 30.80 -16.51
N GLY B 365 0.19 31.68 -16.37
CA GLY B 365 0.12 32.53 -15.23
C GLY B 365 -1.23 33.13 -15.11
N ILE B 366 -1.50 33.74 -13.97
CA ILE B 366 -2.77 34.38 -13.71
C ILE B 366 -2.52 35.62 -12.87
N ALA B 367 -3.31 36.68 -13.09
CA ALA B 367 -3.26 37.87 -12.22
C ALA B 367 -4.62 38.10 -11.60
N PHE B 368 -4.65 38.25 -10.27
CA PHE B 368 -5.87 38.58 -9.58
C PHE B 368 -5.86 40.08 -9.32
N VAL B 369 -6.92 40.77 -9.74
CA VAL B 369 -6.97 42.21 -9.73
C VAL B 369 -8.08 42.73 -8.79
N SER B 370 -7.73 43.68 -7.91
CA SER B 370 -8.68 44.20 -6.94
C SER B 370 -8.89 45.65 -7.15
N LEU B 371 -10.13 46.05 -7.38
CA LEU B 371 -10.43 47.44 -7.61
C LEU B 371 -10.61 48.23 -6.33
N LYS B 372 -10.48 49.55 -6.46
CA LYS B 372 -10.80 50.46 -5.38
C LYS B 372 -12.30 50.43 -5.13
N ASP B 373 -12.72 51.07 -4.05
CA ASP B 373 -14.11 51.22 -3.75
C ASP B 373 -14.86 51.74 -4.98
N TRP B 374 -15.99 51.09 -5.22
CA TRP B 374 -17.02 51.42 -6.21
C TRP B 374 -17.38 52.92 -6.26
N ALA B 375 -17.63 53.48 -5.09
CA ALA B 375 -17.98 54.89 -4.89
C ALA B 375 -16.89 55.83 -5.36
N ASP B 376 -15.62 55.41 -5.28
CA ASP B 376 -14.45 56.16 -5.81
C ASP B 376 -14.08 55.90 -7.30
N ARG B 377 -14.91 55.17 -8.02
CA ARG B 377 -14.72 54.88 -9.44
C ARG B 377 -16.02 55.27 -10.17
N PRO B 378 -16.41 56.56 -10.04
CA PRO B 378 -17.69 56.98 -10.58
C PRO B 378 -17.61 57.04 -12.11
N GLY B 379 -18.71 56.74 -12.79
CA GLY B 379 -18.76 56.73 -14.26
C GLY B 379 -18.83 55.32 -14.83
N GLU B 380 -19.60 55.16 -15.90
CA GLU B 380 -19.81 53.84 -16.52
C GLU B 380 -18.46 53.25 -16.99
N GLU B 381 -17.55 54.12 -17.43
CA GLU B 381 -16.23 53.71 -17.96
C GLU B 381 -15.21 53.15 -16.90
N ASN B 382 -15.52 53.34 -15.62
CA ASN B 382 -14.69 52.87 -14.53
C ASN B 382 -15.38 51.76 -13.74
N LYS B 383 -16.39 51.10 -14.34
CA LYS B 383 -17.01 49.91 -13.75
C LYS B 383 -16.33 48.71 -14.36
N VAL B 384 -16.47 47.56 -13.67
CA VAL B 384 -15.72 46.35 -13.97
C VAL B 384 -15.81 45.94 -15.44
N GLU B 385 -16.99 46.07 -16.06
CA GLU B 385 -17.21 45.55 -17.43
C GLU B 385 -16.27 46.30 -18.40
N ALA B 386 -16.44 47.62 -18.46
CA ALA B 386 -15.58 48.51 -19.21
C ALA B 386 -14.05 48.37 -18.90
N ILE B 387 -13.67 48.16 -17.63
CA ILE B 387 -12.25 47.97 -17.25
C ILE B 387 -11.67 46.70 -17.90
N THR B 388 -12.36 45.59 -17.69
CA THR B 388 -11.93 44.29 -18.24
C THR B 388 -11.84 44.31 -19.75
N MET B 389 -12.78 45.02 -20.37
CA MET B 389 -12.85 45.14 -21.83
C MET B 389 -11.69 45.97 -22.33
N ARG B 390 -11.45 47.14 -21.73
CA ARG B 390 -10.24 47.93 -22.08
C ARG B 390 -8.95 47.13 -21.88
N ALA B 391 -8.84 46.38 -20.78
CA ALA B 391 -7.63 45.58 -20.55
C ALA B 391 -7.45 44.52 -21.64
N THR B 392 -8.56 43.85 -21.99
CA THR B 392 -8.51 42.84 -23.05
C THR B 392 -8.01 43.47 -24.35
N ARG B 393 -8.54 44.64 -24.71
CA ARG B 393 -8.05 45.34 -25.90
C ARG B 393 -6.57 45.64 -25.76
N ALA B 394 -6.12 46.20 -24.64
CA ALA B 394 -4.71 46.56 -24.52
C ALA B 394 -3.69 45.38 -24.60
N PHE B 395 -4.15 44.18 -24.25
CA PHE B 395 -3.30 42.97 -24.24
C PHE B 395 -3.49 42.10 -25.51
N SER B 396 -4.50 42.43 -26.32
CA SER B 396 -4.81 41.65 -27.53
C SER B 396 -3.63 41.57 -28.52
N GLN B 397 -2.77 42.60 -28.52
CA GLN B 397 -1.63 42.62 -29.41
C GLN B 397 -0.32 42.30 -28.70
N ILE B 398 -0.37 41.41 -27.70
CA ILE B 398 0.88 40.90 -27.14
C ILE B 398 1.31 39.72 -27.98
N LYS B 399 2.61 39.67 -28.24
CA LYS B 399 3.27 38.67 -29.07
C LYS B 399 3.26 37.26 -28.46
N ASP B 400 2.67 36.29 -29.17
CA ASP B 400 2.74 34.84 -28.78
C ASP B 400 2.24 34.56 -27.33
N ALA B 401 1.04 35.07 -27.03
CA ALA B 401 0.34 34.86 -25.77
C ALA B 401 -1.16 35.17 -25.90
N MET B 402 -2.00 34.29 -25.41
CA MET B 402 -3.40 34.60 -25.21
C MET B 402 -3.45 35.25 -23.81
N VAL B 403 -3.92 36.51 -23.76
CA VAL B 403 -3.98 37.31 -22.53
C VAL B 403 -5.29 38.01 -22.45
N PHE B 404 -6.18 37.62 -21.55
CA PHE B 404 -7.51 38.21 -21.48
C PHE B 404 -7.98 38.37 -20.04
N ALA B 405 -8.78 39.40 -19.80
CA ALA B 405 -9.28 39.68 -18.49
C ALA B 405 -10.75 39.33 -18.49
N PHE B 406 -11.22 38.79 -17.36
CA PHE B 406 -12.54 38.17 -17.27
C PHE B 406 -13.00 38.04 -15.84
N ASN B 407 -14.32 37.97 -15.66
CA ASN B 407 -14.92 37.82 -14.33
C ASN B 407 -15.43 36.40 -14.09
N LEU B 408 -15.45 36.00 -12.82
CA LEU B 408 -15.73 34.60 -12.39
C LEU B 408 -15.94 34.44 -10.88
N THR B 418 -19.87 31.95 -23.96
CA THR B 418 -20.33 30.58 -24.02
C THR B 418 -20.78 30.20 -25.48
N GLY B 419 -19.90 29.49 -26.21
CA GLY B 419 -20.21 28.82 -27.48
C GLY B 419 -20.28 27.28 -27.28
N PHE B 420 -19.31 26.52 -27.76
CA PHE B 420 -19.37 25.03 -27.71
C PHE B 420 -18.10 24.32 -27.18
N ASP B 421 -18.27 23.09 -26.70
CA ASP B 421 -17.19 22.30 -26.09
C ASP B 421 -17.18 20.83 -26.63
N PHE B 422 -16.23 20.53 -27.52
CA PHE B 422 -16.18 19.33 -28.33
C PHE B 422 -14.96 18.48 -28.01
N GLU B 423 -15.13 17.15 -27.99
CA GLU B 423 -14.02 16.20 -27.78
C GLU B 423 -13.89 15.33 -28.97
N LEU B 424 -12.70 15.33 -29.55
CA LEU B 424 -12.30 14.39 -30.57
C LEU B 424 -11.69 13.17 -29.92
N ILE B 425 -12.16 11.95 -30.23
CA ILE B 425 -11.82 10.75 -29.43
C ILE B 425 -11.14 9.68 -30.29
N ASP B 426 -10.03 9.17 -29.79
CA ASP B 426 -9.38 7.98 -30.39
C ASP B 426 -10.15 6.71 -30.01
N GLN B 427 -10.93 6.17 -30.95
CA GLN B 427 -11.76 5.01 -30.68
C GLN B 427 -11.10 3.65 -31.03
N ALA B 428 -9.96 3.62 -31.71
CA ALA B 428 -9.41 2.35 -32.24
C ALA B 428 -7.93 2.19 -32.01
N GLY B 429 -7.41 2.63 -30.87
CA GLY B 429 -5.93 2.59 -30.63
C GLY B 429 -5.05 3.30 -31.67
N LEU B 430 -5.56 4.37 -32.23
CA LEU B 430 -4.84 5.05 -33.32
C LEU B 430 -3.55 5.65 -32.81
N GLY B 431 -3.60 6.24 -31.61
CA GLY B 431 -2.42 6.87 -31.02
C GLY B 431 -2.41 8.39 -31.19
N HIS B 432 -1.50 9.00 -30.46
CA HIS B 432 -1.40 10.46 -30.31
C HIS B 432 -1.15 11.19 -31.63
N GLU B 433 -0.18 10.68 -32.40
CA GLU B 433 0.29 11.28 -33.65
C GLU B 433 -0.90 11.29 -34.63
N LYS B 434 -1.63 10.18 -34.72
CA LYS B 434 -2.74 10.13 -35.66
C LYS B 434 -3.94 10.93 -35.16
N LEU B 435 -4.18 10.91 -33.87
CA LEU B 435 -5.24 11.74 -33.36
C LEU B 435 -4.91 13.21 -33.63
N THR B 436 -3.65 13.62 -33.51
CA THR B 436 -3.25 15.00 -33.84
C THR B 436 -3.55 15.33 -35.34
N GLN B 437 -3.12 14.46 -36.26
CA GLN B 437 -3.46 14.64 -37.69
C GLN B 437 -4.96 14.84 -37.96
N ALA B 438 -5.79 14.04 -37.31
CA ALA B 438 -7.22 14.11 -37.45
C ALA B 438 -7.82 15.37 -36.88
N ARG B 439 -7.36 15.77 -35.71
CA ARG B 439 -7.73 17.05 -35.13
C ARG B 439 -7.45 18.23 -36.13
N ASN B 440 -6.24 18.25 -36.65
CA ASN B 440 -5.80 19.24 -37.66
C ASN B 440 -6.64 19.27 -38.94
N GLN B 441 -7.06 18.11 -39.41
CA GLN B 441 -7.94 17.99 -40.58
C GLN B 441 -9.30 18.61 -40.26
N LEU B 442 -9.82 18.31 -39.09
CA LEU B 442 -11.05 18.95 -38.65
C LEU B 442 -10.91 20.46 -38.43
N LEU B 443 -9.84 20.91 -37.80
CA LEU B 443 -9.62 22.37 -37.61
C LEU B 443 -9.54 23.08 -38.96
N ALA B 444 -8.89 22.46 -39.93
CA ALA B 444 -8.69 23.05 -41.24
C ALA B 444 -10.01 23.15 -42.01
N GLU B 445 -10.79 22.08 -42.00
CA GLU B 445 -12.17 22.13 -42.52
C GLU B 445 -13.05 23.16 -41.81
N ALA B 446 -12.93 23.32 -40.48
CA ALA B 446 -13.75 24.32 -39.77
C ALA B 446 -13.41 25.80 -40.12
N ALA B 447 -12.14 26.06 -40.40
CA ALA B 447 -11.66 27.35 -40.88
C ALA B 447 -12.20 27.78 -42.27
N LYS B 448 -12.63 26.82 -43.07
CA LYS B 448 -13.29 27.06 -44.37
C LYS B 448 -14.78 27.35 -44.26
N HIS B 449 -15.32 27.46 -43.04
CA HIS B 449 -16.70 27.89 -42.86
C HIS B 449 -16.77 29.07 -41.88
N PRO B 450 -16.14 30.23 -42.21
CA PRO B 450 -16.19 31.43 -41.34
C PRO B 450 -17.59 32.02 -41.12
N ASP B 451 -18.54 31.67 -41.98
CA ASP B 451 -19.95 32.09 -41.81
C ASP B 451 -20.74 31.31 -40.75
N MET B 452 -20.24 30.12 -40.36
CA MET B 452 -20.86 29.28 -39.32
C MET B 452 -20.03 29.11 -38.02
N LEU B 453 -18.70 29.10 -38.14
CA LEU B 453 -17.82 28.79 -37.00
C LEU B 453 -16.76 29.86 -36.79
N THR B 454 -16.62 30.32 -35.56
CA THR B 454 -15.58 31.28 -35.22
C THR B 454 -14.64 30.68 -34.12
N SER B 455 -13.34 30.87 -34.28
CA SER B 455 -12.33 30.53 -33.25
C SER B 455 -12.33 29.04 -32.85
N VAL B 456 -12.46 28.18 -33.84
CA VAL B 456 -12.43 26.75 -33.59
C VAL B 456 -10.96 26.39 -33.38
N ARG B 457 -10.62 26.04 -32.13
CA ARG B 457 -9.23 25.91 -31.67
C ARG B 457 -9.05 24.75 -30.66
N PRO B 458 -7.83 24.24 -30.50
CA PRO B 458 -7.57 23.25 -29.46
C PRO B 458 -7.60 23.89 -28.11
N ASN B 459 -8.07 23.22 -27.07
CA ASN B 459 -7.87 23.78 -25.71
C ASN B 459 -6.52 23.39 -25.06
N GLY B 460 -5.88 22.37 -25.59
CA GLY B 460 -4.62 21.91 -25.08
C GLY B 460 -3.36 22.44 -25.73
N LEU B 461 -2.32 21.61 -25.66
CA LEU B 461 -1.00 22.03 -25.92
C LEU B 461 -0.45 21.26 -27.08
N GLU B 462 0.45 21.92 -27.79
CA GLU B 462 1.06 21.39 -28.99
C GLU B 462 2.29 20.58 -28.57
N ASP B 463 2.64 19.56 -29.35
CA ASP B 463 3.86 18.81 -29.06
C ASP B 463 5.07 19.75 -29.10
N THR B 464 6.10 19.39 -28.35
CA THR B 464 7.34 20.16 -28.32
C THR B 464 8.60 19.28 -28.41
N PRO B 465 9.74 19.89 -28.74
CA PRO B 465 10.95 19.05 -28.67
C PRO B 465 11.21 18.42 -27.28
N GLN B 466 11.64 17.16 -27.30
CA GLN B 466 12.06 16.39 -26.14
C GLN B 466 13.28 15.55 -26.53
N PHE B 467 14.00 15.18 -25.48
CA PHE B 467 15.30 14.58 -25.59
C PHE B 467 15.22 13.09 -25.30
N LYS B 468 15.27 12.33 -26.37
CA LYS B 468 15.07 10.91 -26.31
C LYS B 468 16.42 10.21 -26.11
N ILE B 469 16.61 9.59 -24.96
CA ILE B 469 17.88 8.89 -24.66
C ILE B 469 17.62 7.37 -24.60
N ASP B 470 18.46 6.60 -25.32
CA ASP B 470 18.36 5.16 -25.43
C ASP B 470 19.52 4.54 -24.66
N ILE B 471 19.20 3.72 -23.65
CA ILE B 471 20.20 2.96 -22.89
C ILE B 471 20.53 1.69 -23.67
N ASP B 472 21.80 1.53 -24.03
CA ASP B 472 22.26 0.31 -24.72
C ASP B 472 22.39 -0.84 -23.72
N GLN B 473 21.40 -1.74 -23.72
CA GLN B 473 21.33 -2.85 -22.76
C GLN B 473 22.54 -3.78 -22.88
N GLU B 474 22.98 -4.02 -24.13
CA GLU B 474 24.19 -4.83 -24.40
C GLU B 474 25.44 -4.24 -23.82
N LYS B 475 25.63 -2.95 -24.06
CA LYS B 475 26.82 -2.29 -23.55
C LYS B 475 26.80 -2.21 -22.01
N ALA B 476 25.66 -1.89 -21.42
CA ALA B 476 25.59 -1.88 -19.99
C ALA B 476 25.95 -3.24 -19.44
N GLN B 477 25.43 -4.29 -20.04
CA GLN B 477 25.72 -5.64 -19.54
C GLN B 477 27.19 -6.00 -19.77
N ALA B 478 27.75 -5.63 -20.91
CA ALA B 478 29.16 -5.98 -21.16
C ALA B 478 30.12 -5.33 -20.13
N LEU B 479 29.75 -4.12 -19.67
CA LEU B 479 30.51 -3.39 -18.65
C LEU B 479 30.17 -3.72 -17.19
N GLY B 480 29.02 -4.32 -16.94
CA GLY B 480 28.55 -4.67 -15.59
C GLY B 480 27.96 -3.48 -14.89
N VAL B 481 27.29 -2.66 -15.67
CA VAL B 481 26.57 -1.51 -15.14
C VAL B 481 25.15 -1.98 -15.07
N SER B 482 24.58 -1.77 -13.91
CA SER B 482 23.21 -2.17 -13.65
C SER B 482 22.20 -1.09 -14.18
N ILE B 483 21.17 -1.52 -14.89
CA ILE B 483 20.11 -0.65 -15.45
C ILE B 483 19.43 0.20 -14.36
N ASN B 484 19.16 -0.43 -13.23
CA ASN B 484 18.61 0.29 -12.11
C ASN B 484 19.50 1.40 -11.67
N ASP B 485 20.79 1.18 -11.52
CA ASP B 485 21.71 2.31 -11.20
C ASP B 485 21.76 3.44 -12.27
N ILE B 486 21.78 3.06 -13.54
CA ILE B 486 21.66 3.99 -14.66
C ILE B 486 20.37 4.87 -14.59
N ASN B 487 19.23 4.23 -14.42
CA ASN B 487 17.94 4.92 -14.42
C ASN B 487 17.71 5.76 -13.16
N THR B 488 18.27 5.34 -12.03
CA THR B 488 18.24 6.13 -10.80
C THR B 488 19.18 7.31 -10.94
N THR B 489 20.34 7.07 -11.56
CA THR B 489 21.30 8.14 -11.75
C THR B 489 20.74 9.25 -12.63
N LEU B 490 20.10 8.87 -13.74
CA LEU B 490 19.46 9.80 -14.67
C LEU B 490 18.33 10.54 -14.02
N GLY B 491 17.40 9.80 -13.46
CA GLY B 491 16.17 10.40 -12.90
C GLY B 491 16.47 11.26 -11.67
N ALA B 492 17.33 10.77 -10.79
CA ALA B 492 17.55 11.52 -9.57
C ALA B 492 18.31 12.80 -9.89
N ALA B 493 19.25 12.74 -10.81
CA ALA B 493 20.03 13.90 -11.19
C ALA B 493 19.23 14.91 -11.97
N TRP B 494 18.55 14.48 -13.02
CA TRP B 494 17.89 15.41 -13.91
C TRP B 494 16.44 15.72 -13.57
N GLY B 495 15.77 14.83 -12.84
CA GLY B 495 14.39 15.06 -12.38
C GLY B 495 14.19 15.22 -10.88
N GLY B 496 15.13 14.78 -10.08
CA GLY B 496 15.01 14.92 -8.65
C GLY B 496 14.27 13.75 -8.06
N SER B 497 14.64 13.34 -6.85
CA SER B 497 14.03 12.17 -6.23
C SER B 497 13.71 12.51 -4.78
N TYR B 498 12.47 12.21 -4.37
CA TYR B 498 12.01 12.31 -2.96
C TYR B 498 12.56 11.13 -2.17
N VAL B 499 13.50 11.38 -1.25
CA VAL B 499 14.23 10.27 -0.59
C VAL B 499 13.48 9.76 0.65
N ASN B 500 13.23 10.65 1.62
CA ASN B 500 12.44 10.32 2.83
C ASN B 500 12.16 11.68 3.50
N ASP B 501 11.72 11.66 4.76
CA ASP B 501 11.33 12.89 5.48
C ASP B 501 12.32 13.30 6.54
N PHE B 502 12.25 14.55 6.92
CA PHE B 502 13.09 15.11 7.99
C PHE B 502 12.21 16.10 8.73
N ILE B 503 12.72 16.72 9.81
CA ILE B 503 11.96 17.61 10.69
C ILE B 503 12.59 18.95 10.68
N ASP B 504 11.87 19.93 10.16
CA ASP B 504 12.32 21.31 10.09
C ASP B 504 11.51 22.15 11.08
N ARG B 505 12.17 22.63 12.14
CA ARG B 505 11.56 23.35 13.23
C ARG B 505 10.32 22.65 13.71
N GLY B 506 10.48 21.36 14.00
CA GLY B 506 9.40 20.50 14.51
C GLY B 506 8.30 20.02 13.55
N ARG B 507 8.39 20.38 12.26
CA ARG B 507 7.40 19.96 11.25
C ARG B 507 7.99 18.98 10.28
N VAL B 508 7.29 17.87 10.07
CA VAL B 508 7.73 16.91 9.05
C VAL B 508 7.73 17.53 7.64
N LYS B 509 8.81 17.33 6.90
CA LYS B 509 8.99 17.86 5.53
C LYS B 509 9.84 16.92 4.69
N LYS B 510 9.91 17.15 3.41
CA LYS B 510 10.58 16.16 2.50
C LYS B 510 12.08 16.44 2.31
N VAL B 511 12.80 15.40 1.90
CA VAL B 511 14.21 15.48 1.55
C VAL B 511 14.29 15.10 0.07
N TYR B 512 14.95 15.95 -0.72
CA TYR B 512 15.11 15.71 -2.15
C TYR B 512 16.57 15.79 -2.53
N VAL B 513 16.95 14.86 -3.37
CA VAL B 513 18.24 14.77 -4.03
C VAL B 513 17.99 15.11 -5.52
N MET B 514 18.85 15.96 -6.10
CA MET B 514 18.80 16.37 -7.52
C MET B 514 20.14 16.97 -7.91
N SER B 515 20.47 17.04 -9.19
CA SER B 515 21.71 17.74 -9.58
C SER B 515 21.59 19.20 -9.36
N GLU B 516 22.68 19.75 -8.92
CA GLU B 516 22.83 21.19 -8.96
C GLU B 516 22.54 21.70 -10.39
N ALA B 517 21.87 22.82 -10.47
CA ALA B 517 21.41 23.39 -11.72
C ALA B 517 22.41 23.33 -12.87
N LYS B 518 23.66 23.65 -12.61
CA LYS B 518 24.59 23.86 -13.71
C LYS B 518 25.09 22.54 -14.30
N TYR B 519 24.82 21.41 -13.65
CA TYR B 519 25.20 20.14 -14.24
C TYR B 519 24.03 19.43 -14.90
N ARG B 520 22.92 20.12 -15.11
CA ARG B 520 21.75 19.53 -15.75
C ARG B 520 21.04 20.53 -16.71
N MET B 521 21.81 21.33 -17.41
CA MET B 521 21.23 22.36 -18.25
C MET B 521 21.21 22.02 -19.71
N LEU B 522 22.23 21.28 -20.15
CA LEU B 522 22.48 21.06 -21.54
C LEU B 522 22.77 19.62 -21.91
N PRO B 523 22.58 19.26 -23.19
CA PRO B 523 22.79 17.87 -23.57
C PRO B 523 24.17 17.30 -23.23
N ASP B 524 25.24 18.03 -23.48
CA ASP B 524 26.61 17.54 -23.14
C ASP B 524 26.80 17.21 -21.65
N ASP B 525 26.00 17.81 -20.77
CA ASP B 525 26.03 17.47 -19.35
C ASP B 525 25.71 16.01 -19.04
N ILE B 526 24.80 15.38 -19.80
CA ILE B 526 24.58 13.90 -19.72
C ILE B 526 25.89 13.09 -19.56
N GLY B 527 26.89 13.42 -20.39
CA GLY B 527 28.16 12.72 -20.43
C GLY B 527 29.09 12.92 -19.24
N ASP B 528 28.76 13.83 -18.35
CA ASP B 528 29.52 14.07 -17.13
C ASP B 528 29.00 13.30 -15.92
N TRP B 529 27.88 12.55 -16.07
CA TRP B 529 27.39 11.71 -15.00
C TRP B 529 27.99 10.32 -15.16
N TYR B 530 28.56 9.78 -14.09
CA TYR B 530 29.22 8.52 -14.13
C TYR B 530 28.44 7.51 -13.27
N VAL B 531 28.54 6.23 -13.60
CA VAL B 531 27.87 5.16 -12.89
C VAL B 531 28.92 4.09 -12.57
N ARG B 532 28.85 3.50 -11.38
CA ARG B 532 29.83 2.51 -10.94
C ARG B 532 29.41 1.09 -11.40
N ALA B 533 30.31 0.44 -12.12
CA ALA B 533 30.12 -0.95 -12.53
C ALA B 533 30.36 -1.92 -11.36
N ALA B 534 29.93 -3.17 -11.54
CA ALA B 534 30.15 -4.27 -10.57
C ALA B 534 31.63 -4.48 -10.22
N ASP B 535 32.52 -4.30 -11.19
CA ASP B 535 33.96 -4.32 -10.95
C ASP B 535 34.56 -3.05 -10.26
N GLY B 536 33.74 -2.02 -10.00
CA GLY B 536 34.14 -0.79 -9.30
C GLY B 536 34.67 0.34 -10.19
N GLN B 537 34.73 0.10 -11.49
CA GLN B 537 35.04 1.18 -12.40
C GLN B 537 33.88 2.15 -12.59
N MET B 538 34.23 3.44 -12.68
CA MET B 538 33.29 4.50 -13.06
C MET B 538 33.19 4.53 -14.58
N VAL B 539 31.97 4.59 -15.09
CA VAL B 539 31.65 4.53 -16.50
C VAL B 539 30.78 5.75 -16.79
N PRO B 540 31.17 6.58 -17.75
CA PRO B 540 30.36 7.75 -18.09
C PRO B 540 29.10 7.32 -18.86
N PHE B 541 28.06 8.13 -18.77
CA PHE B 541 26.82 7.88 -19.44
C PHE B 541 26.97 7.82 -20.95
N SER B 542 27.97 8.48 -21.49
CA SER B 542 28.21 8.42 -22.92
C SER B 542 28.55 7.04 -23.37
N ALA B 543 29.12 6.22 -22.51
CA ALA B 543 29.56 4.93 -22.99
C ALA B 543 28.41 3.94 -23.27
N PHE B 544 27.23 4.18 -22.70
CA PHE B 544 26.09 3.24 -22.83
C PHE B 544 24.81 3.88 -23.27
N SER B 545 24.87 5.06 -23.87
CA SER B 545 23.65 5.75 -24.29
C SER B 545 23.85 6.47 -25.56
N SER B 546 22.77 6.83 -26.20
CA SER B 546 22.77 7.61 -27.44
C SER B 546 21.50 8.41 -27.40
N SER B 547 21.49 9.59 -27.99
CA SER B 547 20.33 10.45 -27.91
C SER B 547 20.01 11.14 -29.19
N ARG B 548 18.73 11.53 -29.32
CA ARG B 548 18.27 12.31 -30.45
C ARG B 548 17.10 13.16 -30.04
N TRP B 549 16.87 14.25 -30.79
CA TRP B 549 15.68 15.07 -30.59
C TRP B 549 14.51 14.45 -31.29
N GLU B 550 13.34 14.60 -30.68
CA GLU B 550 12.08 14.19 -31.30
C GLU B 550 10.96 15.11 -30.76
N TYR B 551 9.72 14.98 -31.28
CA TYR B 551 8.55 15.63 -30.69
C TYR B 551 7.67 14.69 -29.89
N GLY B 552 7.14 15.18 -28.77
CA GLY B 552 6.02 14.55 -28.09
C GLY B 552 5.20 15.60 -27.35
N SER B 553 4.18 15.12 -26.62
CA SER B 553 3.17 15.93 -25.96
C SER B 553 3.56 16.31 -24.52
N PRO B 554 3.40 17.62 -24.16
CA PRO B 554 3.50 18.04 -22.75
C PRO B 554 2.17 17.86 -22.04
N ARG B 555 1.11 17.58 -22.77
CA ARG B 555 -0.13 17.27 -22.13
C ARG B 555 -1.02 16.34 -22.96
N LEU B 556 -1.20 15.13 -22.46
CA LEU B 556 -2.10 14.15 -23.03
C LEU B 556 -3.40 14.22 -22.29
N GLU B 557 -4.48 14.34 -23.04
CA GLU B 557 -5.84 14.43 -22.53
C GLU B 557 -6.51 13.13 -22.77
N ARG B 558 -7.42 12.78 -21.88
CA ARG B 558 -8.38 11.66 -22.12
C ARG B 558 -9.84 12.06 -21.78
N TYR B 559 -10.80 11.36 -22.44
CA TYR B 559 -12.25 11.55 -22.24
C TYR B 559 -13.04 10.21 -22.18
N ASN B 560 -13.71 10.00 -21.05
CA ASN B 560 -14.28 8.71 -20.69
C ASN B 560 -13.34 7.55 -21.00
N GLY B 561 -12.10 7.72 -20.59
CA GLY B 561 -11.16 6.62 -20.60
C GLY B 561 -10.38 6.44 -21.83
N LEU B 562 -10.66 7.28 -22.85
CA LEU B 562 -9.98 7.12 -24.16
C LEU B 562 -9.18 8.34 -24.57
N PRO B 563 -8.17 8.16 -25.44
CA PRO B 563 -7.43 9.39 -25.78
C PRO B 563 -8.30 10.42 -26.51
N SER B 564 -8.06 11.69 -26.24
CA SER B 564 -8.95 12.75 -26.67
C SER B 564 -8.22 14.04 -26.85
N MET B 565 -8.86 14.92 -27.60
CA MET B 565 -8.40 16.26 -27.80
C MET B 565 -9.56 17.23 -27.76
N GLU B 566 -9.54 18.15 -26.81
CA GLU B 566 -10.64 19.11 -26.60
C GLU B 566 -10.53 20.25 -27.60
N ILE B 567 -11.65 20.48 -28.31
CA ILE B 567 -11.79 21.59 -29.25
C ILE B 567 -12.87 22.57 -28.74
N LEU B 568 -12.51 23.86 -28.75
CA LEU B 568 -13.42 24.93 -28.39
C LEU B 568 -13.72 25.71 -29.63
N GLY B 569 -14.84 26.43 -29.61
CA GLY B 569 -15.23 27.33 -30.70
C GLY B 569 -16.62 27.85 -30.41
N GLN B 570 -17.16 28.64 -31.35
CA GLN B 570 -18.52 29.21 -31.19
C GLN B 570 -19.23 29.42 -32.52
N ALA B 571 -20.51 29.72 -32.41
CA ALA B 571 -21.31 30.12 -33.57
C ALA B 571 -20.80 31.48 -34.07
N ALA B 572 -20.63 31.61 -35.40
CA ALA B 572 -20.46 32.94 -36.04
C ALA B 572 -21.66 33.89 -35.73
N PRO B 573 -21.48 35.22 -35.97
CA PRO B 573 -22.58 36.18 -35.71
C PRO B 573 -23.85 35.88 -36.53
N GLY B 574 -25.02 36.06 -35.92
CA GLY B 574 -26.30 35.76 -36.57
C GLY B 574 -26.58 34.28 -36.86
N LYS B 575 -25.93 33.39 -36.10
CA LYS B 575 -26.13 31.93 -36.22
C LYS B 575 -26.34 31.36 -34.84
N SER B 576 -27.15 30.30 -34.75
CA SER B 576 -27.47 29.66 -33.49
C SER B 576 -26.36 28.68 -33.14
N THR B 577 -26.11 28.58 -31.84
CA THR B 577 -25.23 27.56 -31.28
C THR B 577 -25.50 26.15 -31.86
N GLY B 578 -26.78 25.78 -31.95
CA GLY B 578 -27.17 24.46 -32.49
C GLY B 578 -26.88 24.18 -33.97
N GLU B 579 -26.97 25.22 -34.80
CA GLU B 579 -26.58 25.16 -36.21
C GLU B 579 -25.07 24.91 -36.36
N ALA B 580 -24.30 25.61 -35.53
CA ALA B 580 -22.87 25.47 -35.45
C ALA B 580 -22.47 24.07 -34.96
N MET B 581 -23.08 23.62 -33.89
CA MET B 581 -22.86 22.24 -33.45
C MET B 581 -23.13 21.23 -34.55
N GLU B 582 -24.28 21.37 -35.21
CA GLU B 582 -24.67 20.47 -36.31
C GLU B 582 -23.55 20.40 -37.38
N LEU B 583 -22.95 21.54 -37.72
CA LEU B 583 -21.86 21.58 -38.68
C LEU B 583 -20.60 20.85 -38.18
N MET B 584 -20.21 21.13 -36.94
CA MET B 584 -19.15 20.34 -36.29
C MET B 584 -19.37 18.81 -36.48
N GLU B 585 -20.59 18.33 -36.24
CA GLU B 585 -20.92 16.89 -36.39
C GLU B 585 -20.80 16.40 -37.83
N GLN B 586 -21.20 17.24 -38.79
CA GLN B 586 -21.05 16.88 -40.21
C GLN B 586 -19.58 16.78 -40.53
N LEU B 587 -18.84 17.79 -40.10
CA LEU B 587 -17.42 17.83 -40.39
C LEU B 587 -16.72 16.61 -39.77
N ALA B 588 -17.17 16.27 -38.55
CA ALA B 588 -16.66 15.13 -37.78
C ALA B 588 -16.84 13.78 -38.44
N SER B 589 -17.95 13.60 -39.16
CA SER B 589 -18.28 12.36 -39.88
C SER B 589 -17.42 12.03 -41.10
N LYS B 590 -16.58 12.98 -41.53
CA LYS B 590 -15.62 12.79 -42.64
C LYS B 590 -14.16 12.53 -42.16
N LEU B 591 -13.96 12.32 -40.86
CA LEU B 591 -12.62 12.12 -40.32
C LEU B 591 -12.16 10.69 -40.55
N PRO B 592 -10.84 10.43 -40.44
CA PRO B 592 -10.37 9.04 -40.64
C PRO B 592 -11.00 8.01 -39.71
N THR B 593 -11.12 6.77 -40.20
CA THR B 593 -11.62 5.62 -39.42
C THR B 593 -10.97 5.55 -38.06
N GLY B 594 -11.80 5.25 -37.06
CA GLY B 594 -11.39 5.16 -35.66
C GLY B 594 -11.50 6.42 -34.81
N VAL B 595 -11.90 7.55 -35.42
CA VAL B 595 -11.95 8.81 -34.75
C VAL B 595 -13.40 9.12 -34.55
N GLY B 596 -13.84 9.18 -33.30
CA GLY B 596 -15.17 9.68 -32.97
C GLY B 596 -15.10 11.03 -32.27
N TYR B 597 -16.22 11.40 -31.67
CA TYR B 597 -16.32 12.60 -30.90
C TYR B 597 -17.47 12.53 -29.88
N ASP B 598 -17.46 13.49 -28.95
CA ASP B 598 -18.55 13.79 -28.05
C ASP B 598 -18.64 15.25 -27.69
N TRP B 599 -19.84 15.66 -27.32
CA TRP B 599 -20.08 16.96 -26.66
C TRP B 599 -19.91 16.84 -25.17
N THR B 600 -19.34 17.86 -24.53
CA THR B 600 -19.12 17.87 -23.06
C THR B 600 -19.36 19.26 -22.53
N GLY B 601 -19.26 19.42 -21.20
CA GLY B 601 -19.34 20.74 -20.56
C GLY B 601 -20.62 21.50 -20.93
N MET B 602 -20.48 22.79 -21.28
CA MET B 602 -21.62 23.65 -21.73
C MET B 602 -22.47 23.00 -22.84
N SER B 603 -21.86 22.21 -23.71
CA SER B 603 -22.58 21.55 -24.81
C SER B 603 -23.27 20.23 -24.52
N TYR B 604 -23.29 19.77 -23.26
CA TYR B 604 -23.96 18.50 -22.92
C TYR B 604 -25.42 18.78 -22.49
N ALA C 1 -23.50 16.33 23.68
CA ALA C 1 -22.00 16.20 23.52
C ALA C 1 -21.60 16.19 22.03
N PRO C 2 -20.58 16.97 21.61
CA PRO C 2 -20.24 16.96 20.18
C PRO C 2 -19.68 15.60 19.71
N PRO C 3 -20.02 15.15 18.49
CA PRO C 3 -19.49 13.88 18.00
C PRO C 3 -17.99 13.92 17.76
N ALA C 4 -17.37 12.79 18.05
CA ALA C 4 -15.92 12.67 17.99
C ALA C 4 -15.52 11.43 17.27
N VAL C 5 -14.46 11.51 16.50
CA VAL C 5 -13.87 10.36 15.81
C VAL C 5 -12.42 10.21 16.28
N THR C 6 -12.03 8.99 16.62
CA THR C 6 -10.67 8.69 17.05
C THR C 6 -9.92 7.78 16.06
N ILE C 7 -8.70 8.18 15.67
CA ILE C 7 -7.79 7.36 14.87
C ILE C 7 -6.78 6.73 15.82
N SER C 8 -6.61 5.42 15.79
CA SER C 8 -5.70 4.74 16.66
C SER C 8 -4.72 3.99 15.84
N ALA C 9 -3.44 4.17 16.15
CA ALA C 9 -2.41 3.47 15.44
C ALA C 9 -1.35 2.97 16.42
N SER C 10 -0.53 2.06 15.94
CA SER C 10 0.44 1.40 16.82
C SER C 10 1.75 1.10 16.08
N TYR C 11 2.86 1.42 16.74
CA TYR C 11 4.24 1.25 16.19
C TYR C 11 5.02 0.51 17.28
N PRO C 12 5.05 -0.82 17.21
CA PRO C 12 5.65 -1.59 18.32
C PRO C 12 7.14 -1.33 18.54
N GLY C 13 7.52 -1.12 19.80
CA GLY C 13 8.95 -0.75 20.12
C GLY C 13 9.30 0.70 19.91
N ALA C 14 8.31 1.54 19.52
CA ALA C 14 8.58 2.94 19.25
C ALA C 14 8.38 3.85 20.47
N ASP C 15 9.29 4.81 20.57
CA ASP C 15 9.23 5.92 21.51
C ASP C 15 8.27 7.01 21.03
N ALA C 16 7.91 7.90 21.93
CA ALA C 16 6.92 8.92 21.64
C ALA C 16 7.33 9.83 20.46
N LYS C 17 8.61 10.21 20.39
CA LYS C 17 9.01 11.13 19.32
C LYS C 17 9.00 10.41 17.98
N THR C 18 9.46 9.16 17.94
CA THR C 18 9.40 8.33 16.74
C THR C 18 7.96 8.22 16.23
N VAL C 19 7.01 7.93 17.12
CA VAL C 19 5.61 7.82 16.72
C VAL C 19 5.04 9.13 16.20
N GLN C 20 5.26 10.21 16.96
CA GLN C 20 4.80 11.54 16.54
C GLN C 20 5.27 11.98 15.13
N ASP C 21 6.56 11.74 14.88
CA ASP C 21 7.23 12.25 13.70
C ASP C 21 7.18 11.35 12.45
N THR C 22 6.80 10.07 12.61
CA THR C 22 6.56 9.19 11.50
C THR C 22 5.10 8.83 11.30
N VAL C 23 4.25 9.05 12.29
CA VAL C 23 2.82 8.79 12.14
C VAL C 23 1.94 9.97 12.39
N THR C 24 1.97 10.50 13.61
CA THR C 24 1.00 11.48 14.02
C THR C 24 1.02 12.70 13.12
N GLN C 25 2.18 13.26 12.87
CA GLN C 25 2.29 14.47 12.06
C GLN C 25 1.75 14.22 10.66
N VAL C 26 2.10 13.03 10.13
CA VAL C 26 1.80 12.71 8.75
C VAL C 26 0.30 12.58 8.61
N ILE C 27 -0.36 11.91 9.57
CA ILE C 27 -1.81 11.79 9.57
C ILE C 27 -2.45 13.16 9.76
N GLU C 28 -1.92 13.96 10.69
CA GLU C 28 -2.51 15.30 10.89
C GLU C 28 -2.49 16.14 9.64
N GLN C 29 -1.36 16.08 8.93
CA GLN C 29 -1.18 16.88 7.70
C GLN C 29 -2.15 16.47 6.57
N ASN C 30 -2.74 15.28 6.64
CA ASN C 30 -3.74 14.84 5.69
C ASN C 30 -5.20 14.94 6.19
N MET C 31 -5.45 15.55 7.35
CA MET C 31 -6.83 15.78 7.81
C MET C 31 -7.56 17.05 7.23
N ASN C 32 -7.33 17.35 5.96
CA ASN C 32 -8.02 18.41 5.25
C ASN C 32 -9.21 17.93 4.43
N GLY C 33 -10.04 18.88 4.00
CA GLY C 33 -11.26 18.63 3.27
C GLY C 33 -12.31 17.78 3.96
N ILE C 34 -12.32 17.83 5.29
CA ILE C 34 -13.31 17.16 6.08
C ILE C 34 -14.31 18.20 6.58
N ASP C 35 -15.60 17.95 6.36
CA ASP C 35 -16.64 18.90 6.79
C ASP C 35 -16.90 18.93 8.33
N ASN C 36 -17.15 20.13 8.87
CA ASN C 36 -17.70 20.33 10.22
C ASN C 36 -16.77 20.02 11.40
N LEU C 37 -15.48 20.09 11.16
CA LEU C 37 -14.47 19.83 12.16
C LEU C 37 -14.29 21.03 13.03
N MET C 38 -14.39 20.88 14.34
CA MET C 38 -14.12 22.01 15.25
C MET C 38 -12.63 22.08 15.65
N TYR C 39 -12.09 20.94 16.08
CA TYR C 39 -10.71 20.87 16.46
C TYR C 39 -10.21 19.42 16.46
N MET C 40 -8.91 19.25 16.57
CA MET C 40 -8.25 17.99 16.41
C MET C 40 -7.21 17.96 17.55
N SER C 41 -7.11 16.85 18.30
CA SER C 41 -6.03 16.71 19.30
C SER C 41 -5.41 15.35 19.22
N SER C 42 -4.18 15.24 19.69
CA SER C 42 -3.52 13.97 19.62
C SER C 42 -2.45 13.74 20.71
N ASN C 43 -2.23 12.48 21.05
CA ASN C 43 -1.17 12.02 21.95
C ASN C 43 -0.38 11.00 21.24
N SER C 44 0.91 11.05 21.42
CA SER C 44 1.85 10.07 20.91
C SER C 44 2.73 9.69 22.07
N ASP C 45 2.86 8.38 22.34
CA ASP C 45 3.49 7.93 23.56
C ASP C 45 4.52 6.84 23.45
N SER C 46 5.17 6.58 24.59
CA SER C 46 6.27 5.63 24.73
C SER C 46 5.87 4.17 24.59
N THR C 47 4.58 3.86 24.55
CA THR C 47 4.15 2.49 24.30
C THR C 47 4.01 2.30 22.78
N GLY C 48 4.36 3.27 21.94
CA GLY C 48 4.19 3.13 20.52
C GLY C 48 2.77 3.44 20.02
N THR C 49 2.00 4.19 20.79
CA THR C 49 0.58 4.42 20.50
C THR C 49 0.37 5.88 20.15
N VAL C 50 -0.45 6.11 19.12
CA VAL C 50 -0.95 7.43 18.81
C VAL C 50 -2.44 7.34 18.81
N GLN C 51 -3.10 8.29 19.47
CA GLN C 51 -4.55 8.49 19.33
C GLN C 51 -4.84 9.91 18.84
N ILE C 52 -5.52 10.04 17.68
CA ILE C 52 -5.91 11.35 17.15
C ILE C 52 -7.43 11.41 17.22
N THR C 53 -7.92 12.36 17.98
CA THR C 53 -9.34 12.60 18.18
C THR C 53 -9.74 13.85 17.41
N LEU C 54 -10.68 13.69 16.52
CA LEU C 54 -11.28 14.80 15.77
C LEU C 54 -12.67 15.07 16.36
N THR C 55 -12.92 16.31 16.75
CA THR C 55 -14.22 16.67 17.30
C THR C 55 -14.98 17.57 16.32
N PHE C 56 -16.23 17.17 16.03
CA PHE C 56 -17.08 17.84 15.07
C PHE C 56 -18.19 18.66 15.73
N GLU C 57 -18.72 19.64 14.97
CA GLU C 57 -19.83 20.54 15.39
C GLU C 57 -21.01 19.69 15.84
N SER C 58 -21.79 20.18 16.79
CA SER C 58 -23.01 19.50 17.23
C SER C 58 -24.04 19.42 16.12
N GLY C 59 -24.70 18.26 16.00
CA GLY C 59 -25.62 17.97 14.85
C GLY C 59 -24.96 17.52 13.54
N THR C 60 -23.63 17.35 13.51
CA THR C 60 -22.94 16.64 12.44
C THR C 60 -23.31 15.17 12.54
N ASP C 61 -23.59 14.57 11.39
CA ASP C 61 -23.77 13.13 11.29
C ASP C 61 -22.43 12.39 11.51
N ALA C 62 -22.40 11.57 12.56
CA ALA C 62 -21.18 10.84 12.98
C ALA C 62 -20.66 9.80 11.98
N ASP C 63 -21.54 9.24 11.14
CA ASP C 63 -21.13 8.24 10.14
C ASP C 63 -20.40 8.92 8.98
N ILE C 64 -20.94 10.07 8.55
CA ILE C 64 -20.34 10.87 7.50
C ILE C 64 -18.96 11.33 7.98
N ALA C 65 -18.91 11.81 9.23
CA ALA C 65 -17.67 12.22 9.84
C ALA C 65 -16.64 11.10 9.83
N GLN C 66 -17.08 9.92 10.27
CA GLN C 66 -16.24 8.76 10.38
C GLN C 66 -15.69 8.46 8.99
N VAL C 67 -16.57 8.44 8.01
CA VAL C 67 -16.19 8.00 6.67
C VAL C 67 -15.23 9.01 6.04
N GLN C 68 -15.45 10.30 6.27
CA GLN C 68 -14.58 11.29 5.66
C GLN C 68 -13.21 11.25 6.24
N VAL C 69 -13.13 11.01 7.56
CA VAL C 69 -11.86 10.90 8.26
C VAL C 69 -11.13 9.68 7.75
N GLN C 70 -11.86 8.59 7.63
CA GLN C 70 -11.30 7.34 7.27
C GLN C 70 -10.75 7.39 5.85
N ASN C 71 -11.49 7.98 4.93
CA ASN C 71 -10.95 8.08 3.57
C ASN C 71 -9.67 8.91 3.47
N LYS C 72 -9.57 9.95 4.29
CA LYS C 72 -8.33 10.73 4.28
C LYS C 72 -7.22 9.97 4.88
N LEU C 73 -7.48 9.27 5.96
CA LEU C 73 -6.44 8.47 6.55
C LEU C 73 -5.93 7.42 5.57
N GLN C 74 -6.87 6.79 4.86
CA GLN C 74 -6.50 5.66 4.02
C GLN C 74 -5.70 6.07 2.81
N LEU C 75 -5.92 7.26 2.29
CA LEU C 75 -5.04 7.84 1.27
C LEU C 75 -3.64 8.22 1.74
N ALA C 76 -3.50 8.47 3.02
CA ALA C 76 -2.20 8.74 3.64
C ALA C 76 -1.45 7.45 4.10
N MET C 77 -2.09 6.28 4.01
CA MET C 77 -1.44 5.01 4.48
C MET C 77 -0.10 4.70 3.91
N PRO C 78 0.09 4.93 2.60
CA PRO C 78 1.41 4.66 2.05
C PRO C 78 2.50 5.60 2.56
N LEU C 79 2.13 6.73 3.16
CA LEU C 79 3.07 7.65 3.80
C LEU C 79 3.52 7.21 5.20
N LEU C 80 2.96 6.11 5.70
CA LEU C 80 3.25 5.64 7.04
C LEU C 80 4.21 4.48 6.99
N PRO C 81 4.95 4.25 8.09
CA PRO C 81 5.84 3.12 8.12
C PRO C 81 5.10 1.80 8.03
N GLN C 82 5.77 0.84 7.39
CA GLN C 82 5.17 -0.45 7.08
C GLN C 82 4.73 -1.11 8.37
N GLU C 83 5.57 -1.00 9.39
CA GLU C 83 5.31 -1.61 10.68
C GLU C 83 3.99 -1.11 11.32
N VAL C 84 3.64 0.15 11.02
CA VAL C 84 2.41 0.75 11.51
C VAL C 84 1.25 0.31 10.65
N GLN C 85 1.40 0.34 9.33
CA GLN C 85 0.36 -0.23 8.44
C GLN C 85 -0.07 -1.67 8.81
N GLN C 86 0.90 -2.49 9.16
CA GLN C 86 0.65 -3.89 9.48
C GLN C 86 -0.06 -4.11 10.80
N GLN C 87 -0.01 -3.16 11.72
CA GLN C 87 -0.85 -3.26 12.94
C GLN C 87 -2.30 -2.84 12.72
N GLY C 88 -2.61 -2.19 11.58
CA GLY C 88 -3.97 -1.69 11.33
C GLY C 88 -4.11 -0.33 11.98
N VAL C 89 -4.67 0.63 11.25
CA VAL C 89 -4.95 1.91 11.78
C VAL C 89 -6.46 2.10 11.79
N SER C 90 -7.05 2.08 12.97
CA SER C 90 -8.48 2.06 13.13
C SER C 90 -9.02 3.49 13.18
N VAL C 91 -10.22 3.70 12.62
CA VAL C 91 -10.96 4.98 12.72
C VAL C 91 -12.37 4.69 13.24
N GLU C 92 -12.64 5.07 14.47
CA GLU C 92 -13.89 4.70 15.12
C GLU C 92 -14.52 5.95 15.71
N LYS C 93 -15.86 5.95 15.69
CA LYS C 93 -16.66 6.87 16.49
C LYS C 93 -16.35 6.61 17.94
N SER C 94 -15.84 7.59 18.68
CA SER C 94 -15.40 7.40 20.08
C SER C 94 -16.24 8.13 21.12
N SER C 95 -17.24 8.89 20.67
CA SER C 95 -18.00 9.74 21.61
C SER C 95 -19.04 8.93 22.45
N SER C 96 -19.45 7.75 21.98
CA SER C 96 -20.35 6.88 22.76
C SER C 96 -19.52 5.99 23.69
N SER C 97 -20.05 5.73 24.89
CA SER C 97 -19.34 4.97 25.91
C SER C 97 -20.03 3.60 26.04
N PHE C 98 -19.70 2.85 27.09
CA PHE C 98 -19.97 1.44 27.12
C PHE C 98 -21.36 1.10 27.64
N LEU C 99 -22.00 0.14 26.98
CA LEU C 99 -23.19 -0.50 27.47
C LEU C 99 -22.78 -1.39 28.63
N MET C 100 -21.86 -2.33 28.42
CA MET C 100 -21.30 -3.15 29.52
C MET C 100 -19.86 -3.59 29.29
N VAL C 101 -19.19 -3.88 30.41
CA VAL C 101 -17.87 -4.49 30.36
C VAL C 101 -18.01 -5.84 31.01
N VAL C 102 -17.60 -6.88 30.29
CA VAL C 102 -17.77 -8.27 30.66
C VAL C 102 -16.36 -8.75 30.97
N GLY C 103 -16.15 -9.24 32.19
CA GLY C 103 -14.85 -9.84 32.57
C GLY C 103 -14.90 -11.31 32.30
N VAL C 104 -13.83 -11.89 31.78
CA VAL C 104 -13.71 -13.34 31.67
C VAL C 104 -12.53 -13.79 32.54
N ILE C 105 -12.80 -14.62 33.54
CA ILE C 105 -11.78 -14.91 34.56
C ILE C 105 -11.54 -16.36 34.61
N ASN C 106 -10.41 -16.73 35.18
CA ASN C 106 -10.16 -18.08 35.55
C ASN C 106 -9.91 -18.20 37.05
N THR C 107 -10.65 -19.14 37.65
CA THR C 107 -10.79 -19.29 39.11
C THR C 107 -10.03 -20.49 39.67
N ASP C 108 -9.67 -21.46 38.82
CA ASP C 108 -8.97 -22.63 39.29
C ASP C 108 -7.45 -22.60 39.01
N GLY C 109 -6.88 -21.41 38.79
CA GLY C 109 -5.43 -21.25 38.63
C GLY C 109 -4.81 -21.91 37.40
N THR C 110 -5.60 -22.31 36.38
CA THR C 110 -5.01 -23.05 35.25
C THR C 110 -4.74 -22.21 33.99
N MET C 111 -5.16 -20.94 33.94
CA MET C 111 -4.98 -20.14 32.73
C MET C 111 -4.45 -18.76 33.02
N THR C 112 -3.48 -18.34 32.21
CA THR C 112 -3.02 -16.94 32.18
C THR C 112 -4.01 -16.01 31.45
N GLN C 113 -3.82 -14.71 31.59
CA GLN C 113 -4.67 -13.75 30.91
C GLN C 113 -4.55 -13.89 29.37
N GLU C 114 -3.39 -14.38 28.91
CA GLU C 114 -3.16 -14.56 27.49
C GLU C 114 -3.96 -15.75 27.02
N ASP C 115 -3.93 -16.84 27.79
CA ASP C 115 -4.74 -18.02 27.52
C ASP C 115 -6.21 -17.68 27.47
N ILE C 116 -6.66 -16.89 28.43
CA ILE C 116 -8.06 -16.46 28.47
C ILE C 116 -8.36 -15.55 27.31
N SER C 117 -7.50 -14.57 27.01
CA SER C 117 -7.76 -13.70 25.87
C SER C 117 -7.88 -14.45 24.54
N ASP C 118 -7.05 -15.46 24.32
CA ASP C 118 -7.18 -16.31 23.16
C ASP C 118 -8.52 -17.04 23.09
N TYR C 119 -8.99 -17.57 24.22
CA TYR C 119 -10.25 -18.30 24.22
C TYR C 119 -11.35 -17.36 23.85
N VAL C 120 -11.41 -16.24 24.52
CA VAL C 120 -12.40 -15.20 24.19
C VAL C 120 -12.38 -14.81 22.68
N ALA C 121 -11.18 -14.61 22.13
CA ALA C 121 -11.04 -14.11 20.75
C ALA C 121 -11.54 -15.12 19.74
N ALA C 122 -11.31 -16.40 20.02
CA ALA C 122 -11.60 -17.45 19.08
C ALA C 122 -12.94 -18.11 19.32
N ASN C 123 -13.52 -17.96 20.51
CA ASN C 123 -14.77 -18.67 20.81
C ASN C 123 -15.95 -17.82 21.23
N MET C 124 -15.73 -16.55 21.56
CA MET C 124 -16.76 -15.73 22.20
C MET C 124 -17.05 -14.42 21.47
N LYS C 125 -16.00 -13.67 21.11
CA LYS C 125 -16.13 -12.27 20.67
C LYS C 125 -17.01 -12.13 19.47
N ASP C 126 -16.81 -13.01 18.50
CA ASP C 126 -17.57 -12.91 17.24
C ASP C 126 -19.06 -13.18 17.40
N ALA C 127 -19.44 -14.20 18.17
CA ALA C 127 -20.86 -14.43 18.51
C ALA C 127 -21.48 -13.25 19.28
N ILE C 128 -20.69 -12.56 20.10
CA ILE C 128 -21.14 -11.38 20.84
C ILE C 128 -21.32 -10.21 19.89
N SER C 129 -20.36 -10.02 18.99
CA SER C 129 -20.48 -9.08 17.87
C SER C 129 -21.76 -9.14 17.01
N ARG C 130 -22.25 -10.35 16.78
CA ARG C 130 -23.45 -10.58 15.98
C ARG C 130 -24.70 -10.64 16.81
N THR C 131 -24.61 -10.39 18.10
CA THR C 131 -25.80 -10.38 18.92
C THR C 131 -26.62 -9.10 18.68
N SER C 132 -27.93 -9.26 18.74
CA SER C 132 -28.90 -8.20 18.51
C SER C 132 -28.61 -6.91 19.33
N GLY C 133 -28.53 -5.77 18.66
CA GLY C 133 -28.21 -4.47 19.29
C GLY C 133 -26.74 -4.13 19.59
N VAL C 134 -25.80 -5.06 19.36
CA VAL C 134 -24.39 -4.81 19.70
C VAL C 134 -23.72 -3.96 18.59
N GLY C 135 -22.95 -2.93 18.95
CA GLY C 135 -22.15 -2.16 17.98
C GLY C 135 -20.72 -2.65 18.00
N ASP C 136 -19.79 -1.80 18.44
CA ASP C 136 -18.39 -2.22 18.55
C ASP C 136 -18.19 -3.06 19.80
N VAL C 137 -17.26 -3.99 19.69
CA VAL C 137 -16.83 -4.81 20.79
C VAL C 137 -15.30 -4.73 20.82
N GLN C 138 -14.73 -4.40 21.98
CA GLN C 138 -13.31 -4.30 22.10
C GLN C 138 -12.86 -5.44 23.00
N LEU C 139 -11.87 -6.19 22.50
CA LEU C 139 -11.19 -7.23 23.26
C LEU C 139 -10.07 -6.59 24.10
N PHE C 140 -10.15 -6.76 25.42
CA PHE C 140 -9.10 -6.26 26.32
C PHE C 140 -8.06 -7.37 26.48
N GLY C 141 -7.20 -7.43 25.47
CA GLY C 141 -6.24 -8.51 25.28
C GLY C 141 -6.14 -8.80 23.80
N SER C 142 -5.48 -9.88 23.43
CA SER C 142 -5.40 -10.28 22.02
C SER C 142 -5.56 -11.76 21.92
N GLN C 143 -5.66 -12.22 20.69
CA GLN C 143 -5.54 -13.63 20.44
C GLN C 143 -4.06 -14.01 20.60
N TYR C 144 -3.75 -15.30 20.64
CA TYR C 144 -2.35 -15.65 20.74
C TYR C 144 -1.52 -15.14 19.56
N ALA C 145 -0.26 -14.79 19.84
CA ALA C 145 0.80 -14.78 18.86
C ALA C 145 1.75 -15.89 19.20
N MET C 146 2.44 -16.38 18.19
CA MET C 146 3.56 -17.25 18.36
C MET C 146 4.73 -16.37 18.71
N ARG C 147 5.30 -16.59 19.89
CA ARG C 147 6.42 -15.85 20.41
C ARG C 147 7.68 -16.68 20.28
N ILE C 148 8.66 -16.06 19.62
CA ILE C 148 10.00 -16.53 19.47
C ILE C 148 10.83 -15.61 20.37
N TRP C 149 11.42 -16.17 21.43
CA TRP C 149 12.18 -15.41 22.43
C TRP C 149 13.65 -15.75 22.25
N MET C 150 14.40 -14.83 21.66
CA MET C 150 15.74 -15.07 21.22
C MET C 150 16.73 -14.95 22.36
N ASN C 151 17.78 -15.73 22.24
CA ASN C 151 18.94 -15.73 23.13
C ASN C 151 20.20 -15.28 22.42
N PRO C 152 20.76 -14.12 22.80
CA PRO C 152 21.91 -13.60 22.06
C PRO C 152 23.18 -14.45 22.18
N ASN C 153 23.35 -15.15 23.29
CA ASN C 153 24.58 -15.95 23.47
C ASN C 153 24.60 -17.11 22.49
N GLU C 154 23.45 -17.78 22.34
CA GLU C 154 23.35 -18.87 21.34
C GLU C 154 23.35 -18.31 19.92
N LEU C 155 22.70 -17.17 19.68
CA LEU C 155 22.85 -16.54 18.36
C LEU C 155 24.31 -16.27 17.92
N ASN C 156 25.11 -15.73 18.83
CA ASN C 156 26.54 -15.46 18.54
C ASN C 156 27.35 -16.75 18.46
N LYS C 157 27.08 -17.67 19.36
CA LYS C 157 27.70 -19.01 19.26
C LYS C 157 27.72 -19.52 17.80
N PHE C 158 26.60 -19.37 17.08
CA PHE C 158 26.46 -19.90 15.71
C PHE C 158 26.55 -18.85 14.60
N GLN C 159 27.15 -17.71 14.93
CA GLN C 159 27.32 -16.57 14.00
C GLN C 159 26.05 -16.11 13.32
N LEU C 160 24.99 -16.00 14.11
CA LEU C 160 23.69 -15.64 13.63
C LEU C 160 23.25 -14.38 14.37
N THR C 161 22.31 -13.68 13.76
CA THR C 161 21.69 -12.52 14.36
C THR C 161 20.18 -12.62 14.24
N PRO C 162 19.45 -11.65 14.81
CA PRO C 162 18.02 -11.61 14.60
C PRO C 162 17.55 -11.48 13.17
N VAL C 163 18.36 -10.85 12.33
CA VAL C 163 18.04 -10.72 10.91
C VAL C 163 17.92 -12.09 10.29
N ASP C 164 18.88 -12.95 10.59
CA ASP C 164 18.86 -14.30 10.08
C ASP C 164 17.59 -15.02 10.59
N VAL C 165 17.24 -14.84 11.87
CA VAL C 165 16.03 -15.43 12.43
C VAL C 165 14.77 -15.00 11.60
N ILE C 166 14.69 -13.69 11.36
CA ILE C 166 13.55 -13.10 10.66
C ILE C 166 13.52 -13.66 9.22
N THR C 167 14.67 -13.66 8.54
CA THR C 167 14.78 -14.18 7.19
C THR C 167 14.33 -15.62 7.13
N ALA C 168 14.84 -16.47 8.02
CA ALA C 168 14.45 -17.87 8.07
C ALA C 168 12.96 -18.08 8.37
N ILE C 169 12.36 -17.26 9.23
CA ILE C 169 10.94 -17.46 9.51
C ILE C 169 10.13 -17.06 8.27
N LYS C 170 10.52 -16.03 7.53
CA LYS C 170 9.74 -15.65 6.30
C LYS C 170 9.80 -16.72 5.22
N ALA C 171 10.90 -17.43 5.23
CA ALA C 171 11.19 -18.42 4.25
C ALA C 171 10.53 -19.76 4.63
N GLN C 172 10.50 -20.09 5.93
CA GLN C 172 10.07 -21.42 6.34
C GLN C 172 8.70 -21.50 6.98
N ASN C 173 8.14 -20.36 7.35
CA ASN C 173 6.72 -20.21 7.66
C ASN C 173 6.06 -19.41 6.53
N ALA C 174 5.81 -20.10 5.44
CA ALA C 174 5.35 -19.48 4.19
C ALA C 174 4.27 -20.28 3.54
N GLN C 175 3.52 -19.60 2.72
CA GLN C 175 2.47 -20.20 1.96
C GLN C 175 2.34 -19.43 0.70
N VAL C 176 2.83 -19.98 -0.40
CA VAL C 176 2.68 -19.30 -1.70
C VAL C 176 2.02 -20.17 -2.82
N ALA C 177 1.66 -19.48 -3.90
CA ALA C 177 1.01 -20.04 -5.03
C ALA C 177 2.03 -20.85 -5.75
N ALA C 178 1.74 -22.16 -5.92
CA ALA C 178 2.57 -23.06 -6.70
C ALA C 178 1.93 -23.56 -8.04
N GLY C 179 0.68 -23.22 -8.33
CA GLY C 179 0.15 -23.48 -9.68
C GLY C 179 -0.43 -24.87 -9.77
N GLN C 180 -0.51 -25.43 -10.97
CA GLN C 180 -1.11 -26.74 -11.18
C GLN C 180 -0.39 -27.55 -12.25
N LEU C 181 -0.58 -28.87 -12.20
CA LEU C 181 -0.31 -29.80 -13.31
C LEU C 181 -1.51 -29.82 -14.16
N GLY C 182 -1.29 -29.77 -15.46
CA GLY C 182 -2.38 -29.76 -16.44
C GLY C 182 -3.28 -28.55 -16.42
N GLY C 183 -2.78 -27.41 -15.94
CA GLY C 183 -3.58 -26.20 -15.90
C GLY C 183 -3.77 -25.61 -17.26
N THR C 184 -4.75 -24.72 -17.39
CA THR C 184 -5.05 -24.08 -18.67
C THR C 184 -4.03 -22.99 -18.99
N PRO C 185 -3.71 -22.73 -20.28
CA PRO C 185 -4.11 -23.57 -21.41
C PRO C 185 -3.29 -24.87 -21.41
N PRO C 186 -3.92 -26.02 -21.63
CA PRO C 186 -3.18 -27.27 -21.54
C PRO C 186 -2.77 -27.76 -22.91
N VAL C 187 -1.97 -28.82 -22.95
CA VAL C 187 -1.92 -29.66 -24.14
C VAL C 187 -3.27 -30.36 -24.29
N LYS C 188 -3.84 -30.27 -25.48
CA LYS C 188 -5.21 -30.71 -25.71
C LYS C 188 -5.23 -32.22 -25.54
N GLY C 189 -6.32 -32.77 -25.00
CA GLY C 189 -6.34 -34.17 -24.56
C GLY C 189 -5.75 -34.51 -23.19
N GLN C 190 -5.29 -33.51 -22.42
CA GLN C 190 -4.81 -33.67 -21.01
C GLN C 190 -5.84 -34.23 -20.14
N GLN C 191 -5.52 -35.26 -19.34
CA GLN C 191 -6.48 -35.85 -18.37
C GLN C 191 -6.20 -35.43 -16.91
N LEU C 192 -4.92 -35.36 -16.53
CA LEU C 192 -4.52 -34.96 -15.21
C LEU C 192 -4.59 -33.48 -14.99
N ASN C 193 -5.34 -33.09 -13.97
CA ASN C 193 -5.37 -31.71 -13.47
C ASN C 193 -5.39 -31.72 -11.96
N ALA C 194 -4.38 -31.10 -11.38
CA ALA C 194 -4.18 -31.16 -9.94
C ALA C 194 -3.43 -29.95 -9.48
N SER C 195 -3.90 -29.34 -8.39
CA SER C 195 -3.18 -28.25 -7.76
C SER C 195 -1.85 -28.73 -7.26
N ILE C 196 -0.82 -27.92 -7.36
CA ILE C 196 0.44 -28.14 -6.66
C ILE C 196 0.37 -27.42 -5.30
N ILE C 197 0.73 -28.14 -4.22
CA ILE C 197 0.69 -27.69 -2.89
C ILE C 197 2.10 -27.80 -2.44
N ALA C 198 2.73 -26.67 -2.17
CA ALA C 198 4.09 -26.64 -1.64
C ALA C 198 4.08 -26.35 -0.11
N GLN C 199 4.90 -25.44 0.37
CA GLN C 199 4.89 -25.07 1.76
C GLN C 199 3.56 -24.46 2.19
N THR C 200 3.21 -24.76 3.41
CA THR C 200 2.04 -24.22 4.08
C THR C 200 2.50 -23.58 5.36
N ARG C 201 1.74 -22.59 5.82
CA ARG C 201 1.99 -22.01 7.14
C ARG C 201 2.18 -23.05 8.25
N LEU C 202 3.10 -22.73 9.14
CA LEU C 202 3.30 -23.52 10.35
C LEU C 202 2.16 -23.34 11.34
N THR C 203 1.97 -24.39 12.16
CA THR C 203 0.79 -24.54 13.02
C THR C 203 1.08 -24.63 14.53
N SER C 204 2.35 -24.76 14.93
CA SER C 204 2.69 -25.12 16.30
C SER C 204 4.10 -24.70 16.68
N THR C 205 4.34 -24.69 18.00
CA THR C 205 5.70 -24.40 18.49
C THR C 205 6.72 -25.41 18.01
N GLU C 206 6.30 -26.68 17.97
CA GLU C 206 7.15 -27.78 17.52
C GLU C 206 7.68 -27.42 16.14
N GLU C 207 6.77 -27.02 15.24
CA GLU C 207 7.15 -26.72 13.83
C GLU C 207 8.03 -25.45 13.73
N PHE C 208 7.72 -24.42 14.49
CA PHE C 208 8.65 -23.29 14.49
C PHE C 208 10.04 -23.70 15.02
N GLY C 209 10.07 -24.57 16.03
CA GLY C 209 11.33 -25.04 16.62
C GLY C 209 12.27 -25.78 15.68
N LYS C 210 11.73 -26.45 14.69
CA LYS C 210 12.51 -27.16 13.65
C LYS C 210 12.96 -26.29 12.46
N ILE C 211 12.56 -25.02 12.42
CA ILE C 211 13.07 -24.12 11.40
C ILE C 211 14.59 -24.23 11.41
N LEU C 212 15.13 -24.55 10.24
CA LEU C 212 16.58 -24.65 10.03
C LEU C 212 17.24 -23.30 9.78
N LEU C 213 18.04 -22.83 10.73
CA LEU C 213 18.78 -21.58 10.58
C LEU C 213 20.04 -21.80 9.73
N LYS C 214 20.78 -22.87 9.97
CA LYS C 214 21.91 -23.21 9.11
C LYS C 214 22.53 -24.55 9.40
N VAL C 215 23.18 -25.06 8.36
CA VAL C 215 24.01 -26.26 8.39
C VAL C 215 25.43 -25.77 8.69
N ASN C 216 26.01 -26.20 9.82
CA ASN C 216 27.44 -25.95 10.12
C ASN C 216 28.38 -26.69 9.15
N GLN C 217 29.67 -26.37 9.21
CA GLN C 217 30.64 -26.89 8.23
C GLN C 217 30.99 -28.35 8.54
N ASP C 218 30.96 -28.72 9.84
CA ASP C 218 30.98 -30.11 10.30
C ASP C 218 29.67 -30.92 10.07
N GLY C 219 28.65 -30.31 9.45
CA GLY C 219 27.39 -31.00 9.11
C GLY C 219 26.31 -31.07 10.19
N SER C 220 26.53 -30.44 11.34
CA SER C 220 25.47 -30.30 12.35
C SER C 220 24.52 -29.10 12.00
N ARG C 221 23.26 -29.24 12.45
CA ARG C 221 22.16 -28.31 12.22
C ARG C 221 21.93 -27.39 13.41
N VAL C 222 21.73 -26.10 13.11
CA VAL C 222 21.20 -25.11 14.09
C VAL C 222 19.75 -24.91 13.72
N LEU C 223 18.86 -25.25 14.66
CA LEU C 223 17.44 -25.13 14.52
C LEU C 223 17.03 -23.93 15.37
N LEU C 224 15.84 -23.37 15.07
CA LEU C 224 15.38 -22.17 15.75
C LEU C 224 15.32 -22.39 17.25
N ARG C 225 14.90 -23.58 17.68
CA ARG C 225 14.80 -23.91 19.10
C ARG C 225 16.18 -23.97 19.78
N ASP C 226 17.26 -24.03 19.02
CA ASP C 226 18.59 -23.92 19.58
C ASP C 226 19.00 -22.47 19.87
N VAL C 227 18.28 -21.47 19.37
CA VAL C 227 18.61 -20.09 19.69
C VAL C 227 17.48 -19.34 20.33
N ALA C 228 16.43 -20.03 20.78
CA ALA C 228 15.22 -19.32 21.20
C ALA C 228 14.29 -20.21 21.93
N LYS C 229 13.51 -19.64 22.81
CA LYS C 229 12.41 -20.37 23.43
C LYS C 229 11.14 -19.99 22.69
N ILE C 230 10.18 -20.93 22.62
CA ILE C 230 9.08 -20.84 21.69
C ILE C 230 7.79 -21.12 22.39
N GLU C 231 6.92 -20.13 22.45
CA GLU C 231 5.66 -20.33 23.13
C GLU C 231 4.51 -19.54 22.46
N LEU C 232 3.29 -20.02 22.59
CA LEU C 232 2.14 -19.17 22.30
C LEU C 232 2.05 -18.16 23.44
N GLY C 233 1.79 -16.90 23.12
CA GLY C 233 1.72 -15.85 24.11
C GLY C 233 0.90 -14.68 23.63
N GLY C 234 1.01 -13.56 24.28
CA GLY C 234 0.25 -12.40 23.87
C GLY C 234 0.92 -11.69 22.73
N GLU C 235 0.15 -10.87 22.04
CA GLU C 235 0.73 -9.94 21.07
C GLU C 235 1.53 -8.85 21.79
N ASN C 236 1.05 -8.47 22.97
CA ASN C 236 1.54 -7.34 23.72
C ASN C 236 1.43 -7.60 25.21
N TYR C 237 2.33 -7.03 25.98
CA TYR C 237 2.44 -7.35 27.40
C TYR C 237 2.46 -6.09 28.28
N ASP C 238 1.91 -5.00 27.80
CA ASP C 238 1.93 -3.75 28.51
C ASP C 238 0.94 -3.72 29.65
N ILE C 239 -0.09 -4.56 29.59
CA ILE C 239 -1.15 -4.55 30.57
C ILE C 239 -1.25 -5.91 31.30
N ILE C 240 -1.49 -5.86 32.61
CA ILE C 240 -1.81 -7.07 33.39
C ILE C 240 -3.04 -6.75 34.17
N ALA C 241 -4.12 -7.51 33.95
CA ALA C 241 -5.41 -7.32 34.63
C ALA C 241 -5.79 -8.51 35.52
N GLU C 242 -6.28 -8.19 36.72
CA GLU C 242 -6.85 -9.18 37.62
C GLU C 242 -8.24 -8.74 38.08
N PHE C 243 -9.11 -9.72 38.28
CA PHE C 243 -10.45 -9.53 38.84
C PHE C 243 -10.41 -10.21 40.18
N ASN C 244 -10.53 -9.47 41.28
CA ASN C 244 -10.31 -10.05 42.62
C ASN C 244 -9.08 -10.97 42.71
N GLY C 245 -7.95 -10.44 42.28
CA GLY C 245 -6.71 -11.20 42.34
C GLY C 245 -6.53 -12.32 41.33
N GLN C 246 -7.52 -12.63 40.49
CA GLN C 246 -7.36 -13.72 39.53
C GLN C 246 -7.17 -13.19 38.08
N PRO C 247 -6.39 -13.92 37.25
CA PRO C 247 -6.16 -13.51 35.86
C PRO C 247 -7.44 -13.26 35.09
N ALA C 248 -7.48 -12.18 34.36
CA ALA C 248 -8.71 -11.86 33.64
C ALA C 248 -8.51 -11.22 32.28
N SER C 249 -9.41 -11.55 31.36
CA SER C 249 -9.60 -10.79 30.14
C SER C 249 -10.94 -10.09 30.20
N GLY C 250 -11.33 -9.44 29.11
CA GLY C 250 -12.69 -8.96 29.03
C GLY C 250 -13.14 -8.51 27.66
N LEU C 251 -14.42 -8.10 27.60
CA LEU C 251 -14.99 -7.48 26.43
C LEU C 251 -15.63 -6.16 26.83
N GLY C 252 -15.42 -5.12 26.05
CA GLY C 252 -16.10 -3.80 26.25
C GLY C 252 -17.12 -3.66 25.15
N ILE C 253 -18.41 -3.63 25.49
CA ILE C 253 -19.45 -3.79 24.46
C ILE C 253 -20.23 -2.50 24.38
N LYS C 254 -20.37 -1.97 23.16
CA LYS C 254 -21.14 -0.73 22.90
C LYS C 254 -22.47 -1.04 22.24
N LEU C 255 -23.45 -0.20 22.51
CA LEU C 255 -24.80 -0.29 21.95
C LEU C 255 -24.79 0.26 20.55
N ALA C 256 -25.34 -0.49 19.59
CA ALA C 256 -25.54 0.00 18.20
C ALA C 256 -26.45 1.21 18.21
N THR C 257 -26.04 2.25 17.49
CA THR C 257 -26.82 3.47 17.35
C THR C 257 -28.27 3.06 16.95
N GLY C 258 -29.25 3.63 17.63
CA GLY C 258 -30.65 3.22 17.47
C GLY C 258 -31.20 2.02 18.25
N ALA C 259 -30.37 1.19 18.89
CA ALA C 259 -30.87 -0.07 19.49
C ALA C 259 -31.30 0.12 20.93
N ASN C 260 -31.99 -0.87 21.49
CA ASN C 260 -32.47 -0.77 22.89
C ASN C 260 -31.44 -1.30 23.95
N ALA C 261 -31.11 -0.46 24.94
CA ALA C 261 -30.14 -0.86 25.98
C ALA C 261 -30.51 -2.14 26.75
N LEU C 262 -31.75 -2.22 27.26
CA LEU C 262 -32.16 -3.32 28.16
C LEU C 262 -32.32 -4.62 27.42
N ASP C 263 -32.93 -4.55 26.24
CA ASP C 263 -33.04 -5.74 25.37
C ASP C 263 -31.65 -6.20 24.92
N THR C 264 -30.78 -5.25 24.56
CA THR C 264 -29.44 -5.63 24.11
C THR C 264 -28.62 -6.33 25.23
N ALA C 265 -28.64 -5.76 26.43
CA ALA C 265 -27.98 -6.33 27.63
C ALA C 265 -28.44 -7.73 28.00
N ALA C 266 -29.75 -7.95 27.94
CA ALA C 266 -30.34 -9.28 28.16
C ALA C 266 -29.95 -10.24 27.04
N ALA C 267 -29.95 -9.74 25.82
CA ALA C 267 -29.55 -10.56 24.68
C ALA C 267 -28.07 -11.02 24.78
N ILE C 268 -27.21 -10.16 25.32
CA ILE C 268 -25.80 -10.50 25.58
C ILE C 268 -25.67 -11.54 26.71
N ARG C 269 -26.41 -11.35 27.79
CA ARG C 269 -26.38 -12.30 28.91
C ARG C 269 -26.87 -13.64 28.49
N ALA C 270 -27.95 -13.65 27.69
CA ALA C 270 -28.47 -14.91 27.15
C ALA C 270 -27.41 -15.61 26.32
N GLU C 271 -26.72 -14.86 25.46
CA GLU C 271 -25.73 -15.45 24.56
C GLU C 271 -24.54 -15.99 25.30
N LEU C 272 -24.15 -15.32 26.37
CA LEU C 272 -23.05 -15.80 27.22
C LEU C 272 -23.47 -17.04 28.01
N ALA C 273 -24.72 -17.11 28.45
CA ALA C 273 -25.27 -18.38 29.00
C ALA C 273 -25.20 -19.58 28.03
N LYS C 274 -25.43 -19.38 26.74
CA LYS C 274 -25.26 -20.49 25.75
C LYS C 274 -23.84 -21.04 25.69
N MET C 275 -22.87 -20.15 25.86
CA MET C 275 -21.47 -20.51 25.76
C MET C 275 -20.95 -21.25 27.01
N GLU C 276 -21.61 -21.12 28.19
CA GLU C 276 -21.08 -21.64 29.50
C GLU C 276 -20.89 -23.14 29.59
N PRO C 277 -21.82 -23.92 29.06
CA PRO C 277 -21.55 -25.36 28.92
C PRO C 277 -20.29 -25.78 28.12
N PHE C 278 -19.83 -24.96 27.16
CA PHE C 278 -18.61 -25.27 26.35
C PHE C 278 -17.28 -24.79 26.97
N PHE C 279 -17.30 -24.05 28.09
CA PHE C 279 -16.07 -23.48 28.66
C PHE C 279 -15.12 -24.54 29.19
N PRO C 280 -13.82 -24.23 29.15
CA PRO C 280 -12.89 -25.06 29.93
C PRO C 280 -13.07 -24.77 31.43
N SER C 281 -12.37 -25.54 32.26
CA SER C 281 -12.61 -25.59 33.69
C SER C 281 -12.20 -24.28 34.33
N GLY C 282 -13.04 -23.80 35.24
CA GLY C 282 -12.77 -22.58 35.98
C GLY C 282 -12.93 -21.25 35.25
N LEU C 283 -13.47 -21.26 34.05
CA LEU C 283 -13.65 -20.02 33.29
C LEU C 283 -15.01 -19.54 33.68
N LYS C 284 -15.09 -18.26 33.98
CA LYS C 284 -16.33 -17.72 34.51
C LYS C 284 -16.53 -16.33 33.97
N ILE C 285 -17.78 -15.95 33.88
CA ILE C 285 -18.13 -14.66 33.38
C ILE C 285 -18.62 -13.78 34.50
N VAL C 286 -18.12 -12.55 34.49
CA VAL C 286 -18.55 -11.54 35.43
C VAL C 286 -18.92 -10.27 34.69
N TYR C 287 -19.69 -9.45 35.39
CA TYR C 287 -20.35 -8.26 34.88
C TYR C 287 -20.01 -7.06 35.77
N PRO C 288 -18.77 -6.59 35.69
CA PRO C 288 -18.39 -5.47 36.56
C PRO C 288 -19.09 -4.12 36.30
N TYR C 289 -19.61 -3.93 35.09
CA TYR C 289 -20.29 -2.70 34.70
C TYR C 289 -21.36 -3.01 33.69
N ASP C 290 -22.59 -2.56 33.98
CA ASP C 290 -23.80 -2.87 33.17
C ASP C 290 -24.99 -1.87 33.31
N THR C 291 -25.24 -1.09 32.25
CA THR C 291 -26.51 -0.36 32.10
C THR C 291 -27.74 -1.30 31.91
N GLY C 310 -23.03 1.51 40.04
CA GLY C 310 -22.18 2.17 41.02
C GLY C 310 -20.73 1.63 41.04
N VAL C 311 -19.97 2.02 40.01
CA VAL C 311 -18.57 1.66 39.88
C VAL C 311 -17.77 2.92 40.08
N PHE C 312 -16.71 2.81 40.86
CA PHE C 312 -15.82 3.90 41.01
C PHE C 312 -14.44 3.36 40.80
N MET C 313 -13.47 4.26 40.81
CA MET C 313 -12.14 3.99 40.36
C MET C 313 -11.09 4.36 41.39
N THR C 314 -9.94 3.72 41.33
CA THR C 314 -8.82 4.18 42.11
C THR C 314 -7.65 4.33 41.20
N MET C 315 -7.14 5.55 41.11
CA MET C 315 -5.93 5.90 40.37
C MET C 315 -4.67 5.42 41.10
N VAL C 316 -3.71 4.85 40.37
CA VAL C 316 -2.40 4.54 40.90
C VAL C 316 -1.32 5.13 39.97
N GLN C 317 -0.44 5.95 40.51
CA GLN C 317 0.64 6.57 39.74
C GLN C 317 1.96 6.46 40.50
N LEU C 318 2.93 5.78 39.90
CA LEU C 318 4.23 5.59 40.51
C LEU C 318 5.18 6.57 39.87
N PRO C 319 6.41 6.71 40.43
CA PRO C 319 7.32 7.71 39.86
C PRO C 319 7.96 7.30 38.51
N ALA C 320 8.65 8.29 37.94
CA ALA C 320 9.46 8.16 36.74
C ALA C 320 10.24 6.91 36.77
N GLY C 321 10.09 6.16 35.71
CA GLY C 321 10.92 4.99 35.52
C GLY C 321 10.50 3.78 36.31
N ALA C 322 9.37 3.84 37.00
CA ALA C 322 8.88 2.72 37.79
C ALA C 322 8.33 1.59 36.91
N THR C 323 8.50 0.35 37.38
CA THR C 323 8.20 -0.80 36.56
C THR C 323 6.83 -1.40 36.81
N GLN C 324 6.38 -2.23 35.88
CA GLN C 324 5.17 -3.02 36.00
C GLN C 324 5.06 -3.75 37.34
N GLU C 325 6.15 -4.39 37.76
CA GLU C 325 6.10 -5.18 38.98
C GLU C 325 5.85 -4.30 40.19
N ARG C 326 6.44 -3.11 40.21
CA ARG C 326 6.28 -2.17 41.34
C ARG C 326 4.91 -1.58 41.36
N THR C 327 4.39 -1.29 40.20
CA THR C 327 3.00 -0.90 40.16
C THR C 327 2.04 -1.98 40.63
N GLN C 328 2.30 -3.22 40.22
CA GLN C 328 1.47 -4.36 40.62
C GLN C 328 1.27 -4.50 42.12
N LYS C 329 2.39 -4.44 42.83
CA LYS C 329 2.48 -4.44 44.32
C LYS C 329 1.49 -3.46 44.91
N VAL C 330 1.46 -2.23 44.37
CA VAL C 330 0.58 -1.21 44.90
C VAL C 330 -0.88 -1.54 44.64
N LEU C 331 -1.18 -1.99 43.42
CA LEU C 331 -2.54 -2.43 43.06
C LEU C 331 -3.03 -3.57 43.92
N ASN C 332 -2.11 -4.49 44.24
CA ASN C 332 -2.39 -5.60 45.15
C ASN C 332 -2.75 -5.12 46.56
N GLU C 333 -2.02 -4.16 47.11
CA GLU C 333 -2.46 -3.46 48.34
C GLU C 333 -3.84 -2.78 48.17
N VAL C 334 -4.13 -2.17 47.02
CA VAL C 334 -5.41 -1.50 46.80
C VAL C 334 -6.54 -2.52 46.80
N THR C 335 -6.31 -3.62 46.11
CA THR C 335 -7.29 -4.70 46.02
C THR C 335 -7.58 -5.32 47.42
N HIS C 336 -6.52 -5.54 48.20
CA HIS C 336 -6.63 -6.20 49.49
C HIS C 336 -7.37 -5.27 50.46
N TYR C 337 -7.08 -3.99 50.42
CA TYR C 337 -7.88 -3.02 51.16
C TYR C 337 -9.39 -3.12 50.86
N TYR C 338 -9.78 -3.09 49.59
CA TYR C 338 -11.20 -3.14 49.28
C TYR C 338 -11.83 -4.48 49.67
N LEU C 339 -11.10 -5.58 49.48
CA LEU C 339 -11.65 -6.93 49.75
C LEU C 339 -11.68 -7.37 51.21
N THR C 340 -11.02 -6.60 52.09
CA THR C 340 -11.05 -6.82 53.53
C THR C 340 -11.78 -5.67 54.22
N LYS C 341 -11.16 -4.49 54.34
CA LYS C 341 -11.80 -3.26 54.89
C LYS C 341 -13.14 -2.79 54.28
N GLU C 342 -13.47 -3.19 53.05
CA GLU C 342 -14.81 -2.90 52.47
C GLU C 342 -15.50 -4.17 51.97
N LYS C 343 -15.20 -5.33 52.56
CA LYS C 343 -15.90 -6.57 52.22
C LYS C 343 -17.41 -6.47 52.29
N ASN C 344 -17.95 -5.64 53.18
CA ASN C 344 -19.43 -5.45 53.27
C ASN C 344 -19.96 -4.63 52.10
N ASN C 345 -19.12 -3.77 51.53
CA ASN C 345 -19.54 -2.85 50.47
C ASN C 345 -19.07 -3.10 49.02
N VAL C 346 -18.06 -3.94 48.80
CA VAL C 346 -17.41 -4.08 47.50
C VAL C 346 -17.66 -5.49 46.95
N GLU C 347 -18.12 -5.55 45.69
CA GLU C 347 -18.39 -6.80 44.99
C GLU C 347 -17.09 -7.23 44.36
N SER C 348 -16.46 -6.33 43.61
CA SER C 348 -15.21 -6.68 42.95
C SER C 348 -14.25 -5.49 42.81
N VAL C 349 -12.99 -5.86 42.61
CA VAL C 349 -11.95 -4.97 42.12
C VAL C 349 -11.27 -5.57 40.89
N PHE C 350 -11.30 -4.78 39.82
CA PHE C 350 -10.72 -5.13 38.55
C PHE C 350 -9.51 -4.22 38.36
N ALA C 351 -8.32 -4.81 38.52
CA ALA C 351 -7.08 -4.06 38.65
C ALA C 351 -6.36 -4.16 37.34
N VAL C 352 -6.11 -2.99 36.73
CA VAL C 352 -5.60 -2.89 35.41
C VAL C 352 -4.25 -2.21 35.49
N ASN C 353 -3.19 -2.98 35.34
CA ASN C 353 -1.84 -2.49 35.50
C ASN C 353 -1.32 -2.11 34.14
N GLY C 354 -0.95 -0.84 33.95
CA GLY C 354 -0.41 -0.37 32.69
C GLY C 354 -1.36 0.58 31.99
N PHE C 355 -2.61 0.65 32.46
CA PHE C 355 -3.59 1.58 31.93
C PHE C 355 -3.88 2.74 32.88
N GLY C 356 -3.89 3.93 32.30
CA GLY C 356 -4.55 5.13 32.84
C GLY C 356 -5.28 5.88 31.70
N PHE C 357 -6.04 6.91 32.06
CA PHE C 357 -6.77 7.74 31.09
C PHE C 357 -5.83 8.84 30.48
N ALA C 358 -5.05 9.53 31.33
CA ALA C 358 -4.07 10.53 30.89
C ALA C 358 -2.64 9.98 30.62
N GLY C 359 -2.49 8.66 30.56
CA GLY C 359 -1.21 8.06 30.21
C GLY C 359 -1.20 6.56 30.47
N ARG C 360 -0.91 5.77 29.43
CA ARG C 360 -0.42 4.38 29.56
C ARG C 360 1.04 4.34 30.08
N GLY C 361 1.48 3.16 30.48
CA GLY C 361 2.84 3.01 30.95
C GLY C 361 2.97 2.11 32.15
N GLN C 362 4.18 1.58 32.30
CA GLN C 362 4.50 0.67 33.38
C GLN C 362 4.32 1.20 34.77
N ASN C 363 4.32 2.53 34.91
CA ASN C 363 4.20 3.18 36.20
C ASN C 363 2.78 3.65 36.55
N THR C 364 1.76 3.31 35.75
CA THR C 364 0.37 3.61 36.07
C THR C 364 -0.55 2.39 36.05
N GLY C 365 -1.69 2.61 36.69
CA GLY C 365 -2.75 1.66 36.69
C GLY C 365 -3.99 2.22 37.28
N ILE C 366 -5.04 1.41 37.24
CA ILE C 366 -6.33 1.84 37.66
C ILE C 366 -7.14 0.63 38.16
N ALA C 367 -7.79 0.81 39.29
CA ALA C 367 -8.63 -0.22 39.85
C ALA C 367 -10.05 0.22 39.66
N PHE C 368 -10.85 -0.61 38.97
CA PHE C 368 -12.28 -0.42 38.83
C PHE C 368 -12.95 -1.20 39.94
N VAL C 369 -13.67 -0.48 40.79
CA VAL C 369 -14.29 -1.05 41.96
C VAL C 369 -15.81 -1.09 41.79
N SER C 370 -16.39 -2.28 41.77
CA SER C 370 -17.81 -2.42 41.65
C SER C 370 -18.45 -2.59 43.03
N LEU C 371 -19.36 -1.68 43.34
CA LEU C 371 -20.08 -1.72 44.61
C LEU C 371 -21.18 -2.77 44.60
N LYS C 372 -21.52 -3.29 45.78
CA LYS C 372 -22.71 -4.16 45.93
C LYS C 372 -23.91 -3.30 45.74
N ASP C 373 -25.08 -3.90 45.58
CA ASP C 373 -26.31 -3.12 45.28
C ASP C 373 -26.59 -2.02 46.34
N TRP C 374 -27.14 -0.89 45.90
CA TRP C 374 -27.54 0.23 46.81
C TRP C 374 -28.25 -0.31 48.08
N ALA C 375 -29.21 -1.21 47.89
CA ALA C 375 -30.03 -1.70 48.99
C ALA C 375 -29.31 -2.64 49.98
N ASP C 376 -28.10 -3.08 49.67
CA ASP C 376 -27.31 -3.85 50.62
C ASP C 376 -26.27 -3.02 51.34
N ARG C 377 -26.20 -1.72 51.03
CA ARG C 377 -25.32 -0.78 51.75
C ARG C 377 -26.10 0.31 52.50
N PRO C 378 -26.83 -0.06 53.57
CA PRO C 378 -27.64 0.95 54.26
C PRO C 378 -26.84 2.01 55.04
N GLY C 379 -27.35 3.25 55.07
CA GLY C 379 -26.79 4.32 55.88
C GLY C 379 -25.67 5.03 55.15
N GLU C 380 -25.40 6.25 55.53
CA GLU C 380 -24.46 7.09 54.78
C GLU C 380 -23.02 6.59 54.77
N GLU C 381 -22.65 5.80 55.79
CA GLU C 381 -21.29 5.27 55.96
C GLU C 381 -20.89 4.41 54.75
N ASN C 382 -21.87 3.65 54.26
CA ASN C 382 -21.67 2.64 53.26
C ASN C 382 -22.11 3.12 51.85
N LYS C 383 -22.18 4.43 51.62
CA LYS C 383 -22.44 5.01 50.27
C LYS C 383 -21.12 5.41 49.65
N VAL C 384 -21.15 5.65 48.33
CA VAL C 384 -19.92 5.86 47.55
C VAL C 384 -19.01 6.93 48.15
N GLU C 385 -19.62 8.01 48.57
CA GLU C 385 -18.91 9.20 48.89
C GLU C 385 -18.02 8.99 50.16
N ALA C 386 -18.57 8.37 51.21
CA ALA C 386 -17.81 8.01 52.44
C ALA C 386 -16.77 6.89 52.21
N ILE C 387 -17.14 5.91 51.38
CA ILE C 387 -16.22 4.88 50.93
C ILE C 387 -14.99 5.49 50.28
N THR C 388 -15.20 6.36 49.30
CA THR C 388 -14.06 6.95 48.57
C THR C 388 -13.14 7.82 49.46
N MET C 389 -13.72 8.56 50.42
CA MET C 389 -12.90 9.36 51.36
C MET C 389 -12.00 8.46 52.23
N ARG C 390 -12.61 7.43 52.83
CA ARG C 390 -11.86 6.43 53.63
C ARG C 390 -10.70 5.79 52.89
N ALA C 391 -10.99 5.35 51.68
CA ALA C 391 -9.99 4.81 50.77
C ALA C 391 -8.89 5.83 50.52
N THR C 392 -9.26 7.07 50.20
CA THR C 392 -8.21 8.07 49.97
C THR C 392 -7.37 8.29 51.23
N ARG C 393 -7.99 8.33 52.42
CA ARG C 393 -7.23 8.53 53.67
C ARG C 393 -6.27 7.40 53.91
N ALA C 394 -6.73 6.16 53.77
CA ALA C 394 -5.87 4.97 53.92
C ALA C 394 -4.75 4.82 52.91
N PHE C 395 -5.07 5.03 51.64
CA PHE C 395 -4.07 4.95 50.59
C PHE C 395 -3.03 6.09 50.64
N SER C 396 -3.37 7.25 51.25
CA SER C 396 -2.37 8.36 51.40
C SER C 396 -1.14 8.02 52.30
N GLN C 397 -1.18 6.90 53.02
CA GLN C 397 -0.01 6.36 53.73
C GLN C 397 0.69 5.20 52.95
N ILE C 398 0.60 5.25 51.62
CA ILE C 398 1.46 4.43 50.76
C ILE C 398 2.59 5.36 50.35
N LYS C 399 3.81 4.91 50.61
CA LYS C 399 4.97 5.62 50.14
C LYS C 399 5.27 5.12 48.73
N ASP C 400 5.92 5.96 47.95
CA ASP C 400 6.37 5.56 46.61
C ASP C 400 5.22 5.43 45.58
N ALA C 401 4.06 6.04 45.87
CA ALA C 401 2.96 6.10 44.95
C ALA C 401 1.89 7.14 45.36
N MET C 402 1.21 7.71 44.36
CA MET C 402 0.02 8.54 44.55
C MET C 402 -1.21 7.68 44.24
N VAL C 403 -2.15 7.62 45.16
CA VAL C 403 -3.24 6.68 45.08
C VAL C 403 -4.49 7.39 45.49
N PHE C 404 -5.44 7.54 44.58
CA PHE C 404 -6.59 8.45 44.76
C PHE C 404 -7.83 7.64 44.42
N ALA C 405 -8.76 7.48 45.37
CA ALA C 405 -10.09 6.96 45.07
C ALA C 405 -11.00 8.11 44.60
N PHE C 406 -11.81 7.90 43.55
CA PHE C 406 -12.73 8.94 43.05
C PHE C 406 -13.97 8.38 42.31
N ASN C 407 -15.12 9.04 42.45
CA ASN C 407 -16.27 8.77 41.58
C ASN C 407 -16.22 9.65 40.31
N LEU C 408 -16.60 9.13 39.12
CA LEU C 408 -16.54 9.95 37.88
C LEU C 408 -17.80 10.80 37.54
N ALA C 417 -19.22 22.06 35.06
CA ALA C 417 -19.56 23.48 35.18
C ALA C 417 -18.59 24.32 36.06
N THR C 418 -17.56 23.66 36.63
CA THR C 418 -16.57 24.32 37.55
C THR C 418 -15.10 24.42 36.99
N GLY C 419 -14.66 23.36 36.29
CA GLY C 419 -13.33 23.28 35.72
C GLY C 419 -13.13 24.02 34.41
N PHE C 420 -11.88 24.19 33.99
CA PHE C 420 -11.55 24.65 32.65
C PHE C 420 -10.47 23.78 31.97
N ASP C 421 -10.32 23.95 30.66
CA ASP C 421 -9.50 23.08 29.77
C ASP C 421 -8.72 23.93 28.79
N PHE C 422 -7.44 24.09 29.07
CA PHE C 422 -6.60 25.07 28.39
C PHE C 422 -5.58 24.29 27.57
N GLU C 423 -5.26 24.75 26.38
CA GLU C 423 -4.21 24.16 25.59
C GLU C 423 -3.15 25.21 25.43
N LEU C 424 -1.94 24.95 25.89
CA LEU C 424 -0.80 25.82 25.56
C LEU C 424 -0.21 25.33 24.26
N ILE C 425 0.16 26.24 23.32
CA ILE C 425 0.42 25.86 21.93
C ILE C 425 1.74 26.42 21.46
N ASP C 426 2.59 25.58 20.90
CA ASP C 426 3.84 26.02 20.27
C ASP C 426 3.51 26.54 18.83
N GLN C 427 3.59 27.86 18.60
CA GLN C 427 3.12 28.53 17.38
C GLN C 427 4.26 28.90 16.41
N ALA C 428 5.50 28.68 16.82
CA ALA C 428 6.63 29.16 16.05
C ALA C 428 7.80 28.21 16.06
N GLY C 429 7.51 26.92 16.14
CA GLY C 429 8.55 25.93 16.02
C GLY C 429 9.51 25.90 17.18
N LEU C 430 9.00 26.23 18.37
CA LEU C 430 9.89 26.36 19.51
C LEU C 430 10.57 25.03 19.91
N GLY C 431 9.83 23.93 19.88
CA GLY C 431 10.36 22.68 20.36
C GLY C 431 9.84 22.35 21.76
N HIS C 432 9.92 21.06 22.11
CA HIS C 432 9.30 20.57 23.35
C HIS C 432 9.93 21.17 24.63
N GLU C 433 11.25 21.30 24.63
CA GLU C 433 11.98 21.84 25.77
C GLU C 433 11.51 23.26 26.07
N LYS C 434 11.43 24.10 25.06
CA LYS C 434 11.01 25.48 25.29
C LYS C 434 9.56 25.59 25.64
N LEU C 435 8.72 24.77 25.05
CA LEU C 435 7.30 24.80 25.41
C LEU C 435 7.09 24.34 26.85
N THR C 436 7.86 23.37 27.34
CA THR C 436 7.78 23.00 28.76
C THR C 436 8.13 24.20 29.69
N GLN C 437 9.19 24.93 29.38
CA GLN C 437 9.63 26.11 30.16
C GLN C 437 8.52 27.17 30.16
N ALA C 438 7.83 27.33 29.04
CA ALA C 438 6.68 28.25 29.00
C ALA C 438 5.53 27.73 29.81
N ARG C 439 5.30 26.43 29.77
CA ARG C 439 4.28 25.85 30.57
C ARG C 439 4.57 26.08 32.06
N ASN C 440 5.82 25.91 32.47
CA ASN C 440 6.18 26.13 33.89
C ASN C 440 6.03 27.59 34.36
N GLN C 441 6.32 28.52 33.45
CA GLN C 441 6.11 29.93 33.69
C GLN C 441 4.63 30.19 33.92
N LEU C 442 3.76 29.58 33.11
CA LEU C 442 2.32 29.78 33.32
C LEU C 442 1.79 29.19 34.61
N LEU C 443 2.25 27.98 34.93
CA LEU C 443 1.83 27.28 36.15
C LEU C 443 2.37 27.97 37.41
N ALA C 444 3.60 28.49 37.35
CA ALA C 444 4.18 29.22 38.48
C ALA C 444 3.41 30.52 38.78
N GLU C 445 3.01 31.25 37.73
CA GLU C 445 2.14 32.43 37.84
C GLU C 445 0.73 32.09 38.32
N ALA C 446 0.15 31.00 37.87
CA ALA C 446 -1.23 30.71 38.26
C ALA C 446 -1.35 30.39 39.76
N ALA C 447 -0.25 29.91 40.34
CA ALA C 447 -0.14 29.59 41.77
C ALA C 447 0.05 30.84 42.67
N LYS C 448 0.61 31.90 42.10
CA LYS C 448 0.63 33.24 42.72
C LYS C 448 -0.73 33.93 42.77
N HIS C 449 -1.79 33.32 42.22
CA HIS C 449 -3.13 33.86 42.31
C HIS C 449 -4.09 32.80 42.87
N PRO C 450 -3.76 32.18 44.02
CA PRO C 450 -4.73 31.25 44.67
C PRO C 450 -6.09 31.89 45.05
N ASP C 451 -6.13 33.23 45.15
CA ASP C 451 -7.39 34.02 45.21
C ASP C 451 -8.42 33.66 44.10
N MET C 452 -7.93 33.52 42.85
CA MET C 452 -8.76 33.27 41.65
C MET C 452 -8.73 31.80 41.12
N LEU C 453 -7.61 31.10 41.31
CA LEU C 453 -7.38 29.79 40.66
C LEU C 453 -7.01 28.65 41.64
N THR C 454 -7.43 27.43 41.34
CA THR C 454 -7.08 26.26 42.16
C THR C 454 -6.76 25.05 41.28
N SER C 455 -5.72 24.31 41.71
CA SER C 455 -5.26 23.05 41.10
C SER C 455 -4.90 23.18 39.57
N VAL C 456 -4.21 24.28 39.20
CA VAL C 456 -3.85 24.50 37.82
C VAL C 456 -2.62 23.68 37.54
N ARG C 457 -2.78 22.68 36.67
CA ARG C 457 -1.83 21.56 36.51
C ARG C 457 -1.78 21.00 35.06
N PRO C 458 -0.63 20.38 34.65
CA PRO C 458 -0.63 19.65 33.38
C PRO C 458 -1.60 18.47 33.41
N ASN C 459 -2.29 18.21 32.30
CA ASN C 459 -3.10 17.01 32.21
C ASN C 459 -2.20 15.82 31.84
N GLY C 460 -1.07 16.11 31.21
CA GLY C 460 -0.18 15.03 30.77
C GLY C 460 0.93 14.64 31.71
N LEU C 461 2.02 14.13 31.10
CA LEU C 461 3.15 13.61 31.83
C LEU C 461 4.41 14.45 31.72
N GLU C 462 5.26 14.31 32.72
CA GLU C 462 6.55 14.94 32.74
C GLU C 462 7.62 14.14 31.96
N ASP C 463 8.66 14.79 31.51
CA ASP C 463 9.78 14.12 30.90
C ASP C 463 10.37 13.18 31.91
N THR C 464 11.07 12.15 31.44
CA THR C 464 11.62 11.11 32.29
C THR C 464 12.98 10.68 31.71
N PRO C 465 13.82 9.96 32.49
CA PRO C 465 15.09 9.45 31.93
C PRO C 465 14.89 8.53 30.76
N GLN C 466 15.65 8.78 29.71
CA GLN C 466 15.69 7.83 28.61
C GLN C 466 17.11 7.54 28.19
N PHE C 467 17.30 6.38 27.59
CA PHE C 467 18.63 5.81 27.30
C PHE C 467 18.99 6.07 25.82
N LYS C 468 19.99 6.90 25.57
CA LYS C 468 20.28 7.41 24.26
C LYS C 468 21.45 6.65 23.71
N ILE C 469 21.24 5.94 22.62
CA ILE C 469 22.34 5.18 22.05
C ILE C 469 22.65 5.76 20.68
N ASP C 470 23.90 6.16 20.49
CA ASP C 470 24.37 6.69 19.22
C ASP C 470 25.13 5.61 18.53
N ILE C 471 24.79 5.34 17.30
CA ILE C 471 25.57 4.43 16.46
C ILE C 471 26.70 5.21 15.76
N ASP C 472 27.92 4.69 15.82
CA ASP C 472 29.05 5.35 15.16
C ASP C 472 29.16 4.87 13.70
N GLN C 473 28.81 5.73 12.77
CA GLN C 473 28.75 5.31 11.36
C GLN C 473 30.12 5.01 10.83
N GLU C 474 31.13 5.76 11.26
CA GLU C 474 32.50 5.49 10.78
C GLU C 474 32.95 4.08 11.22
N LYS C 475 32.79 3.76 12.48
CA LYS C 475 33.20 2.44 12.95
C LYS C 475 32.40 1.32 12.26
N ALA C 476 31.13 1.56 12.01
CA ALA C 476 30.35 0.52 11.39
C ALA C 476 30.83 0.34 9.97
N GLN C 477 31.15 1.42 9.26
CA GLN C 477 31.71 1.26 7.90
C GLN C 477 33.12 0.60 7.85
N ALA C 478 34.01 1.02 8.74
CA ALA C 478 35.38 0.40 8.84
C ALA C 478 35.30 -1.12 9.03
N LEU C 479 34.35 -1.54 9.88
CA LEU C 479 34.14 -2.96 10.16
C LEU C 479 33.28 -3.75 9.19
N GLY C 480 32.56 -3.08 8.30
CA GLY C 480 31.74 -3.76 7.31
C GLY C 480 30.43 -4.26 7.91
N VAL C 481 29.98 -3.60 8.97
CA VAL C 481 28.72 -3.89 9.60
C VAL C 481 27.66 -2.97 8.98
N SER C 482 26.59 -3.57 8.47
CA SER C 482 25.53 -2.79 7.87
C SER C 482 24.64 -2.20 8.95
N ILE C 483 24.33 -0.94 8.76
CA ILE C 483 23.44 -0.19 9.61
C ILE C 483 21.99 -0.74 9.70
N ASN C 484 21.47 -1.38 8.64
CA ASN C 484 20.15 -2.06 8.77
C ASN C 484 20.23 -3.29 9.63
N ASP C 485 21.36 -4.02 9.56
CA ASP C 485 21.61 -5.12 10.46
C ASP C 485 21.68 -4.66 11.93
N ILE C 486 22.33 -3.51 12.12
CA ILE C 486 22.46 -2.91 13.46
C ILE C 486 21.09 -2.56 13.98
N ASN C 487 20.32 -1.87 13.17
CA ASN C 487 19.01 -1.35 13.61
C ASN C 487 17.91 -2.36 13.73
N THR C 488 17.94 -3.39 12.92
CA THR C 488 17.02 -4.51 13.03
C THR C 488 17.41 -5.35 14.24
N THR C 489 18.72 -5.49 14.49
CA THR C 489 19.15 -6.28 15.63
C THR C 489 18.70 -5.61 16.92
N LEU C 490 18.92 -4.31 17.03
CA LEU C 490 18.50 -3.56 18.22
C LEU C 490 16.97 -3.59 18.40
N GLY C 491 16.28 -3.14 17.35
CA GLY C 491 14.81 -3.07 17.32
C GLY C 491 14.14 -4.41 17.56
N ALA C 492 14.56 -5.42 16.81
CA ALA C 492 13.87 -6.70 16.91
C ALA C 492 14.10 -7.31 18.32
N ALA C 493 15.33 -7.27 18.83
CA ALA C 493 15.64 -7.81 20.13
C ALA C 493 14.96 -7.06 21.25
N TRP C 494 15.05 -5.72 21.25
CA TRP C 494 14.64 -4.95 22.43
C TRP C 494 13.25 -4.43 22.36
N GLY C 495 12.74 -4.32 21.13
CA GLY C 495 11.41 -3.76 20.87
C GLY C 495 10.41 -4.81 20.43
N GLY C 496 10.87 -5.88 19.78
CA GLY C 496 10.02 -6.88 19.17
C GLY C 496 9.67 -6.52 17.76
N SER C 497 9.39 -7.53 16.93
CA SER C 497 9.01 -7.37 15.53
C SER C 497 7.95 -8.40 15.07
N TYR C 498 6.91 -7.90 14.39
CA TYR C 498 5.84 -8.71 13.83
C TYR C 498 6.37 -9.20 12.47
N VAL C 499 6.66 -10.51 12.38
CA VAL C 499 7.37 -11.05 11.23
C VAL C 499 6.40 -11.40 10.13
N ASN C 500 5.45 -12.28 10.44
CA ASN C 500 4.42 -12.72 9.47
C ASN C 500 3.36 -13.53 10.24
N ASP C 501 2.51 -14.25 9.54
CA ASP C 501 1.35 -14.88 10.16
C ASP C 501 1.47 -16.42 10.17
N PHE C 502 0.76 -17.06 11.10
CA PHE C 502 0.73 -18.51 11.13
C PHE C 502 -0.70 -18.93 11.35
N ILE C 503 -0.97 -20.23 11.31
CA ILE C 503 -2.29 -20.76 11.52
C ILE C 503 -2.36 -21.59 12.80
N ASP C 504 -3.13 -21.12 13.78
CA ASP C 504 -3.22 -21.80 15.07
C ASP C 504 -4.58 -22.44 15.16
N ARG C 505 -4.65 -23.78 15.10
CA ARG C 505 -5.95 -24.49 15.16
C ARG C 505 -6.94 -23.96 14.09
N GLY C 506 -6.42 -23.80 12.88
CA GLY C 506 -7.21 -23.26 11.75
C GLY C 506 -7.49 -21.76 11.70
N ARG C 507 -6.99 -20.99 12.67
CA ARG C 507 -7.23 -19.54 12.78
C ARG C 507 -5.93 -18.76 12.55
N VAL C 508 -5.92 -17.83 11.58
CA VAL C 508 -4.69 -17.04 11.31
C VAL C 508 -4.37 -16.09 12.48
N LYS C 509 -3.09 -16.07 12.85
CA LYS C 509 -2.56 -15.31 13.96
C LYS C 509 -1.14 -14.85 13.67
N LYS C 510 -0.61 -13.96 14.50
CA LYS C 510 0.72 -13.33 14.26
C LYS C 510 1.87 -14.08 14.88
N VAL C 511 3.04 -13.83 14.32
CA VAL C 511 4.32 -14.39 14.79
C VAL C 511 5.23 -13.20 15.17
N TYR C 512 5.69 -13.13 16.41
CA TYR C 512 6.54 -12.04 16.85
C TYR C 512 7.86 -12.61 17.25
N VAL C 513 8.95 -11.96 16.82
CA VAL C 513 10.28 -12.19 17.37
C VAL C 513 10.66 -11.04 18.32
N MET C 514 11.36 -11.39 19.39
CA MET C 514 11.87 -10.45 20.40
C MET C 514 12.90 -11.16 21.31
N SER C 515 13.74 -10.42 22.01
CA SER C 515 14.70 -11.11 22.90
C SER C 515 13.98 -11.70 24.08
N GLU C 516 14.48 -12.82 24.59
CA GLU C 516 14.03 -13.28 25.91
C GLU C 516 14.26 -12.14 26.96
N ALA C 517 13.38 -12.02 27.95
CA ALA C 517 13.41 -10.88 28.85
C ALA C 517 14.78 -10.60 29.47
N LYS C 518 15.48 -11.65 29.90
CA LYS C 518 16.70 -11.49 30.70
C LYS C 518 17.86 -10.97 29.89
N TYR C 519 17.73 -10.98 28.56
CA TYR C 519 18.73 -10.35 27.69
C TYR C 519 18.36 -8.94 27.19
N ARG C 520 17.26 -8.34 27.65
CA ARG C 520 16.91 -6.95 27.22
C ARG C 520 16.46 -6.06 28.37
N MET C 521 17.15 -6.15 29.51
CA MET C 521 16.66 -5.49 30.75
C MET C 521 17.43 -4.25 31.10
N LEU C 522 18.74 -4.26 30.88
CA LEU C 522 19.66 -3.27 31.42
C LEU C 522 20.74 -2.83 30.42
N PRO C 523 21.35 -1.68 30.63
CA PRO C 523 22.36 -1.20 29.68
C PRO C 523 23.47 -2.17 29.37
N ASP C 524 23.99 -2.88 30.37
CA ASP C 524 24.97 -3.97 30.11
C ASP C 524 24.58 -5.06 29.10
N ASP C 525 23.29 -5.33 28.96
CA ASP C 525 22.82 -6.37 28.06
C ASP C 525 23.07 -5.98 26.57
N ILE C 526 23.08 -4.67 26.28
CA ILE C 526 23.40 -4.12 24.95
C ILE C 526 24.63 -4.78 24.36
N GLY C 527 25.70 -4.85 25.14
CA GLY C 527 26.94 -5.45 24.65
C GLY C 527 27.00 -6.96 24.49
N ASP C 528 25.95 -7.66 24.91
CA ASP C 528 25.84 -9.10 24.61
C ASP C 528 25.24 -9.37 23.24
N TRP C 529 24.78 -8.33 22.56
CA TRP C 529 24.20 -8.49 21.21
C TRP C 529 25.26 -8.26 20.14
N TYR C 530 25.41 -9.24 19.25
CA TYR C 530 26.42 -9.22 18.22
C TYR C 530 25.73 -9.07 16.89
N VAL C 531 26.44 -8.43 15.96
CA VAL C 531 26.04 -8.30 14.57
C VAL C 531 27.11 -8.84 13.62
N ARG C 532 26.68 -9.46 12.53
CA ARG C 532 27.58 -10.09 11.62
C ARG C 532 28.01 -9.10 10.54
N ALA C 533 29.30 -8.95 10.38
CA ALA C 533 29.86 -8.06 9.40
C ALA C 533 29.87 -8.76 8.06
N ALA C 534 30.08 -7.93 7.05
CA ALA C 534 30.27 -8.33 5.63
C ALA C 534 31.21 -9.49 5.49
N ASP C 535 32.30 -9.47 6.26
CA ASP C 535 33.31 -10.53 6.23
C ASP C 535 33.07 -11.77 7.14
N GLY C 536 31.88 -11.90 7.72
CA GLY C 536 31.56 -13.04 8.59
C GLY C 536 32.01 -12.98 10.05
N GLN C 537 32.77 -11.97 10.45
CA GLN C 537 33.07 -11.81 11.86
C GLN C 537 31.88 -11.27 12.61
N MET C 538 31.74 -11.74 13.85
CA MET C 538 30.70 -11.25 14.76
C MET C 538 31.26 -10.06 15.53
N VAL C 539 30.49 -8.97 15.61
CA VAL C 539 30.94 -7.72 16.23
C VAL C 539 29.96 -7.34 17.33
N PRO C 540 30.45 -7.09 18.57
CA PRO C 540 29.51 -6.66 19.65
C PRO C 540 29.04 -5.21 19.51
N PHE C 541 27.88 -4.93 20.09
CA PHE C 541 27.24 -3.64 19.98
C PHE C 541 28.14 -2.54 20.52
N SER C 542 28.86 -2.84 21.59
CA SER C 542 29.82 -1.90 22.16
C SER C 542 30.98 -1.46 21.26
N ALA C 543 31.29 -2.16 20.18
CA ALA C 543 32.38 -1.70 19.33
C ALA C 543 32.00 -0.46 18.47
N PHE C 544 30.71 -0.28 18.17
CA PHE C 544 30.25 0.80 17.26
C PHE C 544 29.18 1.68 17.90
N SER C 545 29.03 1.65 19.23
CA SER C 545 27.98 2.44 19.89
C SER C 545 28.51 3.05 21.16
N SER C 546 27.86 4.11 21.63
CA SER C 546 28.13 4.77 22.90
C SER C 546 26.76 5.20 23.40
N SER C 547 26.59 5.41 24.71
CA SER C 547 25.29 5.76 25.24
C SER C 547 25.36 6.67 26.43
N ARG C 548 24.24 7.31 26.73
CA ARG C 548 24.13 8.18 27.89
C ARG C 548 22.66 8.34 28.30
N TRP C 549 22.44 8.78 29.53
CA TRP C 549 21.13 9.15 30.01
C TRP C 549 20.80 10.63 29.63
N GLU C 550 19.56 10.88 29.30
CA GLU C 550 19.03 12.22 29.00
C GLU C 550 17.58 12.15 29.35
N TYR C 551 16.88 13.28 29.34
CA TYR C 551 15.43 13.33 29.55
C TYR C 551 14.72 13.50 28.20
N GLY C 552 13.49 13.06 28.14
CA GLY C 552 12.62 13.27 26.99
C GLY C 552 11.22 12.84 27.38
N SER C 553 10.29 13.03 26.46
CA SER C 553 8.91 12.92 26.73
C SER C 553 8.44 11.51 26.52
N PRO C 554 7.72 10.96 27.50
CA PRO C 554 6.99 9.71 27.28
C PRO C 554 5.57 9.91 26.73
N ARG C 555 5.15 11.16 26.51
CA ARG C 555 3.86 11.42 25.94
C ARG C 555 3.81 12.85 25.38
N LEU C 556 3.90 12.93 24.05
CA LEU C 556 3.89 14.19 23.29
C LEU C 556 2.44 14.51 22.93
N GLU C 557 2.04 15.78 23.07
CA GLU C 557 0.65 16.17 22.80
C GLU C 557 0.63 17.16 21.69
N ARG C 558 -0.45 17.15 20.89
CA ARG C 558 -0.64 18.15 19.86
C ARG C 558 -2.08 18.62 19.82
N TYR C 559 -2.28 19.85 19.35
CA TYR C 559 -3.62 20.45 19.31
C TYR C 559 -3.74 21.22 18.01
N ASN C 560 -4.77 20.93 17.23
CA ASN C 560 -4.91 21.47 15.88
C ASN C 560 -3.63 21.42 15.06
N GLY C 561 -2.91 20.32 15.23
CA GLY C 561 -1.73 20.02 14.45
C GLY C 561 -0.46 20.72 14.86
N LEU C 562 -0.51 21.45 15.99
CA LEU C 562 0.69 22.05 16.56
C LEU C 562 1.08 21.38 17.92
N PRO C 563 2.36 21.35 18.21
CA PRO C 563 2.68 20.88 19.52
C PRO C 563 1.95 21.66 20.62
N SER C 564 1.51 20.91 21.63
CA SER C 564 0.68 21.45 22.68
C SER C 564 0.89 20.78 24.04
N MET C 565 0.50 21.47 25.10
CA MET C 565 0.41 20.92 26.46
C MET C 565 -0.91 21.27 27.04
N GLU C 566 -1.72 20.26 27.34
CA GLU C 566 -2.99 20.50 28.02
C GLU C 566 -2.82 20.86 29.54
N ILE C 567 -3.56 21.88 29.98
CA ILE C 567 -3.54 22.37 31.36
C ILE C 567 -4.96 22.42 31.88
N LEU C 568 -5.20 21.76 33.02
CA LEU C 568 -6.50 21.77 33.68
C LEU C 568 -6.46 22.66 34.89
N GLY C 569 -7.63 23.10 35.31
CA GLY C 569 -7.76 23.94 36.47
C GLY C 569 -9.21 24.24 36.80
N GLN C 570 -9.40 25.03 37.86
CA GLN C 570 -10.71 25.50 38.29
C GLN C 570 -10.62 26.84 39.00
N ALA C 571 -11.78 27.48 39.09
CA ALA C 571 -11.97 28.73 39.80
C ALA C 571 -11.85 28.49 41.29
N ALA C 572 -11.24 29.44 42.00
CA ALA C 572 -11.19 29.38 43.48
C ALA C 572 -12.62 29.51 44.02
N PRO C 573 -12.86 29.11 45.29
CA PRO C 573 -14.26 29.20 45.76
C PRO C 573 -14.84 30.64 45.72
N GLY C 574 -16.11 30.73 45.33
CA GLY C 574 -16.79 32.01 45.09
C GLY C 574 -16.10 32.88 44.05
N LYS C 575 -15.79 32.30 42.88
CA LYS C 575 -15.38 33.03 41.67
C LYS C 575 -16.01 32.28 40.52
N SER C 576 -16.43 32.95 39.46
CA SER C 576 -17.03 32.24 38.28
C SER C 576 -15.92 31.58 37.42
N THR C 577 -16.31 30.57 36.64
CA THR C 577 -15.34 29.95 35.71
C THR C 577 -14.91 30.97 34.64
N GLY C 578 -15.85 31.80 34.18
CA GLY C 578 -15.58 32.94 33.32
C GLY C 578 -14.50 33.89 33.84
N GLU C 579 -14.50 34.11 35.15
CA GLU C 579 -13.52 35.03 35.75
C GLU C 579 -12.12 34.38 35.76
N ALA C 580 -12.11 33.06 36.03
CA ALA C 580 -10.88 32.24 36.05
C ALA C 580 -10.22 32.21 34.67
N MET C 581 -11.05 31.97 33.67
CA MET C 581 -10.59 32.01 32.28
C MET C 581 -9.93 33.35 31.96
N GLU C 582 -10.56 34.46 32.35
CA GLU C 582 -10.06 35.82 32.07
C GLU C 582 -8.63 36.01 32.57
N LEU C 583 -8.35 35.52 33.78
CA LEU C 583 -7.00 35.60 34.34
C LEU C 583 -6.01 34.68 33.59
N MET C 584 -6.41 33.42 33.38
CA MET C 584 -5.60 32.48 32.57
C MET C 584 -5.21 33.13 31.22
N GLU C 585 -6.16 33.78 30.55
CA GLU C 585 -5.86 34.46 29.27
C GLU C 585 -4.87 35.59 29.42
N GLN C 586 -5.07 36.38 30.46
CA GLN C 586 -4.18 37.49 30.79
C GLN C 586 -2.78 36.98 31.18
N LEU C 587 -2.72 35.90 31.97
CA LEU C 587 -1.42 35.28 32.28
C LEU C 587 -0.76 34.76 31.01
N ALA C 588 -1.55 34.08 30.19
CA ALA C 588 -1.08 33.59 28.90
C ALA C 588 -0.48 34.67 27.96
N SER C 589 -0.95 35.92 28.06
CA SER C 589 -0.38 37.05 27.26
C SER C 589 1.07 37.49 27.60
N LYS C 590 1.63 36.95 28.68
CA LYS C 590 2.95 37.35 29.12
C LYS C 590 3.99 36.24 28.95
N LEU C 591 3.67 35.21 28.15
CA LEU C 591 4.59 34.08 27.96
C LEU C 591 5.63 34.37 26.90
N PRO C 592 6.65 33.55 26.78
CA PRO C 592 7.61 33.87 25.70
C PRO C 592 7.02 33.98 24.28
N THR C 593 7.79 34.63 23.40
CA THR C 593 7.37 34.91 22.04
C THR C 593 7.17 33.56 21.36
N GLY C 594 6.01 33.39 20.75
CA GLY C 594 5.71 32.21 19.94
C GLY C 594 4.80 31.23 20.62
N VAL C 595 4.41 31.52 21.88
CA VAL C 595 3.56 30.61 22.66
C VAL C 595 2.14 31.13 22.71
N GLY C 596 1.19 30.33 22.24
CA GLY C 596 -0.20 30.75 22.16
C GLY C 596 -1.07 29.88 23.00
N TYR C 597 -2.37 30.07 22.91
CA TYR C 597 -3.24 29.14 23.62
C TYR C 597 -4.58 28.98 22.97
N ASP C 598 -5.30 27.96 23.42
CA ASP C 598 -6.67 27.84 23.01
C ASP C 598 -7.48 27.17 24.10
N TRP C 599 -8.80 27.44 24.08
CA TRP C 599 -9.74 26.74 24.96
C TRP C 599 -10.32 25.56 24.19
N THR C 600 -10.58 24.46 24.90
CA THR C 600 -11.10 23.25 24.26
C THR C 600 -12.10 22.54 25.20
N GLY C 601 -12.72 21.45 24.75
CA GLY C 601 -13.58 20.63 25.60
C GLY C 601 -14.69 21.45 26.22
N MET C 602 -14.93 21.23 27.52
CA MET C 602 -15.94 21.96 28.30
C MET C 602 -15.78 23.50 28.13
N SER C 603 -14.52 23.97 28.02
CA SER C 603 -14.24 25.41 27.86
C SER C 603 -14.36 26.01 26.45
N TYR C 604 -14.65 25.21 25.43
CA TYR C 604 -14.93 25.76 24.10
C TYR C 604 -16.38 26.23 24.06
N HIS D 5 27.34 24.30 -41.17
CA HIS D 5 26.12 23.43 -41.14
C HIS D 5 25.25 23.48 -39.80
N HIS D 6 25.86 23.85 -38.65
CA HIS D 6 25.11 24.22 -37.41
C HIS D 6 24.68 25.70 -37.48
N HIS D 7 23.43 25.96 -37.90
CA HIS D 7 22.92 27.34 -38.08
C HIS D 7 22.53 27.94 -36.75
N HIS D 8 22.84 29.21 -36.48
CA HIS D 8 22.56 29.80 -35.14
C HIS D 8 21.06 30.19 -34.91
N HIS D 9 20.56 29.96 -33.69
CA HIS D 9 19.17 30.29 -33.29
C HIS D 9 19.08 31.79 -33.07
N HIS D 10 18.59 32.53 -34.08
CA HIS D 10 18.43 33.98 -33.98
C HIS D 10 17.00 34.36 -33.61
N GLY D 11 16.84 35.58 -33.09
CA GLY D 11 15.56 36.05 -32.58
C GLY D 11 14.54 36.54 -33.60
N SER D 12 14.96 36.65 -34.88
CA SER D 12 14.21 37.38 -35.93
C SER D 12 12.76 36.92 -36.14
N ASP D 13 11.87 37.89 -36.41
CA ASP D 13 10.42 37.67 -36.54
C ASP D 13 10.12 36.66 -37.66
N LEU D 14 10.68 36.88 -38.85
CA LEU D 14 10.41 36.02 -40.03
C LEU D 14 10.99 34.57 -39.94
N GLY D 15 12.13 34.39 -39.25
CA GLY D 15 12.68 33.06 -38.89
C GLY D 15 11.72 32.18 -38.09
N LYS D 16 11.28 32.68 -36.93
CA LYS D 16 10.23 32.01 -36.11
C LYS D 16 9.02 31.64 -36.97
N LYS D 17 8.43 32.62 -37.64
CA LYS D 17 7.26 32.41 -38.50
C LYS D 17 7.47 31.23 -39.49
N LEU D 18 8.66 31.13 -40.07
CA LEU D 18 8.92 30.18 -41.13
C LEU D 18 9.03 28.81 -40.50
N LEU D 19 9.85 28.75 -39.44
CA LEU D 19 10.01 27.56 -38.60
C LEU D 19 8.67 26.99 -38.20
N GLU D 20 7.79 27.86 -37.71
CA GLU D 20 6.46 27.45 -37.29
C GLU D 20 5.63 26.98 -38.44
N ALA D 21 5.70 27.67 -39.57
CA ALA D 21 4.86 27.32 -40.71
C ALA D 21 5.31 26.06 -41.42
N ALA D 22 6.63 25.88 -41.51
CA ALA D 22 7.21 24.68 -42.09
C ALA D 22 6.78 23.42 -41.30
N ARG D 23 6.68 23.59 -39.98
CA ARG D 23 6.19 22.56 -39.08
C ARG D 23 4.68 22.19 -39.29
N ALA D 24 3.79 23.17 -39.50
CA ALA D 24 2.33 22.89 -39.67
C ALA D 24 1.85 22.67 -41.12
N GLY D 25 2.79 22.59 -42.05
CA GLY D 25 2.44 22.38 -43.45
C GLY D 25 1.64 23.50 -44.12
N ARG D 26 1.88 24.76 -43.74
CA ARG D 26 1.17 25.88 -44.36
C ARG D 26 1.97 26.31 -45.58
N ASP D 27 1.70 25.58 -46.68
CA ASP D 27 2.38 25.73 -47.99
C ASP D 27 2.37 27.18 -48.46
N ASP D 28 1.20 27.84 -48.40
CA ASP D 28 1.06 29.25 -48.81
C ASP D 28 1.96 30.19 -47.99
N GLU D 29 1.82 30.14 -46.68
CA GLU D 29 2.66 30.98 -45.81
C GLU D 29 4.19 30.74 -46.00
N VAL D 30 4.66 29.50 -46.12
CA VAL D 30 6.08 29.27 -46.44
C VAL D 30 6.49 30.04 -47.69
N ARG D 31 5.63 30.01 -48.72
CA ARG D 31 5.91 30.73 -50.01
C ARG D 31 6.02 32.25 -49.83
N ILE D 32 5.08 32.82 -49.06
CA ILE D 32 5.01 34.25 -48.78
C ILE D 32 6.26 34.70 -48.04
N LEU D 33 6.65 33.94 -47.03
CA LEU D 33 7.78 34.29 -46.18
C LEU D 33 9.10 34.24 -46.91
N MET D 34 9.25 33.25 -47.79
CA MET D 34 10.40 33.15 -48.71
C MET D 34 10.55 34.37 -49.63
N ALA D 35 9.44 34.83 -50.19
CA ALA D 35 9.39 36.03 -51.03
C ALA D 35 9.81 37.29 -50.26
N ASN D 36 9.44 37.37 -48.96
CA ASN D 36 9.80 38.51 -48.07
C ASN D 36 11.14 38.41 -47.35
N GLY D 37 11.98 37.45 -47.76
CA GLY D 37 13.41 37.41 -47.39
C GLY D 37 13.77 36.65 -46.11
N ALA D 38 12.81 35.87 -45.61
CA ALA D 38 12.97 35.04 -44.39
C ALA D 38 14.20 34.13 -44.54
N ASP D 39 15.00 34.05 -43.49
CA ASP D 39 16.20 33.20 -43.52
C ASP D 39 15.70 31.76 -43.71
N VAL D 40 15.98 31.16 -44.88
CA VAL D 40 15.65 29.75 -45.13
C VAL D 40 16.37 28.76 -44.16
N ASN D 41 17.49 29.18 -43.56
CA ASN D 41 18.17 28.43 -42.51
C ASN D 41 18.04 28.97 -41.08
N ALA D 42 16.87 29.54 -40.75
CA ALA D 42 16.63 29.91 -39.36
C ALA D 42 16.63 28.62 -38.58
N ALA D 43 17.42 28.55 -37.50
CA ALA D 43 17.37 27.44 -36.55
C ALA D 43 16.49 27.78 -35.36
N ASP D 44 15.99 26.73 -34.69
CA ASP D 44 15.40 26.87 -33.34
C ASP D 44 16.41 26.40 -32.27
N VAL D 45 15.97 26.45 -31.03
CA VAL D 45 16.86 26.15 -29.94
C VAL D 45 17.51 24.76 -29.97
N VAL D 46 16.89 23.78 -30.62
CA VAL D 46 17.55 22.47 -30.84
C VAL D 46 18.36 22.32 -32.17
N GLY D 47 18.43 23.40 -32.97
CA GLY D 47 19.17 23.38 -34.22
C GLY D 47 18.34 22.93 -35.39
N TRP D 48 17.02 22.94 -35.26
CA TRP D 48 16.19 22.48 -36.37
C TRP D 48 15.97 23.69 -37.28
N THR D 49 16.16 23.45 -38.58
CA THR D 49 15.89 24.39 -39.63
C THR D 49 14.49 24.05 -40.13
N PRO D 50 13.87 24.91 -40.92
CA PRO D 50 12.54 24.53 -41.39
C PRO D 50 12.50 23.21 -42.19
N LEU D 51 13.67 22.82 -42.71
CA LEU D 51 13.83 21.60 -43.49
C LEU D 51 13.90 20.37 -42.61
N HIS D 52 14.57 20.47 -41.47
CA HIS D 52 14.35 19.47 -40.41
C HIS D 52 12.85 19.27 -40.09
N LEU D 53 12.17 20.35 -39.78
CA LEU D 53 10.76 20.32 -39.42
C LEU D 53 9.92 19.73 -40.52
N ALA D 54 10.16 20.14 -41.76
CA ALA D 54 9.27 19.67 -42.83
C ALA D 54 9.51 18.17 -43.07
N ALA D 55 10.80 17.78 -43.02
CA ALA D 55 11.19 16.40 -43.14
C ALA D 55 10.59 15.57 -42.00
N TYR D 56 10.56 16.07 -40.78
CA TYR D 56 10.01 15.30 -39.65
C TYR D 56 8.55 15.01 -39.81
N TRP D 57 7.79 16.05 -40.13
CA TRP D 57 6.36 16.01 -40.16
C TRP D 57 5.78 15.67 -41.55
N GLY D 58 6.61 15.31 -42.51
CA GLY D 58 6.13 14.75 -43.80
C GLY D 58 5.56 15.73 -44.82
N HIS D 59 6.05 16.95 -44.81
CA HIS D 59 5.46 18.00 -45.62
C HIS D 59 6.30 18.09 -46.89
N LEU D 60 6.01 17.19 -47.83
CA LEU D 60 6.77 17.08 -49.11
C LEU D 60 6.96 18.42 -49.88
N GLU D 61 5.87 19.12 -50.16
CA GLU D 61 5.90 20.35 -50.99
C GLU D 61 6.73 21.50 -50.33
N ILE D 62 6.63 21.64 -49.01
CA ILE D 62 7.50 22.56 -48.29
C ILE D 62 8.95 22.19 -48.42
N VAL D 63 9.28 20.89 -48.32
CA VAL D 63 10.66 20.45 -48.49
C VAL D 63 11.19 20.88 -49.87
N GLU D 64 10.37 20.72 -50.90
CA GLU D 64 10.74 21.12 -52.26
C GLU D 64 10.99 22.62 -52.37
N VAL D 65 10.04 23.41 -51.85
CA VAL D 65 10.16 24.91 -51.80
C VAL D 65 11.37 25.39 -51.02
N LEU D 66 11.57 24.85 -49.82
CA LEU D 66 12.74 25.23 -49.04
C LEU D 66 14.05 25.02 -49.82
N LEU D 67 14.13 23.89 -50.52
CA LEU D 67 15.33 23.56 -51.35
C LEU D 67 15.46 24.49 -52.58
N LYS D 68 14.34 24.75 -53.25
CA LYS D 68 14.32 25.73 -54.37
C LYS D 68 14.92 27.09 -53.94
N ASN D 69 14.68 27.49 -52.68
CA ASN D 69 15.29 28.69 -52.11
C ASN D 69 16.60 28.48 -51.35
N GLY D 70 17.35 27.44 -51.68
CA GLY D 70 18.73 27.34 -51.19
C GLY D 70 18.90 26.92 -49.73
N ALA D 71 17.94 26.15 -49.18
CA ALA D 71 18.10 25.56 -47.83
C ALA D 71 19.28 24.61 -47.82
N ASP D 72 19.96 24.55 -46.68
CA ASP D 72 21.11 23.66 -46.52
C ASP D 72 20.53 22.30 -46.28
N VAL D 73 20.77 21.42 -47.24
CA VAL D 73 20.19 20.07 -47.28
C VAL D 73 20.84 19.24 -46.17
N ASN D 74 22.06 19.62 -45.79
CA ASN D 74 22.81 18.94 -44.73
C ASN D 74 22.90 19.69 -43.40
N ALA D 75 21.89 20.52 -43.13
CA ALA D 75 21.77 21.15 -41.81
C ALA D 75 21.92 20.08 -40.70
N TYR D 76 22.65 20.42 -39.65
CA TYR D 76 22.85 19.59 -38.48
C TYR D 76 22.11 20.22 -37.30
N ASP D 77 21.34 19.43 -36.56
CA ASP D 77 20.77 19.87 -35.26
C ASP D 77 21.85 19.75 -34.17
N THR D 78 21.54 20.05 -32.90
CA THR D 78 22.62 20.13 -31.95
C THR D 78 23.26 18.76 -31.60
N LEU D 79 22.69 17.66 -32.09
CA LEU D 79 23.23 16.33 -31.88
C LEU D 79 23.72 15.68 -33.17
N GLY D 80 23.88 16.48 -34.22
CA GLY D 80 24.47 15.99 -35.49
C GLY D 80 23.49 15.41 -36.50
N SER D 81 22.21 15.66 -36.32
CA SER D 81 21.23 14.94 -37.09
C SER D 81 20.68 15.86 -38.14
N THR D 82 20.46 15.27 -39.33
CA THR D 82 20.18 15.99 -40.59
C THR D 82 18.76 15.76 -41.01
N PRO D 83 18.25 16.56 -41.92
CA PRO D 83 16.89 16.27 -42.37
C PRO D 83 16.68 14.86 -42.95
N LEU D 84 17.70 14.30 -43.55
CA LEU D 84 17.60 12.94 -44.11
C LEU D 84 17.50 11.87 -43.02
N HIS D 85 18.20 12.07 -41.90
CA HIS D 85 17.95 11.26 -40.77
C HIS D 85 16.45 11.26 -40.44
N LEU D 86 15.85 12.43 -40.32
CA LEU D 86 14.50 12.47 -39.83
C LEU D 86 13.57 11.79 -40.84
N ALA D 87 13.73 12.10 -42.11
CA ALA D 87 12.84 11.50 -43.13
C ALA D 87 12.96 9.96 -43.29
N ALA D 88 14.17 9.43 -43.11
CA ALA D 88 14.39 8.01 -43.20
C ALA D 88 13.83 7.35 -41.98
N HIS D 89 14.06 7.95 -40.81
CA HIS D 89 13.53 7.43 -39.58
C HIS D 89 12.03 7.32 -39.55
N PHE D 90 11.32 8.29 -40.09
CA PHE D 90 9.86 8.37 -39.97
C PHE D 90 9.06 7.91 -41.23
N GLY D 91 9.72 7.29 -42.20
CA GLY D 91 9.04 6.63 -43.30
C GLY D 91 8.58 7.52 -44.42
N HIS D 92 9.20 8.69 -44.58
CA HIS D 92 8.74 9.67 -45.61
C HIS D 92 9.55 9.44 -46.88
N LEU D 93 9.08 8.47 -47.68
CA LEU D 93 9.82 7.99 -48.89
C LEU D 93 10.09 9.10 -49.92
N GLU D 94 9.03 9.81 -50.33
CA GLU D 94 9.20 10.80 -51.39
C GLU D 94 10.12 11.91 -50.91
N ILE D 95 10.06 12.23 -49.61
CA ILE D 95 10.98 13.23 -49.04
C ILE D 95 12.43 12.75 -49.07
N VAL D 96 12.65 11.48 -48.75
CA VAL D 96 14.00 10.93 -48.82
C VAL D 96 14.60 11.07 -50.22
N GLU D 97 13.80 10.73 -51.23
CA GLU D 97 14.26 10.83 -52.64
C GLU D 97 14.60 12.26 -52.99
N VAL D 98 13.70 13.18 -52.64
CA VAL D 98 13.92 14.58 -52.92
C VAL D 98 15.19 15.12 -52.25
N LEU D 99 15.45 14.70 -51.02
CA LEU D 99 16.62 15.25 -50.32
C LEU D 99 17.90 14.72 -50.98
N LEU D 100 17.92 13.42 -51.24
CA LEU D 100 19.06 12.81 -51.92
C LEU D 100 19.22 13.41 -53.33
N LYS D 101 18.12 13.59 -54.07
CA LYS D 101 18.16 14.32 -55.36
C LYS D 101 18.92 15.63 -55.29
N ASN D 102 18.79 16.38 -54.17
CA ASN D 102 19.47 17.72 -53.96
C ASN D 102 20.73 17.72 -53.10
N GLY D 103 21.43 16.59 -53.02
CA GLY D 103 22.78 16.53 -52.41
C GLY D 103 22.83 16.17 -50.92
N ALA D 104 21.79 15.52 -50.41
CA ALA D 104 21.84 15.07 -49.02
C ALA D 104 22.95 14.07 -48.89
N ASP D 105 23.70 14.20 -47.80
CA ASP D 105 24.82 13.32 -47.48
C ASP D 105 24.22 12.00 -46.97
N VAL D 106 24.22 11.00 -47.84
CA VAL D 106 23.61 9.70 -47.58
C VAL D 106 24.27 8.92 -46.42
N ASN D 107 25.51 9.28 -46.08
CA ASN D 107 26.29 8.65 -45.00
C ASN D 107 26.59 9.56 -43.82
N ALA D 108 25.79 10.63 -43.64
CA ALA D 108 26.01 11.53 -42.53
C ALA D 108 25.76 10.74 -41.26
N LYS D 109 26.66 10.90 -40.31
CA LYS D 109 26.59 10.32 -38.99
C LYS D 109 26.19 11.42 -37.99
N ASP D 110 25.31 11.06 -37.05
CA ASP D 110 25.02 11.96 -35.94
C ASP D 110 26.13 11.81 -34.90
N ASP D 111 26.03 12.54 -33.80
CA ASP D 111 26.97 12.38 -32.67
C ASP D 111 27.18 10.94 -32.16
N ASN D 112 26.19 10.07 -32.38
CA ASN D 112 26.21 8.65 -31.97
C ASN D 112 26.72 7.67 -33.02
N GLY D 113 27.16 8.19 -34.17
CA GLY D 113 27.54 7.35 -35.30
C GLY D 113 26.39 6.76 -36.09
N ILE D 114 25.20 7.27 -35.92
CA ILE D 114 24.02 6.71 -36.49
C ILE D 114 23.78 7.42 -37.82
N THR D 115 23.43 6.66 -38.85
CA THR D 115 23.31 7.10 -40.22
C THR D 115 21.82 6.94 -40.56
N PRO D 116 21.37 7.57 -41.64
CA PRO D 116 20.01 7.41 -42.10
C PRO D 116 19.63 5.93 -42.34
N LEU D 117 20.57 5.14 -42.82
CA LEU D 117 20.33 3.70 -43.07
C LEU D 117 20.08 2.94 -41.74
N HIS D 118 20.86 3.24 -40.69
CA HIS D 118 20.58 2.68 -39.35
C HIS D 118 19.11 2.88 -38.90
N LEU D 119 18.65 4.11 -39.02
CA LEU D 119 17.33 4.49 -38.59
C LEU D 119 16.26 3.86 -39.47
N ALA D 120 16.42 3.96 -40.78
CA ALA D 120 15.56 3.28 -41.73
C ALA D 120 15.53 1.80 -41.45
N ALA D 121 16.70 1.20 -41.34
CA ALA D 121 16.73 -0.21 -40.98
C ALA D 121 15.97 -0.49 -39.68
N ASN D 122 16.29 0.25 -38.62
CA ASN D 122 15.70 -0.06 -37.31
C ASN D 122 14.13 -0.06 -37.36
N ARG D 123 13.53 0.87 -38.10
CA ARG D 123 12.06 0.95 -38.17
C ARG D 123 11.45 0.12 -39.28
N GLY D 124 12.23 -0.77 -39.90
CA GLY D 124 11.76 -1.59 -41.02
C GLY D 124 11.22 -0.84 -42.21
N HIS D 125 11.74 0.35 -42.50
CA HIS D 125 11.27 1.13 -43.65
C HIS D 125 12.04 0.70 -44.93
N LEU D 126 11.57 -0.41 -45.50
CA LEU D 126 12.35 -1.22 -46.47
C LEU D 126 12.59 -0.50 -47.81
N GLU D 127 11.54 0.14 -48.35
CA GLU D 127 11.66 0.95 -49.55
C GLU D 127 12.73 2.04 -49.37
N ILE D 128 12.74 2.71 -48.22
CA ILE D 128 13.74 3.75 -47.93
C ILE D 128 15.18 3.18 -47.87
N VAL D 129 15.33 2.07 -47.19
CA VAL D 129 16.63 1.38 -47.17
C VAL D 129 17.21 1.20 -48.59
N GLU D 130 16.37 0.76 -49.54
CA GLU D 130 16.83 0.45 -50.89
C GLU D 130 17.33 1.70 -51.56
N VAL D 131 16.58 2.78 -51.42
CA VAL D 131 16.92 4.08 -52.03
C VAL D 131 18.23 4.64 -51.51
N LEU D 132 18.41 4.58 -50.19
CA LEU D 132 19.66 4.96 -49.56
C LEU D 132 20.87 4.15 -50.08
N LEU D 133 20.72 2.83 -50.23
CA LEU D 133 21.80 1.99 -50.79
C LEU D 133 22.04 2.42 -52.26
N LYS D 134 20.94 2.55 -53.02
CA LYS D 134 20.96 3.08 -54.40
C LYS D 134 21.81 4.37 -54.53
N TYR D 135 21.67 5.28 -53.56
CA TYR D 135 22.39 6.56 -53.57
C TYR D 135 23.76 6.56 -52.87
N GLY D 136 24.38 5.40 -52.64
CA GLY D 136 25.74 5.32 -52.08
C GLY D 136 25.96 4.87 -50.63
N ALA D 137 24.90 4.40 -49.95
CA ALA D 137 24.98 4.24 -48.49
C ALA D 137 25.95 3.17 -48.13
N ASP D 138 26.86 3.46 -47.20
CA ASP D 138 27.84 2.48 -46.72
C ASP D 138 27.08 1.38 -45.92
N VAL D 139 26.92 0.23 -46.54
CA VAL D 139 26.09 -0.84 -45.97
C VAL D 139 26.68 -1.45 -44.68
N ASN D 140 27.98 -1.23 -44.49
CA ASN D 140 28.69 -1.66 -43.32
C ASN D 140 29.11 -0.54 -42.37
N ALA D 141 28.60 0.69 -42.56
CA ALA D 141 28.74 1.74 -41.54
C ALA D 141 28.31 1.19 -40.15
N GLN D 142 29.13 1.53 -39.17
CA GLN D 142 28.96 1.12 -37.80
C GLN D 142 28.70 2.36 -36.97
N ASP D 143 27.79 2.25 -36.01
CA ASP D 143 27.57 3.32 -35.01
C ASP D 143 28.57 3.14 -33.90
N LYS D 144 28.45 3.97 -32.88
CA LYS D 144 29.35 3.94 -31.74
C LYS D 144 29.42 2.59 -31.00
N PHE D 145 28.37 1.77 -31.13
CA PHE D 145 28.32 0.44 -30.51
C PHE D 145 28.76 -0.70 -31.46
N GLY D 146 29.22 -0.36 -32.67
CA GLY D 146 29.74 -1.34 -33.61
C GLY D 146 28.69 -1.96 -34.50
N LYS D 147 27.48 -1.40 -34.51
CA LYS D 147 26.35 -2.04 -35.17
C LYS D 147 26.14 -1.56 -36.58
N THR D 148 25.83 -2.53 -37.43
CA THR D 148 25.48 -2.31 -38.80
C THR D 148 24.00 -2.42 -38.92
N ALA D 149 23.48 -2.06 -40.08
CA ALA D 149 22.06 -2.32 -40.44
C ALA D 149 21.76 -3.79 -40.45
N PHE D 150 22.73 -4.60 -40.85
CA PHE D 150 22.62 -6.05 -40.74
C PHE D 150 22.45 -6.56 -39.29
N ASP D 151 23.31 -6.09 -38.36
CA ASP D 151 23.17 -6.35 -36.95
C ASP D 151 21.78 -5.93 -36.47
N ILE D 152 21.33 -4.76 -36.90
CA ILE D 152 19.96 -4.35 -36.63
C ILE D 152 18.89 -5.36 -37.11
N SER D 153 19.00 -5.82 -38.35
CA SER D 153 18.05 -6.81 -38.91
C SER D 153 18.05 -8.15 -38.13
N ILE D 154 19.21 -8.60 -37.67
CA ILE D 154 19.29 -9.79 -36.83
C ILE D 154 18.68 -9.52 -35.44
N ASN D 155 18.97 -8.37 -34.86
CA ASN D 155 18.42 -8.11 -33.56
C ASN D 155 16.89 -7.98 -33.63
N ASN D 156 16.37 -7.47 -34.73
CA ASN D 156 14.92 -7.21 -34.81
C ASN D 156 14.12 -8.41 -35.33
N GLY D 157 14.80 -9.42 -35.86
CA GLY D 157 14.16 -10.57 -36.48
C GLY D 157 13.44 -10.20 -37.73
N ASN D 158 13.94 -9.17 -38.45
CA ASN D 158 13.39 -8.72 -39.73
C ASN D 158 14.12 -9.40 -40.85
N GLU D 159 13.58 -10.53 -41.30
CA GLU D 159 14.23 -11.34 -42.33
C GLU D 159 14.13 -10.70 -43.73
N ASP D 160 13.04 -9.99 -44.00
CA ASP D 160 12.92 -9.16 -45.22
C ASP D 160 14.07 -8.18 -45.42
N LEU D 161 14.49 -7.53 -44.34
CA LEU D 161 15.61 -6.58 -44.37
C LEU D 161 16.96 -7.30 -44.50
N ALA D 162 17.19 -8.35 -43.71
CA ALA D 162 18.37 -9.22 -43.90
C ALA D 162 18.53 -9.58 -45.37
N GLU D 163 17.40 -9.92 -46.02
CA GLU D 163 17.34 -10.31 -47.44
C GLU D 163 17.92 -9.23 -48.34
N ILE D 164 17.35 -8.04 -48.22
CA ILE D 164 17.79 -6.86 -48.97
C ILE D 164 19.29 -6.60 -48.81
N LEU D 165 19.80 -6.77 -47.58
CA LEU D 165 21.23 -6.54 -47.28
C LEU D 165 22.11 -7.71 -47.77
N GLN D 166 21.58 -8.95 -47.69
CA GLN D 166 22.03 -10.14 -48.49
C GLN D 166 23.33 -10.86 -48.00
N GLY E 11 16.89 4.67 50.60
CA GLY E 11 17.01 4.83 52.09
C GLY E 11 16.02 5.83 52.67
N SER E 12 16.35 7.12 52.57
CA SER E 12 15.50 8.22 53.07
C SER E 12 14.39 8.58 52.04
N ASP E 13 13.16 8.79 52.57
CA ASP E 13 12.04 9.45 51.83
C ASP E 13 12.37 10.90 51.44
N LEU E 14 13.17 11.59 52.28
CA LEU E 14 13.59 12.99 51.97
C LEU E 14 14.57 13.02 50.81
N GLY E 15 15.43 12.00 50.72
CA GLY E 15 16.30 11.77 49.58
C GLY E 15 15.54 11.82 48.26
N LYS E 16 14.47 11.02 48.18
CA LYS E 16 13.65 10.94 46.99
C LYS E 16 13.03 12.32 46.72
N LYS E 17 12.45 12.93 47.74
CA LYS E 17 11.87 14.29 47.61
C LYS E 17 12.89 15.32 47.19
N LEU E 18 14.15 15.14 47.60
CA LEU E 18 15.19 16.08 47.21
C LEU E 18 15.57 15.93 45.71
N LEU E 19 15.58 14.69 45.20
CA LEU E 19 15.77 14.45 43.79
C LEU E 19 14.67 15.17 42.99
N GLU E 20 13.42 14.97 43.43
CA GLU E 20 12.27 15.58 42.76
C GLU E 20 12.28 17.11 42.76
N ALA E 21 12.69 17.72 43.85
CA ALA E 21 12.65 19.19 43.90
C ALA E 21 13.85 19.76 43.15
N ALA E 22 14.98 19.03 43.11
CA ALA E 22 16.16 19.49 42.37
C ALA E 22 15.91 19.44 40.83
N ARG E 23 15.44 18.27 40.38
CA ARG E 23 14.73 18.03 39.11
C ARG E 23 13.82 19.20 38.64
N ALA E 24 12.79 19.50 39.43
CA ALA E 24 11.81 20.52 39.06
C ALA E 24 12.17 21.99 39.43
N GLY E 25 13.40 22.27 39.83
CA GLY E 25 13.80 23.66 40.11
C GLY E 25 13.20 24.34 41.35
N ARG E 26 12.70 23.58 42.32
CA ARG E 26 12.05 24.16 43.51
C ARG E 26 13.10 24.60 44.55
N ASP E 27 13.55 25.85 44.44
CA ASP E 27 14.71 26.36 45.18
C ASP E 27 14.49 26.34 46.71
N ASP E 28 13.28 26.73 47.11
CA ASP E 28 12.92 26.81 48.52
C ASP E 28 12.76 25.45 49.14
N GLU E 29 12.06 24.53 48.47
CA GLU E 29 11.90 23.18 48.98
C GLU E 29 13.25 22.46 49.16
N VAL E 30 14.30 22.88 48.45
CA VAL E 30 15.63 22.25 48.60
C VAL E 30 16.38 22.71 49.87
N ARG E 31 16.20 23.97 50.29
CA ARG E 31 16.66 24.42 51.65
C ARG E 31 16.03 23.58 52.75
N ILE E 32 14.70 23.50 52.71
CA ILE E 32 13.89 22.88 53.74
C ILE E 32 14.22 21.40 53.89
N LEU E 33 14.51 20.72 52.77
CA LEU E 33 14.87 19.30 52.83
C LEU E 33 16.31 19.07 53.28
N MET E 34 17.20 20.00 52.96
CA MET E 34 18.57 19.90 53.46
C MET E 34 18.64 20.04 54.98
N ALA E 35 18.05 21.14 55.46
CA ALA E 35 17.87 21.43 56.87
C ALA E 35 17.35 20.19 57.61
N ASN E 36 16.36 19.49 57.04
CA ASN E 36 15.82 18.30 57.69
C ASN E 36 16.58 17.01 57.48
N GLY E 37 17.81 17.07 56.95
CA GLY E 37 18.71 15.88 56.88
C GLY E 37 18.71 15.00 55.62
N ALA E 38 18.10 15.53 54.55
CA ALA E 38 18.04 14.85 53.26
C ALA E 38 19.45 14.58 52.80
N ASP E 39 19.64 13.36 52.33
CA ASP E 39 20.92 12.89 51.83
C ASP E 39 21.23 13.63 50.50
N VAL E 40 22.05 14.67 50.61
CA VAL E 40 22.50 15.44 49.47
C VAL E 40 23.07 14.63 48.32
N ASN E 41 23.63 13.44 48.58
CA ASN E 41 24.07 12.46 47.52
C ASN E 41 23.12 11.27 47.21
N ALA E 42 21.83 11.41 47.54
CA ALA E 42 20.76 10.50 47.14
C ALA E 42 20.73 10.37 45.63
N ALA E 43 20.69 9.13 45.14
CA ALA E 43 20.71 8.83 43.70
C ALA E 43 19.40 8.18 43.26
N ASP E 44 18.88 8.57 42.09
CA ASP E 44 17.69 7.92 41.54
C ASP E 44 18.12 6.66 40.85
N VAL E 45 17.21 6.04 40.13
CA VAL E 45 17.53 4.75 39.50
C VAL E 45 18.56 4.80 38.36
N VAL E 46 18.83 5.94 37.74
CA VAL E 46 19.89 5.95 36.73
C VAL E 46 21.21 6.45 37.32
N GLY E 47 21.24 6.62 38.66
CA GLY E 47 22.44 7.08 39.33
C GLY E 47 22.65 8.59 39.25
N TRP E 48 21.56 9.34 39.07
CA TRP E 48 21.60 10.80 39.03
C TRP E 48 21.33 11.32 40.44
N THR E 49 22.16 12.24 40.89
CA THR E 49 22.05 12.88 42.18
C THR E 49 21.36 14.18 41.97
N PRO E 50 20.91 14.83 43.05
CA PRO E 50 20.39 16.18 42.90
C PRO E 50 21.30 17.13 42.10
N LEU E 51 22.60 16.92 42.19
CA LEU E 51 23.54 17.79 41.55
C LEU E 51 23.53 17.54 40.06
N HIS E 52 23.37 16.28 39.67
CA HIS E 52 23.17 15.97 38.25
C HIS E 52 21.93 16.68 37.72
N LEU E 53 20.80 16.52 38.42
CA LEU E 53 19.53 17.05 37.95
C LEU E 53 19.58 18.55 37.85
N ALA E 54 20.01 19.20 38.92
CA ALA E 54 20.24 20.63 38.87
C ALA E 54 21.20 21.02 37.75
N ALA E 55 22.26 20.25 37.52
CA ALA E 55 23.19 20.58 36.42
C ALA E 55 22.57 20.50 35.02
N TYR E 56 21.79 19.44 34.78
CA TYR E 56 21.13 19.17 33.48
C TYR E 56 20.07 20.23 33.19
N TRP E 57 19.24 20.55 34.18
CA TRP E 57 18.14 21.52 33.99
C TRP E 57 18.56 22.99 34.25
N GLY E 58 19.85 23.24 34.43
CA GLY E 58 20.38 24.61 34.48
C GLY E 58 19.97 25.45 35.70
N HIS E 59 19.74 24.82 36.85
CA HIS E 59 19.31 25.52 38.06
C HIS E 59 20.51 25.93 38.91
N LEU E 60 21.02 27.14 38.65
CA LEU E 60 22.31 27.60 39.22
C LEU E 60 22.27 27.62 40.74
N GLU E 61 21.21 28.19 41.28
CA GLU E 61 21.11 28.41 42.73
C GLU E 61 21.06 27.09 43.49
N ILE E 62 20.39 26.10 42.91
CA ILE E 62 20.29 24.78 43.50
C ILE E 62 21.64 24.07 43.48
N VAL E 63 22.36 24.16 42.38
CA VAL E 63 23.74 23.64 42.32
C VAL E 63 24.57 24.17 43.50
N GLU E 64 24.48 25.49 43.71
CA GLU E 64 25.26 26.22 44.74
C GLU E 64 24.87 25.77 46.14
N VAL E 65 23.56 25.71 46.38
CA VAL E 65 23.04 25.24 47.66
C VAL E 65 23.52 23.79 47.97
N LEU E 66 23.51 22.90 46.97
CA LEU E 66 23.94 21.52 47.14
C LEU E 66 25.45 21.34 47.39
N LEU E 67 26.30 22.11 46.71
CA LEU E 67 27.77 21.97 46.89
C LEU E 67 28.19 22.46 48.27
N LYS E 68 27.55 23.55 48.70
CA LYS E 68 27.69 24.18 50.00
C LYS E 68 27.31 23.21 51.12
N ASN E 69 26.29 22.37 50.89
CA ASN E 69 25.95 21.23 51.78
C ASN E 69 26.61 19.90 51.45
N GLY E 70 27.86 19.94 50.93
CA GLY E 70 28.69 18.75 50.77
C GLY E 70 28.43 17.80 49.63
N ALA E 71 27.50 18.14 48.72
CA ALA E 71 27.28 17.35 47.52
C ALA E 71 28.61 16.99 46.88
N ASP E 72 28.70 15.72 46.49
CA ASP E 72 29.85 15.15 45.84
C ASP E 72 29.93 15.71 44.42
N VAL E 73 30.97 16.49 44.18
CA VAL E 73 31.11 17.18 42.94
C VAL E 73 31.41 16.24 41.76
N ASN E 74 32.09 15.12 42.01
CA ASN E 74 32.32 14.13 40.95
C ASN E 74 31.50 12.84 41.02
N ALA E 75 30.28 12.92 41.52
CA ALA E 75 29.38 11.75 41.49
C ALA E 75 29.19 11.30 40.05
N TYR E 76 29.17 10.00 39.84
CA TYR E 76 28.93 9.52 38.49
C TYR E 76 27.66 8.66 38.46
N ASP E 77 27.06 8.57 37.27
CA ASP E 77 25.80 7.87 37.09
C ASP E 77 26.16 6.48 36.65
N THR E 78 25.19 5.65 36.28
CA THR E 78 25.47 4.24 35.94
C THR E 78 26.27 4.08 34.61
N LEU E 79 26.50 5.18 33.89
CA LEU E 79 27.24 5.20 32.64
C LEU E 79 28.46 6.11 32.71
N GLY E 80 28.81 6.56 33.92
CA GLY E 80 30.08 7.22 34.14
C GLY E 80 30.07 8.71 33.95
N SER E 81 28.90 9.31 33.94
CA SER E 81 28.76 10.70 33.60
C SER E 81 28.49 11.52 34.85
N THR E 82 29.13 12.68 34.91
CA THR E 82 29.29 13.54 36.09
C THR E 82 28.48 14.81 35.88
N PRO E 83 28.16 15.53 36.94
CA PRO E 83 27.36 16.75 36.69
C PRO E 83 27.97 17.80 35.72
N LEU E 84 29.31 17.83 35.68
CA LEU E 84 30.02 18.68 34.76
C LEU E 84 29.74 18.25 33.34
N HIS E 85 29.82 16.95 33.03
CA HIS E 85 29.40 16.43 31.70
C HIS E 85 28.07 17.06 31.26
N LEU E 86 27.08 17.06 32.16
CA LEU E 86 25.73 17.51 31.84
C LEU E 86 25.66 19.02 31.65
N ALA E 87 26.29 19.77 32.54
CA ALA E 87 26.26 21.24 32.43
C ALA E 87 26.96 21.71 31.13
N ALA E 88 28.08 21.06 30.84
CA ALA E 88 28.86 21.32 29.66
C ALA E 88 28.09 21.03 28.37
N HIS E 89 27.35 19.92 28.35
CA HIS E 89 26.63 19.53 27.16
C HIS E 89 25.42 20.40 26.91
N PHE E 90 24.82 20.94 27.95
CA PHE E 90 23.58 21.70 27.80
C PHE E 90 23.81 23.21 27.93
N GLY E 91 25.06 23.62 27.72
CA GLY E 91 25.42 25.02 27.60
C GLY E 91 25.12 25.89 28.81
N HIS E 92 25.24 25.30 30.00
CA HIS E 92 25.02 26.03 31.25
C HIS E 92 26.40 26.52 31.76
N LEU E 93 26.80 27.69 31.24
CA LEU E 93 28.09 28.28 31.54
C LEU E 93 28.39 28.51 33.03
N GLU E 94 27.47 29.22 33.68
CA GLU E 94 27.67 29.64 35.05
C GLU E 94 27.75 28.41 35.97
N ILE E 95 26.97 27.36 35.68
CA ILE E 95 27.10 26.09 36.39
C ILE E 95 28.43 25.39 36.11
N VAL E 96 28.89 25.40 34.85
CA VAL E 96 30.20 24.83 34.56
C VAL E 96 31.28 25.56 35.44
N GLU E 97 31.23 26.90 35.52
CA GLU E 97 32.24 27.64 36.34
C GLU E 97 32.19 27.22 37.81
N VAL E 98 31.00 27.13 38.38
CA VAL E 98 30.80 26.73 39.77
C VAL E 98 31.27 25.28 40.05
N LEU E 99 30.96 24.35 39.16
CA LEU E 99 31.40 23.01 39.37
C LEU E 99 32.92 22.96 39.33
N LEU E 100 33.50 23.69 38.39
CA LEU E 100 34.95 23.62 38.24
C LEU E 100 35.68 24.25 39.46
N LYS E 101 35.13 25.37 40.00
CA LYS E 101 35.61 26.02 41.23
C LYS E 101 35.52 25.11 42.43
N ASN E 102 34.44 24.29 42.53
CA ASN E 102 34.31 23.38 43.66
C ASN E 102 35.04 22.05 43.50
N GLY E 103 35.94 21.94 42.54
CA GLY E 103 36.76 20.75 42.36
C GLY E 103 36.31 19.73 41.31
N ALA E 104 35.32 20.05 40.47
CA ALA E 104 34.94 19.09 39.38
C ALA E 104 36.15 18.68 38.54
N ASP E 105 36.23 17.39 38.26
CA ASP E 105 37.32 16.81 37.53
C ASP E 105 37.08 17.18 36.10
N VAL E 106 37.80 18.19 35.62
CA VAL E 106 37.67 18.69 34.24
C VAL E 106 37.92 17.62 33.16
N ASN E 107 38.76 16.64 33.47
CA ASN E 107 38.99 15.52 32.55
C ASN E 107 38.21 14.20 32.81
N ALA E 108 37.13 14.28 33.57
CA ALA E 108 36.36 13.08 33.88
C ALA E 108 35.84 12.46 32.56
N LYS E 109 36.06 11.16 32.42
CA LYS E 109 35.61 10.39 31.28
C LYS E 109 34.41 9.49 31.68
N ASP E 110 33.43 9.36 30.79
CA ASP E 110 32.32 8.46 31.04
C ASP E 110 32.66 7.09 30.48
N ASP E 111 31.74 6.15 30.56
CA ASP E 111 31.99 4.79 30.04
C ASP E 111 32.43 4.74 28.60
N ASN E 112 32.02 5.70 27.79
CA ASN E 112 32.42 5.78 26.37
C ASN E 112 33.76 6.45 26.16
N GLY E 113 34.36 6.94 27.25
CA GLY E 113 35.55 7.77 27.19
C GLY E 113 35.26 9.17 26.72
N ILE E 114 34.04 9.66 26.98
CA ILE E 114 33.68 11.00 26.58
C ILE E 114 33.92 11.98 27.73
N THR E 115 34.51 13.14 27.41
CA THR E 115 34.87 14.15 28.41
C THR E 115 33.93 15.38 28.25
N PRO E 116 33.89 16.27 29.25
CA PRO E 116 33.08 17.44 29.09
C PRO E 116 33.47 18.29 27.88
N LEU E 117 34.76 18.36 27.56
CA LEU E 117 35.22 19.07 26.37
C LEU E 117 34.61 18.47 25.08
N HIS E 118 34.63 17.14 24.94
CA HIS E 118 33.96 16.50 23.76
C HIS E 118 32.49 16.95 23.60
N LEU E 119 31.76 16.98 24.71
CA LEU E 119 30.34 17.26 24.66
C LEU E 119 30.09 18.73 24.40
N ALA E 120 30.84 19.62 25.06
CA ALA E 120 30.74 21.06 24.80
C ALA E 120 31.07 21.32 23.34
N ALA E 121 32.13 20.68 22.87
CA ALA E 121 32.63 20.84 21.50
C ALA E 121 31.61 20.37 20.46
N ASN E 122 31.03 19.20 20.70
CA ASN E 122 30.02 18.68 19.79
C ASN E 122 28.79 19.57 19.70
N ARG E 123 28.45 20.26 20.76
CA ARG E 123 27.30 21.14 20.70
C ARG E 123 27.67 22.60 20.41
N GLY E 124 28.91 22.83 20.02
CA GLY E 124 29.39 24.18 19.76
C GLY E 124 29.19 25.21 20.86
N HIS E 125 29.43 24.85 22.13
CA HIS E 125 29.34 25.81 23.24
C HIS E 125 30.72 26.42 23.50
N LEU E 126 31.05 27.46 22.73
CA LEU E 126 32.40 28.03 22.76
C LEU E 126 32.84 28.62 24.09
N GLU E 127 31.95 29.37 24.76
CA GLU E 127 32.30 30.08 26.02
C GLU E 127 32.74 29.02 27.06
N ILE E 128 32.04 27.87 27.04
CA ILE E 128 32.33 26.68 27.86
C ILE E 128 33.62 25.93 27.49
N VAL E 129 33.85 25.73 26.22
CA VAL E 129 35.13 25.14 25.78
C VAL E 129 36.35 25.93 26.34
N GLU E 130 36.21 27.26 26.40
CA GLU E 130 37.31 28.12 26.87
C GLU E 130 37.55 27.93 28.37
N VAL E 131 36.44 27.95 29.12
CA VAL E 131 36.48 27.72 30.55
C VAL E 131 37.07 26.33 30.85
N LEU E 132 36.68 25.32 30.07
CA LEU E 132 37.20 23.98 30.30
C LEU E 132 38.69 23.96 30.05
N LEU E 133 39.15 24.55 28.94
CA LEU E 133 40.60 24.64 28.67
C LEU E 133 41.37 25.47 29.73
N LYS E 134 40.78 26.60 30.15
CA LYS E 134 41.24 27.38 31.32
C LYS E 134 41.64 26.47 32.51
N TYR E 135 40.75 25.52 32.86
CA TYR E 135 40.90 24.71 34.08
C TYR E 135 41.69 23.44 33.87
N GLY E 136 42.33 23.29 32.70
CA GLY E 136 43.25 22.18 32.43
C GLY E 136 42.69 21.02 31.64
N ALA E 137 41.50 21.19 31.05
CA ALA E 137 40.98 20.20 30.09
C ALA E 137 42.04 19.76 29.07
N ASP E 138 42.19 18.45 28.95
CA ASP E 138 43.12 17.86 28.00
C ASP E 138 42.55 17.92 26.58
N VAL E 139 43.22 18.67 25.72
CA VAL E 139 42.77 18.88 24.35
C VAL E 139 42.97 17.63 23.47
N ASN E 140 43.88 16.73 23.81
CA ASN E 140 44.13 15.53 23.01
C ASN E 140 43.46 14.24 23.50
N ALA E 141 42.66 14.38 24.56
CA ALA E 141 41.86 13.28 25.08
C ALA E 141 40.97 12.67 23.97
N GLN E 142 41.14 11.35 23.79
CA GLN E 142 40.41 10.53 22.86
C GLN E 142 39.25 9.85 23.58
N ASP E 143 38.14 9.69 22.86
CA ASP E 143 37.06 8.85 23.31
C ASP E 143 37.39 7.41 22.84
N LYS E 144 36.46 6.48 23.01
CA LYS E 144 36.72 5.10 22.63
C LYS E 144 36.91 4.91 21.12
N PHE E 145 36.49 5.88 20.31
CA PHE E 145 36.67 5.82 18.85
C PHE E 145 37.92 6.53 18.33
N GLY E 146 38.68 7.22 19.17
CA GLY E 146 39.91 7.91 18.74
C GLY E 146 39.73 9.40 18.58
N LYS E 147 38.51 9.88 18.81
CA LYS E 147 38.18 11.25 18.48
C LYS E 147 38.51 12.27 19.59
N THR E 148 39.11 13.37 19.15
CA THR E 148 39.41 14.54 20.00
C THR E 148 38.35 15.57 19.70
N ALA E 149 38.21 16.55 20.60
CA ALA E 149 37.44 17.78 20.37
C ALA E 149 37.78 18.45 19.05
N PHE E 150 39.06 18.40 18.63
CA PHE E 150 39.48 18.92 17.33
C PHE E 150 38.78 18.14 16.20
N ASP E 151 38.90 16.82 16.20
CA ASP E 151 38.17 15.97 15.26
C ASP E 151 36.69 16.27 15.16
N ILE E 152 36.06 16.54 16.31
CA ILE E 152 34.66 16.88 16.38
C ILE E 152 34.42 18.20 15.66
N SER E 153 35.32 19.15 15.85
CA SER E 153 35.18 20.47 15.19
C SER E 153 35.23 20.37 13.64
N ILE E 154 36.15 19.55 13.13
CA ILE E 154 36.30 19.28 11.71
C ILE E 154 35.08 18.57 11.17
N ASN E 155 34.58 17.57 11.89
CA ASN E 155 33.43 16.81 11.41
C ASN E 155 32.11 17.64 11.37
N ASN E 156 31.90 18.50 12.38
CA ASN E 156 30.74 19.41 12.40
C ASN E 156 30.90 20.66 11.57
N GLY E 157 32.14 20.88 11.06
CA GLY E 157 32.51 21.99 10.19
C GLY E 157 32.16 23.29 10.90
N ASN E 158 32.66 23.40 12.14
CA ASN E 158 32.50 24.58 12.96
C ASN E 158 33.89 25.18 13.04
N GLU E 159 34.16 26.15 12.16
CA GLU E 159 35.49 26.79 12.05
C GLU E 159 35.85 27.61 13.27
N ASP E 160 34.86 28.26 13.88
CA ASP E 160 35.05 29.04 15.10
C ASP E 160 35.69 28.23 16.23
N LEU E 161 35.18 27.00 16.40
CA LEU E 161 35.69 26.07 17.42
C LEU E 161 37.03 25.49 17.01
N ALA E 162 37.20 25.25 15.70
CA ALA E 162 38.50 24.82 15.18
C ALA E 162 39.63 25.87 15.44
N GLU E 163 39.31 27.14 15.23
CA GLU E 163 40.21 28.27 15.53
C GLU E 163 40.75 28.19 16.94
N ILE E 164 39.84 27.99 17.90
CA ILE E 164 40.18 27.95 19.32
C ILE E 164 41.12 26.78 19.69
N LEU E 165 40.89 25.59 19.11
CA LEU E 165 41.73 24.41 19.41
C LEU E 165 42.89 24.21 18.40
N GLN E 166 43.22 25.26 17.62
CA GLN E 166 44.35 25.28 16.64
C GLN E 166 44.37 24.11 15.64
N HIS F 5 2.19 -53.94 -11.10
CA HIS F 5 2.21 -53.13 -9.83
C HIS F 5 1.75 -51.65 -10.09
N HIS F 6 2.25 -51.02 -11.16
CA HIS F 6 1.71 -49.73 -11.67
C HIS F 6 0.52 -50.03 -12.59
N HIS F 7 -0.70 -50.05 -12.05
CA HIS F 7 -1.88 -50.52 -12.79
C HIS F 7 -2.41 -49.45 -13.76
N HIS F 8 -2.80 -49.90 -14.97
CA HIS F 8 -3.11 -48.99 -16.10
C HIS F 8 -4.50 -48.32 -15.97
N HIS F 9 -4.52 -46.98 -16.05
CA HIS F 9 -5.75 -46.16 -16.03
C HIS F 9 -6.63 -46.42 -17.27
N HIS F 10 -7.63 -47.29 -17.12
CA HIS F 10 -8.83 -47.34 -17.99
C HIS F 10 -10.13 -47.12 -17.19
N GLY F 11 -10.26 -47.80 -16.04
CA GLY F 11 -11.38 -47.62 -15.10
C GLY F 11 -12.71 -47.36 -15.80
N SER F 12 -13.15 -48.31 -16.63
CA SER F 12 -14.42 -48.20 -17.34
C SER F 12 -15.59 -48.45 -16.36
N ASP F 13 -16.77 -47.88 -16.63
CA ASP F 13 -17.92 -47.87 -15.72
C ASP F 13 -17.72 -48.61 -14.37
N LEU F 14 -17.66 -49.95 -14.34
CA LEU F 14 -17.55 -50.70 -13.05
C LEU F 14 -16.26 -50.44 -12.22
N GLY F 15 -15.10 -50.40 -12.88
CA GLY F 15 -13.83 -50.00 -12.25
C GLY F 15 -13.87 -48.61 -11.58
N LYS F 16 -14.52 -47.64 -12.25
CA LYS F 16 -14.73 -46.28 -11.73
C LYS F 16 -15.64 -46.28 -10.50
N LYS F 17 -16.82 -46.87 -10.62
CA LYS F 17 -17.74 -46.96 -9.47
C LYS F 17 -17.12 -47.67 -8.28
N LEU F 18 -16.25 -48.65 -8.55
CA LEU F 18 -15.53 -49.33 -7.48
C LEU F 18 -14.62 -48.33 -6.80
N LEU F 19 -13.89 -47.54 -7.58
CA LEU F 19 -13.00 -46.51 -7.01
C LEU F 19 -13.78 -45.55 -6.12
N GLU F 20 -14.92 -45.05 -6.62
CA GLU F 20 -15.76 -44.12 -5.83
C GLU F 20 -16.28 -44.77 -4.55
N ALA F 21 -16.74 -46.02 -4.65
CA ALA F 21 -17.22 -46.78 -3.47
C ALA F 21 -16.09 -47.11 -2.49
N ALA F 22 -14.90 -47.45 -3.00
CA ALA F 22 -13.77 -47.71 -2.11
C ALA F 22 -13.42 -46.48 -1.25
N ARG F 23 -13.45 -45.31 -1.89
CA ARG F 23 -13.20 -44.02 -1.25
C ARG F 23 -14.24 -43.60 -0.23
N ALA F 24 -15.51 -43.74 -0.60
CA ALA F 24 -16.65 -43.33 0.22
C ALA F 24 -17.01 -44.30 1.36
N GLY F 25 -16.36 -45.45 1.45
CA GLY F 25 -16.68 -46.43 2.49
C GLY F 25 -18.04 -47.11 2.41
N ARG F 26 -18.59 -47.27 1.20
CA ARG F 26 -19.87 -48.01 1.01
C ARG F 26 -19.56 -49.49 0.83
N ASP F 27 -19.58 -50.25 1.93
CA ASP F 27 -19.00 -51.62 1.98
C ASP F 27 -19.84 -52.60 1.15
N ASP F 28 -21.17 -52.34 1.11
CA ASP F 28 -22.15 -53.18 0.37
C ASP F 28 -21.86 -53.12 -1.11
N GLU F 29 -21.81 -51.88 -1.60
CA GLU F 29 -21.60 -51.62 -2.98
C GLU F 29 -20.28 -52.26 -3.44
N VAL F 30 -19.24 -52.19 -2.62
CA VAL F 30 -17.96 -52.81 -2.94
C VAL F 30 -18.16 -54.31 -3.21
N ARG F 31 -18.86 -55.01 -2.30
CA ARG F 31 -19.14 -56.45 -2.43
C ARG F 31 -20.00 -56.76 -3.65
N ILE F 32 -21.12 -56.04 -3.79
CA ILE F 32 -22.01 -56.16 -4.95
C ILE F 32 -21.24 -55.99 -6.28
N LEU F 33 -20.30 -55.05 -6.29
CA LEU F 33 -19.49 -54.73 -7.48
C LEU F 33 -18.41 -55.81 -7.75
N MET F 34 -17.83 -56.32 -6.68
CA MET F 34 -16.90 -57.46 -6.75
C MET F 34 -17.57 -58.74 -7.27
N ALA F 35 -18.75 -59.04 -6.69
CA ALA F 35 -19.63 -60.12 -7.15
C ALA F 35 -19.98 -60.02 -8.65
N ASN F 36 -20.14 -58.78 -9.15
CA ASN F 36 -20.38 -58.47 -10.57
C ASN F 36 -19.14 -58.23 -11.46
N GLY F 37 -17.95 -58.59 -10.99
CA GLY F 37 -16.78 -58.72 -11.88
C GLY F 37 -15.89 -57.50 -12.07
N ALA F 38 -16.02 -56.47 -11.21
CA ALA F 38 -15.17 -55.25 -11.31
C ALA F 38 -13.69 -55.54 -11.09
N ASP F 39 -12.85 -54.98 -11.96
CA ASP F 39 -11.40 -55.04 -11.79
C ASP F 39 -11.00 -54.49 -10.39
N VAL F 40 -10.50 -55.37 -9.51
CA VAL F 40 -9.99 -54.96 -8.18
C VAL F 40 -8.80 -54.01 -8.25
N ASN F 41 -8.05 -54.10 -9.35
CA ASN F 41 -6.86 -53.32 -9.56
C ASN F 41 -7.10 -52.18 -10.56
N ALA F 42 -8.37 -51.74 -10.68
CA ALA F 42 -8.74 -50.50 -11.37
C ALA F 42 -7.94 -49.28 -10.81
N ALA F 43 -7.46 -48.41 -11.70
CA ALA F 43 -6.63 -47.29 -11.31
C ALA F 43 -7.16 -45.95 -11.84
N ASP F 44 -7.02 -44.87 -11.04
CA ASP F 44 -7.38 -43.50 -11.50
C ASP F 44 -6.18 -42.80 -12.13
N VAL F 45 -6.37 -41.55 -12.60
CA VAL F 45 -5.28 -40.78 -13.23
C VAL F 45 -4.04 -40.71 -12.38
N VAL F 46 -4.16 -40.76 -11.03
CA VAL F 46 -2.94 -40.78 -10.22
C VAL F 46 -2.35 -42.19 -9.88
N GLY F 47 -2.96 -43.26 -10.44
CA GLY F 47 -2.58 -44.66 -10.19
C GLY F 47 -3.01 -45.23 -8.83
N TRP F 48 -4.04 -44.63 -8.25
CA TRP F 48 -4.57 -45.09 -6.97
C TRP F 48 -5.61 -46.14 -7.33
N THR F 49 -5.44 -47.31 -6.73
CA THR F 49 -6.34 -48.47 -6.82
C THR F 49 -7.33 -48.33 -5.68
N PRO F 50 -8.40 -49.15 -5.67
CA PRO F 50 -9.35 -49.17 -4.53
C PRO F 50 -8.69 -49.34 -3.14
N LEU F 51 -7.65 -50.15 -3.09
CA LEU F 51 -6.92 -50.37 -1.85
C LEU F 51 -6.17 -49.08 -1.39
N HIS F 52 -5.55 -48.38 -2.34
CA HIS F 52 -5.00 -47.05 -2.07
C HIS F 52 -6.07 -46.17 -1.46
N LEU F 53 -7.24 -46.12 -2.08
CA LEU F 53 -8.30 -45.24 -1.58
C LEU F 53 -8.84 -45.67 -0.22
N ALA F 54 -9.06 -46.98 -0.05
CA ALA F 54 -9.58 -47.49 1.22
C ALA F 54 -8.57 -47.26 2.36
N ALA F 55 -7.31 -47.49 2.05
CA ALA F 55 -6.22 -47.27 2.99
C ALA F 55 -6.04 -45.79 3.42
N TYR F 56 -6.28 -44.85 2.50
CA TYR F 56 -6.13 -43.41 2.81
C TYR F 56 -7.22 -42.89 3.72
N TRP F 57 -8.46 -43.19 3.33
CA TRP F 57 -9.65 -42.75 4.05
C TRP F 57 -9.98 -43.66 5.25
N GLY F 58 -9.22 -44.75 5.43
CA GLY F 58 -9.27 -45.57 6.65
C GLY F 58 -10.50 -46.46 6.75
N HIS F 59 -10.87 -47.12 5.66
CA HIS F 59 -12.05 -47.99 5.61
C HIS F 59 -11.57 -49.42 5.74
N LEU F 60 -11.59 -49.94 6.97
CA LEU F 60 -10.95 -51.25 7.27
C LEU F 60 -11.66 -52.44 6.57
N GLU F 61 -13.01 -52.45 6.61
CA GLU F 61 -13.77 -53.58 5.99
C GLU F 61 -13.46 -53.70 4.49
N ILE F 62 -13.36 -52.53 3.82
CA ILE F 62 -13.09 -52.50 2.38
C ILE F 62 -11.68 -53.02 2.06
N VAL F 63 -10.69 -52.58 2.84
CA VAL F 63 -9.35 -53.14 2.69
C VAL F 63 -9.41 -54.69 2.74
N GLU F 64 -10.21 -55.22 3.66
CA GLU F 64 -10.32 -56.67 3.82
C GLU F 64 -11.01 -57.31 2.63
N VAL F 65 -12.19 -56.81 2.31
CA VAL F 65 -12.91 -57.30 1.13
C VAL F 65 -12.04 -57.33 -0.13
N LEU F 66 -11.29 -56.24 -0.41
CA LEU F 66 -10.46 -56.17 -1.63
C LEU F 66 -9.30 -57.16 -1.68
N LEU F 67 -8.59 -57.27 -0.56
CA LEU F 67 -7.48 -58.25 -0.44
C LEU F 67 -8.00 -59.68 -0.61
N LYS F 68 -9.15 -59.93 0.02
CA LYS F 68 -9.85 -61.20 -0.17
C LYS F 68 -10.17 -61.46 -1.65
N ASN F 69 -10.50 -60.42 -2.44
CA ASN F 69 -10.79 -60.58 -3.89
C ASN F 69 -9.59 -60.45 -4.85
N GLY F 70 -8.36 -60.62 -4.34
CA GLY F 70 -7.14 -60.56 -5.19
C GLY F 70 -6.51 -59.17 -5.43
N ALA F 71 -6.89 -58.15 -4.64
CA ALA F 71 -6.27 -56.80 -4.83
C ALA F 71 -4.80 -56.97 -4.68
N ASP F 72 -4.06 -56.28 -5.54
CA ASP F 72 -2.61 -56.17 -5.42
C ASP F 72 -2.24 -55.35 -4.18
N VAL F 73 -1.57 -56.01 -3.26
CA VAL F 73 -1.27 -55.43 -1.99
C VAL F 73 -0.12 -54.42 -2.11
N ASN F 74 0.70 -54.55 -3.15
CA ASN F 74 1.84 -53.67 -3.36
C ASN F 74 1.68 -52.82 -4.60
N ALA F 75 0.46 -52.44 -4.93
CA ALA F 75 0.21 -51.53 -6.06
C ALA F 75 0.95 -50.20 -5.83
N TYR F 76 1.62 -49.71 -6.88
CA TYR F 76 2.38 -48.46 -6.85
C TYR F 76 1.53 -47.44 -7.58
N ASP F 77 1.36 -46.24 -7.01
CA ASP F 77 0.77 -45.11 -7.75
C ASP F 77 1.85 -44.53 -8.69
N THR F 78 1.53 -43.45 -9.40
CA THR F 78 2.46 -42.83 -10.39
C THR F 78 3.73 -42.29 -9.76
N LEU F 79 3.73 -42.04 -8.47
CA LEU F 79 4.96 -41.63 -7.76
C LEU F 79 5.60 -42.70 -6.84
N GLY F 80 5.23 -43.97 -7.04
CA GLY F 80 5.88 -45.11 -6.34
C GLY F 80 5.43 -45.43 -4.93
N SER F 81 4.26 -44.97 -4.55
CA SER F 81 3.72 -45.13 -3.22
C SER F 81 2.61 -46.21 -3.20
N THR F 82 2.57 -46.93 -2.09
CA THR F 82 1.80 -48.15 -1.92
C THR F 82 0.73 -47.88 -0.91
N PRO F 83 -0.28 -48.76 -0.83
CA PRO F 83 -1.31 -48.54 0.15
C PRO F 83 -0.82 -48.51 1.58
N LEU F 84 0.28 -49.21 1.82
CA LEU F 84 0.88 -49.27 3.14
C LEU F 84 1.54 -47.93 3.52
N HIS F 85 2.27 -47.32 2.57
CA HIS F 85 2.70 -45.90 2.69
C HIS F 85 1.53 -45.05 3.21
N LEU F 86 0.36 -45.15 2.58
CA LEU F 86 -0.78 -44.36 2.96
C LEU F 86 -1.34 -44.66 4.36
N ALA F 87 -1.53 -45.94 4.70
CA ALA F 87 -2.11 -46.27 6.01
C ALA F 87 -1.11 -45.93 7.14
N ALA F 88 0.19 -46.11 6.87
CA ALA F 88 1.23 -45.73 7.87
C ALA F 88 1.27 -44.19 8.18
N HIS F 89 1.35 -43.40 7.13
CA HIS F 89 1.33 -41.94 7.23
C HIS F 89 0.09 -41.41 7.95
N PHE F 90 -1.07 -41.98 7.64
CA PHE F 90 -2.32 -41.45 8.18
C PHE F 90 -2.78 -42.10 9.48
N GLY F 91 -1.98 -43.02 10.01
CA GLY F 91 -2.15 -43.54 11.35
C GLY F 91 -3.21 -44.63 11.51
N HIS F 92 -3.46 -45.41 10.47
CA HIS F 92 -4.50 -46.43 10.46
C HIS F 92 -3.80 -47.78 10.76
N LEU F 93 -3.69 -48.04 12.05
CA LEU F 93 -2.98 -49.20 12.60
C LEU F 93 -3.62 -50.52 12.13
N GLU F 94 -4.92 -50.64 12.29
CA GLU F 94 -5.59 -51.91 11.96
C GLU F 94 -5.35 -52.27 10.49
N ILE F 95 -5.44 -51.23 9.63
CA ILE F 95 -5.17 -51.36 8.19
C ILE F 95 -3.72 -51.72 7.90
N VAL F 96 -2.79 -51.13 8.63
CA VAL F 96 -1.36 -51.50 8.51
C VAL F 96 -1.15 -53.01 8.77
N GLU F 97 -1.76 -53.51 9.86
CA GLU F 97 -1.69 -54.95 10.28
C GLU F 97 -2.28 -55.86 9.22
N VAL F 98 -3.42 -55.47 8.65
CA VAL F 98 -4.05 -56.25 7.57
C VAL F 98 -3.16 -56.28 6.33
N LEU F 99 -2.66 -55.14 5.90
CA LEU F 99 -1.83 -55.08 4.70
C LEU F 99 -0.57 -55.89 4.84
N LEU F 100 0.08 -55.77 5.99
CA LEU F 100 1.33 -56.53 6.24
C LEU F 100 1.11 -58.07 6.31
N LYS F 101 0.00 -58.46 6.92
CA LYS F 101 -0.40 -59.87 7.03
C LYS F 101 -0.57 -60.49 5.61
N ASN F 102 -1.17 -59.72 4.68
CA ASN F 102 -1.34 -60.13 3.30
C ASN F 102 -0.21 -59.87 2.37
N GLY F 103 0.97 -59.57 2.88
CA GLY F 103 2.18 -59.50 2.04
C GLY F 103 2.71 -58.13 1.63
N ALA F 104 2.14 -57.03 2.16
CA ALA F 104 2.68 -55.68 1.91
C ALA F 104 4.21 -55.63 2.06
N ASP F 105 4.90 -54.97 1.13
CA ASP F 105 6.35 -54.85 1.21
C ASP F 105 6.65 -53.77 2.24
N VAL F 106 6.98 -54.22 3.47
CA VAL F 106 7.31 -53.35 4.62
C VAL F 106 8.47 -52.36 4.35
N ASN F 107 9.37 -52.69 3.42
CA ASN F 107 10.48 -51.79 3.00
C ASN F 107 10.28 -51.11 1.61
N ALA F 108 9.04 -51.06 1.12
CA ALA F 108 8.73 -50.38 -0.16
C ALA F 108 9.24 -48.93 -0.14
N LYS F 109 9.88 -48.52 -1.22
CA LYS F 109 10.35 -47.15 -1.41
C LYS F 109 9.58 -46.48 -2.53
N ASP F 110 9.11 -45.25 -2.29
CA ASP F 110 8.51 -44.41 -3.35
C ASP F 110 9.59 -43.77 -4.20
N ASP F 111 9.22 -42.94 -5.20
CA ASP F 111 10.23 -42.39 -6.11
C ASP F 111 11.23 -41.53 -5.36
N ASN F 112 10.89 -41.12 -4.14
CA ASN F 112 11.79 -40.35 -3.31
C ASN F 112 12.66 -41.16 -2.34
N GLY F 113 12.44 -42.46 -2.29
CA GLY F 113 13.15 -43.35 -1.37
C GLY F 113 12.52 -43.36 0.01
N ILE F 114 11.28 -42.87 0.10
CA ILE F 114 10.59 -42.82 1.36
C ILE F 114 9.84 -44.16 1.54
N THR F 115 9.84 -44.62 2.79
CA THR F 115 9.35 -45.91 3.20
C THR F 115 8.24 -45.64 4.17
N PRO F 116 7.34 -46.60 4.35
CA PRO F 116 6.27 -46.45 5.35
C PRO F 116 6.71 -46.06 6.77
N LEU F 117 7.88 -46.53 7.17
CA LEU F 117 8.46 -46.22 8.45
C LEU F 117 8.84 -44.71 8.58
N HIS F 118 9.43 -44.15 7.53
CA HIS F 118 9.73 -42.71 7.48
C HIS F 118 8.47 -41.96 7.76
N LEU F 119 7.41 -42.35 7.05
CA LEU F 119 6.15 -41.66 7.14
C LEU F 119 5.47 -41.80 8.52
N ALA F 120 5.54 -43.00 9.09
CA ALA F 120 4.92 -43.23 10.38
C ALA F 120 5.75 -42.51 11.46
N ALA F 121 7.06 -42.56 11.34
CA ALA F 121 7.95 -41.78 12.18
C ALA F 121 7.66 -40.28 12.23
N ASN F 122 7.44 -39.70 11.05
CA ASN F 122 7.31 -38.26 10.91
C ASN F 122 6.02 -37.78 11.55
N ARG F 123 4.94 -38.54 11.39
CA ARG F 123 3.67 -38.19 12.00
C ARG F 123 3.55 -38.64 13.48
N GLY F 124 4.62 -39.21 14.06
CA GLY F 124 4.59 -39.71 15.41
C GLY F 124 3.52 -40.76 15.66
N HIS F 125 3.44 -41.78 14.81
CA HIS F 125 2.48 -42.89 14.96
C HIS F 125 3.32 -44.06 15.51
N LEU F 126 3.36 -44.15 16.85
CA LEU F 126 4.36 -44.97 17.56
C LEU F 126 4.08 -46.47 17.45
N GLU F 127 2.80 -46.83 17.58
CA GLU F 127 2.39 -48.24 17.44
C GLU F 127 2.66 -48.78 16.03
N ILE F 128 2.42 -47.92 15.01
CA ILE F 128 2.61 -48.33 13.61
C ILE F 128 4.08 -48.59 13.36
N VAL F 129 4.91 -47.70 13.89
CA VAL F 129 6.38 -47.91 13.92
C VAL F 129 6.76 -49.28 14.51
N GLU F 130 6.17 -49.66 15.66
CA GLU F 130 6.41 -51.02 16.24
C GLU F 130 5.98 -52.14 15.29
N VAL F 131 4.77 -52.05 14.76
CA VAL F 131 4.30 -53.10 13.88
C VAL F 131 5.23 -53.25 12.68
N LEU F 132 5.63 -52.12 12.09
CA LEU F 132 6.55 -52.13 10.96
C LEU F 132 7.88 -52.79 11.29
N LEU F 133 8.42 -52.42 12.44
CA LEU F 133 9.67 -53.01 12.96
C LEU F 133 9.57 -54.52 13.15
N LYS F 134 8.48 -54.95 13.79
CA LYS F 134 8.15 -56.37 13.95
C LYS F 134 8.10 -57.15 12.62
N TYR F 135 7.65 -56.50 11.52
CA TYR F 135 7.60 -57.18 10.22
C TYR F 135 8.90 -57.09 9.42
N GLY F 136 9.97 -56.66 10.06
CA GLY F 136 11.27 -56.59 9.42
C GLY F 136 11.63 -55.23 8.83
N ALA F 137 10.95 -54.16 9.25
CA ALA F 137 11.29 -52.82 8.72
C ALA F 137 12.77 -52.51 8.91
N ASP F 138 13.46 -52.13 7.82
CA ASP F 138 14.87 -51.72 7.86
C ASP F 138 14.98 -50.36 8.59
N VAL F 139 15.27 -50.39 9.89
CA VAL F 139 15.61 -49.19 10.70
C VAL F 139 16.55 -48.16 10.02
N ASN F 140 17.56 -48.63 9.27
CA ASN F 140 18.60 -47.78 8.67
C ASN F 140 18.37 -47.32 7.24
N ALA F 141 17.18 -47.62 6.70
CA ALA F 141 16.85 -47.27 5.34
C ALA F 141 16.83 -45.73 5.22
N GLN F 142 17.46 -45.27 4.15
CA GLN F 142 17.66 -43.86 3.83
C GLN F 142 16.75 -43.45 2.67
N ASP F 143 16.21 -42.23 2.77
CA ASP F 143 15.53 -41.58 1.64
C ASP F 143 16.60 -40.92 0.72
N LYS F 144 16.18 -40.27 -0.36
CA LYS F 144 17.13 -39.68 -1.28
C LYS F 144 17.99 -38.58 -0.65
N PHE F 145 17.55 -37.99 0.45
CA PHE F 145 18.38 -37.01 1.19
C PHE F 145 19.22 -37.67 2.30
N GLY F 146 19.37 -39.00 2.27
CA GLY F 146 20.15 -39.70 3.26
C GLY F 146 19.58 -39.80 4.68
N LYS F 147 18.30 -39.46 4.88
CA LYS F 147 17.65 -39.48 6.21
C LYS F 147 17.00 -40.83 6.59
N THR F 148 17.24 -41.22 7.85
CA THR F 148 16.62 -42.39 8.45
C THR F 148 15.43 -42.01 9.34
N ALA F 149 14.68 -43.01 9.76
CA ALA F 149 13.66 -42.79 10.76
C ALA F 149 14.21 -42.13 12.03
N PHE F 150 15.46 -42.41 12.34
CA PHE F 150 16.09 -41.88 13.53
C PHE F 150 16.37 -40.35 13.36
N ASP F 151 16.92 -39.95 12.21
CA ASP F 151 17.14 -38.51 11.96
C ASP F 151 15.82 -37.72 12.13
N ILE F 152 14.71 -38.31 11.64
CA ILE F 152 13.37 -37.74 11.79
C ILE F 152 13.00 -37.59 13.25
N SER F 153 13.27 -38.62 14.05
CA SER F 153 12.99 -38.55 15.48
C SER F 153 13.75 -37.40 16.18
N ILE F 154 15.03 -37.23 15.87
CA ILE F 154 15.84 -36.15 16.44
C ILE F 154 15.35 -34.78 15.92
N ASN F 155 15.08 -34.69 14.59
CA ASN F 155 14.68 -33.42 13.99
C ASN F 155 13.31 -32.97 14.50
N ASN F 156 12.39 -33.91 14.69
CA ASN F 156 11.10 -33.60 15.31
C ASN F 156 11.14 -33.36 16.83
N GLY F 157 12.18 -33.84 17.51
CA GLY F 157 12.27 -33.77 18.97
C GLY F 157 11.34 -34.72 19.69
N ASN F 158 11.11 -35.90 19.12
CA ASN F 158 10.18 -36.89 19.65
C ASN F 158 11.04 -37.96 20.29
N GLU F 159 11.13 -37.95 21.63
CA GLU F 159 12.07 -38.84 22.36
C GLU F 159 11.49 -40.26 22.60
N ASP F 160 10.17 -40.36 22.82
CA ASP F 160 9.51 -41.67 22.86
C ASP F 160 9.84 -42.49 21.59
N LEU F 161 9.78 -41.86 20.43
CA LEU F 161 10.21 -42.49 19.16
C LEU F 161 11.72 -42.79 19.12
N ALA F 162 12.54 -41.87 19.62
CA ALA F 162 14.00 -42.09 19.71
C ALA F 162 14.37 -43.34 20.51
N GLU F 163 13.60 -43.66 21.54
CA GLU F 163 13.80 -44.89 22.33
C GLU F 163 13.32 -46.18 21.66
N ILE F 164 12.33 -46.13 20.77
CA ILE F 164 11.98 -47.32 19.95
C ILE F 164 13.14 -47.61 18.96
N LEU F 165 13.70 -46.55 18.38
CA LEU F 165 14.76 -46.71 17.38
C LEU F 165 16.22 -46.88 17.96
N GLN F 166 16.38 -46.75 19.29
CA GLN F 166 17.62 -47.14 20.03
C GLN F 166 18.93 -46.51 19.54
#